data_3T1I
#
_entry.id   3T1I
#
_cell.length_a   134.790
_cell.length_b   135.210
_cell.length_c   135.380
_cell.angle_alpha   90.00
_cell.angle_beta   90.00
_cell.angle_gamma   90.00
#
_symmetry.space_group_name_H-M   'P 21 21 21'
#
loop_
_entity.id
_entity.type
_entity.pdbx_description
1 polymer 'Double-strand break repair protein MRE11A'
2 non-polymer 'MANGANESE (II) ION'
3 non-polymer 2,3-DIHYDROXY-1,4-DITHIOBUTANE
4 non-polymer GLYCEROL
5 water water
#
_entity_poly.entity_id   1
_entity_poly.type   'polypeptide(L)'
_entity_poly.pdbx_seq_one_letter_code
;(MSE)GSSHHHHHHSSGLVPRGSH(MSE)STADALDDENTFKILVATDIHLGF(MSE)EKDAVRGNDTFVTLDEILRLAQ
ENEVDFILLGGDLFHENKPSRKTLHTCLELLRKYC(MSE)GDRPVQFEILSDQSVNFGFSKFPWVNYQDGNLNISIPVFS
IHGNHDDPTGADALCALDILSCAGFVNHFGRS(MSE)SVEKIDISPVLLQKGSTKIALYGLGSIPDERLYR(MSE)FVNK
KVT(MSE)LRPKEDENSWFNLFVIHQNRSKHGSTNFIPEQFLDDFIDLVIWGHEHECKIAPTKNEQQLFYISQPGSSVVT
SLSPGEAVKKHVGLLRIKGRK(MSE)N(MSE)HKIPLHTVRQFF(MSE)EDIVLANHPDIFNPDNPKVTQAIQSFCLEKI
EE(MSE)LENAERERLGNSHQPEKPLVRLRVDYSGGFEPFSVLRFSQKFVDRVANPKDIIHFFRHREQKEKTGEE
;
_entity_poly.pdbx_strand_id   A,B,C,D
#
loop_
_chem_comp.id
_chem_comp.type
_chem_comp.name
_chem_comp.formula
DTT non-polymer 2,3-DIHYDROXY-1,4-DITHIOBUTANE 'C4 H10 O2 S2'
GOL non-polymer GLYCEROL 'C3 H8 O3'
MN non-polymer 'MANGANESE (II) ION' 'Mn 2'
#
# COMPACT_ATOMS: atom_id res chain seq x y z
N LEU A 27 7.01 23.19 -3.68
CA LEU A 27 8.19 23.83 -4.26
C LEU A 27 9.25 24.06 -3.17
N ASP A 28 9.00 25.04 -2.31
CA ASP A 28 9.72 25.22 -1.04
C ASP A 28 9.06 24.37 0.05
N ASP A 29 7.76 24.17 -0.08
CA ASP A 29 7.00 23.37 0.87
C ASP A 29 7.48 21.92 0.88
N GLU A 30 8.16 21.49 -0.17
CA GLU A 30 8.67 20.11 -0.20
C GLU A 30 9.91 19.94 0.67
N ASN A 31 10.35 21.02 1.29
CA ASN A 31 11.40 20.92 2.28
C ASN A 31 10.84 21.28 3.65
N THR A 32 9.53 21.34 3.78
CA THR A 32 8.94 21.73 5.05
C THR A 32 8.02 20.66 5.63
N PHE A 33 8.28 20.27 6.87
CA PHE A 33 7.40 19.35 7.58
C PHE A 33 6.17 20.11 8.08
N LYS A 34 4.99 19.65 7.72
CA LYS A 34 3.78 20.16 8.37
C LYS A 34 3.33 19.10 9.36
N ILE A 35 3.23 19.48 10.63
CA ILE A 35 2.89 18.53 11.66
C ILE A 35 1.73 18.95 12.55
N LEU A 36 0.69 18.13 12.69
CA LEU A 36 -0.37 18.43 13.66
C LEU A 36 0.02 17.92 15.01
N VAL A 37 -0.07 18.77 16.03
CA VAL A 37 0.46 18.46 17.35
C VAL A 37 -0.69 18.48 18.34
N ALA A 38 -0.82 17.39 19.12
CA ALA A 38 -1.91 17.27 20.08
C ALA A 38 -1.49 16.37 21.24
N THR A 39 -2.20 16.47 22.35
CA THR A 39 -1.84 15.65 23.47
C THR A 39 -3.02 15.52 24.42
N ASP A 40 -3.05 14.42 25.16
CA ASP A 40 -4.09 14.21 26.16
C ASP A 40 -5.48 14.36 25.60
N ILE A 41 -5.73 13.58 24.55
CA ILE A 41 -7.03 13.56 23.90
C ILE A 41 -8.05 12.84 24.79
N HIS A 42 -7.55 11.93 25.62
CA HIS A 42 -8.37 11.22 26.60
C HIS A 42 -9.63 10.49 26.06
N LEU A 43 -9.44 9.77 24.96
CA LEU A 43 -10.52 9.03 24.35
C LEU A 43 -11.28 8.14 25.33
N GLY A 44 -12.61 8.26 25.29
CA GLY A 44 -13.47 7.40 26.06
C GLY A 44 -13.72 7.95 27.46
N PHE A 45 -13.22 9.14 27.73
CA PHE A 45 -13.45 9.76 29.03
C PHE A 45 -14.92 10.01 29.25
N MSE A 46 -15.44 9.47 30.36
CA MSE A 46 -16.86 9.52 30.68
C MSE A 46 -17.70 9.02 29.52
O MSE A 46 -18.67 9.66 29.08
CB MSE A 46 -17.28 10.92 31.08
CG MSE A 46 -16.65 11.34 32.36
SE MSE A 46 -17.34 13.06 32.89
CE MSE A 46 -16.35 13.24 34.59
N GLU A 47 -17.30 7.85 29.02
CA GLU A 47 -17.90 7.28 27.84
C GLU A 47 -19.38 7.06 28.07
N LYS A 48 -19.71 6.59 29.28
CA LYS A 48 -21.05 6.13 29.62
C LYS A 48 -21.99 7.27 30.05
N ASP A 49 -21.44 8.40 30.50
CA ASP A 49 -22.27 9.53 30.88
C ASP A 49 -23.19 9.93 29.73
N ALA A 50 -24.42 10.31 30.07
CA ALA A 50 -25.45 10.59 29.07
C ALA A 50 -25.13 11.84 28.24
N VAL A 51 -24.69 12.89 28.92
CA VAL A 51 -24.41 14.17 28.29
C VAL A 51 -23.04 14.22 27.62
N ARG A 52 -21.99 13.91 28.39
CA ARG A 52 -20.60 14.11 27.98
C ARG A 52 -19.94 12.94 27.24
N GLY A 53 -20.67 11.84 27.09
CA GLY A 53 -20.04 10.61 26.67
C GLY A 53 -19.53 10.58 25.26
N ASN A 54 -19.97 11.49 24.41
CA ASN A 54 -19.48 11.51 23.04
C ASN A 54 -18.48 12.64 22.79
N ASP A 55 -18.21 13.42 23.83
CA ASP A 55 -17.26 14.54 23.77
C ASP A 55 -15.96 14.20 23.06
N THR A 56 -15.17 13.32 23.68
CA THR A 56 -13.83 13.02 23.19
C THR A 56 -13.82 12.50 21.76
N PHE A 57 -14.81 11.70 21.39
CA PHE A 57 -14.91 11.17 20.03
C PHE A 57 -15.20 12.27 18.99
N VAL A 58 -15.93 13.30 19.40
CA VAL A 58 -16.18 14.39 18.48
C VAL A 58 -14.93 15.27 18.33
N THR A 59 -14.32 15.63 19.46
CA THR A 59 -13.09 16.40 19.44
C THR A 59 -11.99 15.66 18.66
N LEU A 60 -11.87 14.34 18.85
CA LEU A 60 -10.93 13.57 18.03
C LEU A 60 -11.26 13.72 16.55
N ASP A 61 -12.54 13.74 16.21
CA ASP A 61 -12.95 13.95 14.82
C ASP A 61 -12.44 15.29 14.32
N GLU A 62 -12.52 16.32 15.16
CA GLU A 62 -12.08 17.65 14.77
C GLU A 62 -10.58 17.64 14.50
N ILE A 63 -9.83 17.14 15.48
CA ILE A 63 -8.39 17.05 15.39
C ILE A 63 -7.96 16.34 14.12
N LEU A 64 -8.47 15.14 13.88
CA LEU A 64 -8.13 14.45 12.63
C LEU A 64 -8.57 15.23 11.38
N ARG A 65 -9.73 15.86 11.44
CA ARG A 65 -10.23 16.65 10.29
C ARG A 65 -9.26 17.81 9.99
N LEU A 66 -8.83 18.50 11.04
CA LEU A 66 -7.83 19.55 10.87
C LEU A 66 -6.59 18.96 10.20
N ALA A 67 -6.12 17.84 10.73
CA ALA A 67 -4.97 17.16 10.18
C ALA A 67 -5.11 17.03 8.69
N GLN A 68 -6.30 16.59 8.27
CA GLN A 68 -6.54 16.33 6.86
C GLN A 68 -6.64 17.61 6.01
N GLU A 69 -7.44 18.59 6.48
CA GLU A 69 -7.55 19.86 5.79
C GLU A 69 -6.20 20.52 5.56
N ASN A 70 -5.39 20.62 6.60
CA ASN A 70 -4.06 21.18 6.46
C ASN A 70 -3.06 20.27 5.77
N GLU A 71 -3.54 19.22 5.11
CA GLU A 71 -2.67 18.26 4.43
C GLU A 71 -1.31 18.06 5.13
N VAL A 72 -1.42 17.84 6.44
CA VAL A 72 -0.29 17.63 7.33
C VAL A 72 0.56 16.41 6.95
N ASP A 73 1.85 16.46 7.25
CA ASP A 73 2.74 15.35 6.93
C ASP A 73 2.52 14.16 7.85
N PHE A 74 2.33 14.45 9.14
CA PHE A 74 2.00 13.44 10.12
C PHE A 74 1.48 14.07 11.41
N ILE A 75 0.77 13.30 12.23
CA ILE A 75 0.26 13.79 13.50
C ILE A 75 1.23 13.38 14.60
N LEU A 76 1.37 14.21 15.63
CA LEU A 76 2.32 13.97 16.69
C LEU A 76 1.64 14.26 18.01
N LEU A 77 1.48 13.20 18.82
CA LEU A 77 0.69 13.22 20.05
C LEU A 77 1.62 13.07 21.25
N GLY A 78 1.30 13.75 22.36
CA GLY A 78 2.16 13.69 23.53
C GLY A 78 1.69 12.83 24.71
N GLY A 79 0.80 11.88 24.46
CA GLY A 79 0.36 10.98 25.50
C GLY A 79 -1.11 11.02 25.77
N ASP A 80 -1.56 10.07 26.61
CA ASP A 80 -2.94 9.92 27.08
C ASP A 80 -4.00 9.95 25.99
N LEU A 81 -3.72 9.28 24.89
CA LEU A 81 -4.65 9.20 23.77
C LEU A 81 -5.92 8.59 24.26
N PHE A 82 -5.79 7.51 25.04
CA PHE A 82 -6.93 6.82 25.63
C PHE A 82 -7.04 7.15 27.10
N HIS A 83 -8.27 7.34 27.56
CA HIS A 83 -8.46 7.65 28.97
C HIS A 83 -8.15 6.47 29.88
N GLU A 84 -8.39 5.26 29.36
CA GLU A 84 -8.18 4.04 30.12
C GLU A 84 -7.12 3.19 29.44
N ASN A 85 -6.25 2.53 30.20
CA ASN A 85 -5.23 1.67 29.59
C ASN A 85 -5.79 0.38 28.97
N LYS A 86 -7.03 0.04 29.29
CA LYS A 86 -7.72 -1.04 28.59
C LYS A 86 -9.01 -0.43 28.06
N PRO A 87 -8.92 0.24 26.91
CA PRO A 87 -10.06 0.89 26.25
C PRO A 87 -11.21 -0.07 26.01
N SER A 88 -12.43 0.41 26.23
CA SER A 88 -13.64 -0.30 25.85
C SER A 88 -13.69 -0.63 24.35
N ARG A 89 -14.32 -1.74 23.97
CA ARG A 89 -14.51 -2.05 22.56
C ARG A 89 -15.01 -0.81 21.83
N LYS A 90 -15.95 -0.10 22.44
CA LYS A 90 -16.58 1.05 21.78
C LYS A 90 -15.54 2.13 21.51
N THR A 91 -14.84 2.55 22.56
CA THR A 91 -13.76 3.50 22.40
C THR A 91 -12.84 3.07 21.26
N LEU A 92 -12.23 1.92 21.41
CA LEU A 92 -11.25 1.44 20.45
C LEU A 92 -11.76 1.33 19.03
N HIS A 93 -13.05 1.05 18.85
CA HIS A 93 -13.62 0.92 17.51
C HIS A 93 -13.93 2.28 16.92
N THR A 94 -14.50 3.16 17.72
CA THR A 94 -14.75 4.50 17.26
C THR A 94 -13.43 5.11 16.79
N CYS A 95 -12.41 4.97 17.62
CA CYS A 95 -11.10 5.49 17.30
C CYS A 95 -10.59 4.96 15.95
N LEU A 96 -10.49 3.64 15.83
CA LEU A 96 -10.10 3.04 14.56
C LEU A 96 -10.92 3.52 13.36
N GLU A 97 -12.22 3.74 13.57
CA GLU A 97 -13.08 4.20 12.49
C GLU A 97 -12.61 5.57 12.04
N LEU A 98 -12.46 6.47 13.01
CA LEU A 98 -11.95 7.82 12.74
C LEU A 98 -10.59 7.82 12.06
N LEU A 99 -9.60 7.11 12.61
CA LEU A 99 -8.31 7.03 11.94
C LEU A 99 -8.49 6.50 10.53
N ARG A 100 -9.28 5.43 10.37
CA ARG A 100 -9.53 4.89 9.03
C ARG A 100 -10.03 6.01 8.09
N LYS A 101 -10.93 6.85 8.60
CA LYS A 101 -11.58 7.87 7.80
C LYS A 101 -10.65 8.98 7.35
N TYR A 102 -9.90 9.57 8.27
CA TYR A 102 -9.11 10.74 7.99
C TYR A 102 -7.65 10.49 7.67
N CYS A 103 -7.12 9.33 8.04
CA CYS A 103 -5.68 9.09 7.84
C CYS A 103 -5.31 8.35 6.57
N MSE A 104 -6.32 7.88 5.84
CA MSE A 104 -6.10 7.23 4.54
C MSE A 104 -6.52 8.15 3.41
O MSE A 104 -7.39 9.01 3.59
CB MSE A 104 -6.89 5.95 4.44
CG MSE A 104 -6.96 5.20 5.73
SE MSE A 104 -7.17 3.30 5.42
CE MSE A 104 -5.36 2.89 4.74
N GLY A 105 -5.90 7.97 2.26
CA GLY A 105 -6.23 8.79 1.12
C GLY A 105 -5.27 8.62 -0.05
N ASP A 106 -5.45 9.48 -1.04
CA ASP A 106 -4.76 9.37 -2.31
C ASP A 106 -3.31 9.75 -2.14
N ARG A 107 -3.06 10.84 -1.44
CA ARG A 107 -1.70 11.39 -1.39
C ARG A 107 -0.76 10.49 -0.64
N PRO A 108 0.42 10.26 -1.21
CA PRO A 108 1.47 9.43 -0.62
C PRO A 108 2.15 10.16 0.50
N VAL A 109 2.68 9.40 1.45
CA VAL A 109 3.50 9.99 2.50
C VAL A 109 4.73 10.60 1.86
N GLN A 110 5.05 11.84 2.23
CA GLN A 110 6.07 12.58 1.50
C GLN A 110 7.42 12.61 2.20
N PHE A 111 7.52 11.98 3.37
CA PHE A 111 8.77 11.95 4.10
C PHE A 111 9.18 10.53 4.33
N GLU A 112 10.40 10.32 4.80
CA GLU A 112 10.82 8.95 5.06
C GLU A 112 11.50 8.77 6.41
N ILE A 113 11.40 7.55 6.94
CA ILE A 113 12.04 7.18 8.20
C ILE A 113 13.41 6.58 7.92
N LEU A 114 14.46 7.23 8.41
CA LEU A 114 15.81 6.73 8.15
C LEU A 114 16.19 5.73 9.22
N SER A 115 15.45 5.73 10.30
CA SER A 115 15.62 4.76 11.38
C SER A 115 15.16 3.35 10.97
N ASP A 116 15.07 2.47 11.98
CA ASP A 116 14.63 1.08 11.81
C ASP A 116 13.11 0.90 11.96
N GLN A 117 12.65 -0.32 11.66
CA GLN A 117 11.24 -0.72 11.75
C GLN A 117 10.29 0.45 11.44
N LEU A 136 -5.83 0.78 -0.44
CA LEU A 136 -5.81 1.45 0.85
C LEU A 136 -4.44 2.07 1.18
N ASN A 137 -4.35 3.39 1.12
CA ASN A 137 -3.10 4.10 1.39
C ASN A 137 -3.14 4.87 2.71
N ILE A 138 -2.02 4.89 3.44
CA ILE A 138 -1.91 5.76 4.60
C ILE A 138 -1.29 7.09 4.19
N SER A 139 -2.03 8.17 4.39
CA SER A 139 -1.54 9.47 3.98
C SER A 139 -1.13 10.36 5.16
N ILE A 140 -1.59 10.02 6.35
CA ILE A 140 -1.24 10.77 7.55
C ILE A 140 -0.83 9.85 8.70
N PRO A 141 0.46 9.53 8.80
CA PRO A 141 0.93 8.73 9.94
C PRO A 141 0.73 9.45 11.28
N VAL A 142 0.61 8.66 12.36
CA VAL A 142 0.48 9.23 13.68
C VAL A 142 1.62 8.74 14.55
N PHE A 143 2.45 9.66 15.05
CA PHE A 143 3.51 9.31 15.98
C PHE A 143 3.08 9.65 17.39
N SER A 144 3.11 8.67 18.29
CA SER A 144 2.69 8.95 19.65
C SER A 144 3.54 8.30 20.74
N ILE A 145 3.47 8.89 21.93
CA ILE A 145 4.07 8.28 23.10
C ILE A 145 2.94 7.88 24.01
N HIS A 146 3.22 7.06 25.04
CA HIS A 146 2.18 6.66 25.98
C HIS A 146 2.20 7.62 27.16
N GLY A 147 1.02 7.92 27.70
CA GLY A 147 0.93 8.70 28.92
C GLY A 147 0.93 7.80 30.14
N ASN A 148 0.47 8.32 31.28
CA ASN A 148 0.26 7.61 32.55
C ASN A 148 -1.11 6.88 32.47
N HIS A 149 -2.06 7.39 31.69
CA HIS A 149 -3.34 6.69 31.45
C HIS A 149 -3.27 5.55 30.42
N ASP A 150 -2.88 5.86 29.19
CA ASP A 150 -2.71 4.81 28.18
C ASP A 150 -1.35 4.09 28.33
N ASP A 151 -0.93 3.83 29.56
CA ASP A 151 0.37 3.17 29.79
C ASP A 151 0.33 1.66 29.59
N PRO A 152 1.52 1.01 29.60
CA PRO A 152 1.59 -0.43 29.30
C PRO A 152 0.90 -1.26 30.36
N THR A 153 0.31 -2.39 29.97
CA THR A 153 -0.47 -3.20 30.89
C THR A 153 -0.73 -4.58 30.29
N GLY A 154 -1.34 -5.49 31.06
CA GLY A 154 -1.65 -6.82 30.58
C GLY A 154 -0.59 -7.94 30.62
N ALA A 155 -0.98 -9.10 30.13
CA ALA A 155 -0.04 -10.21 30.14
C ALA A 155 1.17 -9.90 29.27
N ASP A 156 0.96 -9.22 28.15
CA ASP A 156 2.08 -8.86 27.24
C ASP A 156 2.68 -7.49 27.49
N ALA A 157 2.12 -6.76 28.44
CA ALA A 157 2.67 -5.48 28.85
C ALA A 157 2.68 -4.47 27.67
N LEU A 158 1.66 -4.57 26.82
CA LEU A 158 1.47 -3.65 25.71
C LEU A 158 0.67 -2.41 26.12
N CYS A 159 0.38 -1.54 25.14
CA CYS A 159 -0.28 -0.26 25.40
C CYS A 159 -1.39 -0.16 24.42
N ALA A 160 -2.43 0.58 24.75
CA ALA A 160 -3.45 0.79 23.75
C ALA A 160 -2.82 1.15 22.39
N LEU A 161 -1.90 2.14 22.36
CA LEU A 161 -1.26 2.52 21.07
C LEU A 161 -0.81 1.32 20.24
N ASP A 162 -0.27 0.30 20.91
CA ASP A 162 0.21 -0.89 20.24
C ASP A 162 -0.88 -1.61 19.47
N ILE A 163 -2.12 -1.46 19.91
CA ILE A 163 -3.25 -2.02 19.17
C ILE A 163 -3.38 -1.20 17.91
N LEU A 164 -3.54 0.11 18.09
CA LEU A 164 -3.54 1.05 16.97
C LEU A 164 -2.38 0.79 16.01
N SER A 165 -1.19 0.72 16.56
CA SER A 165 -0.01 0.40 15.76
C SER A 165 -0.25 -0.84 14.91
N CYS A 166 -0.87 -1.85 15.51
CA CYS A 166 -1.12 -3.12 14.84
C CYS A 166 -2.07 -2.94 13.65
N ALA A 167 -3.09 -2.12 13.83
CA ALA A 167 -4.07 -1.84 12.79
C ALA A 167 -3.45 -1.07 11.63
N GLY A 168 -2.28 -0.47 11.89
CA GLY A 168 -1.52 0.26 10.87
C GLY A 168 -1.53 1.78 10.97
N PHE A 169 -2.20 2.31 11.98
CA PHE A 169 -2.41 3.75 12.03
C PHE A 169 -1.43 4.51 12.89
N VAL A 170 -0.74 3.84 13.81
CA VAL A 170 0.12 4.58 14.74
C VAL A 170 1.52 4.05 14.88
N ASN A 171 2.44 4.96 15.15
CA ASN A 171 3.84 4.62 15.40
C ASN A 171 4.15 4.96 16.82
N HIS A 172 4.16 3.95 17.66
CA HIS A 172 4.44 4.17 19.05
C HIS A 172 5.93 4.32 19.16
N PHE A 173 6.38 5.43 19.71
CA PHE A 173 7.83 5.63 19.91
C PHE A 173 8.03 6.18 21.31
N GLY A 174 9.25 6.07 21.82
CA GLY A 174 9.59 6.79 23.04
C GLY A 174 9.60 5.94 24.28
N ARG A 175 9.03 4.74 24.17
CA ARG A 175 8.94 3.80 25.30
C ARG A 175 10.27 3.24 25.76
N SER A 176 10.59 3.52 27.01
CA SER A 176 11.89 3.12 27.56
C SER A 176 11.80 1.75 28.17
N MSE A 177 12.90 1.02 28.14
CA MSE A 177 12.91 -0.32 28.70
C MSE A 177 13.66 -0.33 30.01
O MSE A 177 13.14 -0.73 31.05
CB MSE A 177 13.55 -1.32 27.75
CG MSE A 177 12.60 -1.98 26.83
SE MSE A 177 13.48 -2.44 25.17
CE MSE A 177 13.86 -0.63 24.47
N SER A 178 14.90 0.14 29.95
CA SER A 178 15.81 -0.12 31.05
C SER A 178 15.35 0.38 32.41
N VAL A 179 15.94 -0.27 33.39
CA VAL A 179 15.57 -0.18 34.78
C VAL A 179 16.55 0.73 35.45
N GLU A 180 17.82 0.47 35.15
CA GLU A 180 18.94 1.19 35.77
C GLU A 180 19.18 2.55 35.10
N LYS A 181 19.25 2.58 33.77
CA LYS A 181 19.56 3.80 33.03
C LYS A 181 18.58 3.99 31.87
N ILE A 182 18.27 5.22 31.53
CA ILE A 182 17.42 5.48 30.36
C ILE A 182 18.23 6.04 29.21
N ASP A 183 18.34 5.27 28.13
CA ASP A 183 18.97 5.78 26.92
C ASP A 183 17.89 6.06 25.92
N ILE A 184 17.74 7.32 25.54
CA ILE A 184 16.74 7.70 24.55
C ILE A 184 17.33 7.81 23.15
N SER A 185 16.79 7.03 22.22
CA SER A 185 17.21 7.11 20.82
C SER A 185 16.17 7.80 19.95
N PRO A 186 16.64 8.50 18.93
CA PRO A 186 15.74 9.31 18.13
C PRO A 186 15.20 8.51 16.97
N VAL A 187 13.90 8.63 16.68
CA VAL A 187 13.41 8.31 15.36
C VAL A 187 13.95 9.37 14.39
N LEU A 188 14.51 8.95 13.26
CA LEU A 188 15.08 9.89 12.30
C LEU A 188 14.16 10.06 11.10
N LEU A 189 13.55 11.24 11.01
CA LEU A 189 12.75 11.56 9.85
C LEU A 189 13.52 12.50 8.92
N GLN A 190 13.15 12.46 7.64
CA GLN A 190 13.77 13.32 6.64
C GLN A 190 12.76 13.64 5.55
N LYS A 191 12.60 14.92 5.25
CA LYS A 191 11.72 15.37 4.18
C LYS A 191 12.50 16.36 3.33
N GLY A 192 12.59 16.07 2.04
CA GLY A 192 13.52 16.77 1.19
C GLY A 192 14.87 16.90 1.88
N SER A 193 15.30 18.13 2.07
CA SER A 193 16.61 18.40 2.65
C SER A 193 16.56 18.55 4.17
N THR A 194 15.37 18.59 4.76
CA THR A 194 15.32 18.87 6.19
C THR A 194 15.11 17.62 7.05
N LYS A 195 15.83 17.59 8.18
CA LYS A 195 15.95 16.35 8.95
C LYS A 195 15.57 16.49 10.43
N ILE A 196 14.55 15.76 10.85
CA ILE A 196 14.11 15.80 12.24
C ILE A 196 14.62 14.59 12.99
N ALA A 197 15.18 14.83 14.17
CA ALA A 197 15.58 13.73 15.06
C ALA A 197 14.58 13.76 16.19
N LEU A 198 13.61 12.85 16.14
CA LEU A 198 12.44 12.88 17.00
C LEU A 198 12.63 12.02 18.23
N TYR A 199 12.76 12.65 19.38
CA TYR A 199 13.02 11.95 20.64
C TYR A 199 11.74 11.84 21.47
N GLY A 200 11.55 10.69 22.10
CA GLY A 200 10.36 10.45 22.87
C GLY A 200 10.66 9.86 24.22
N LEU A 201 9.78 10.12 25.18
CA LEU A 201 9.83 9.42 26.48
C LEU A 201 8.44 9.10 26.97
N GLY A 202 8.05 7.84 26.85
CA GLY A 202 6.71 7.44 27.27
C GLY A 202 6.66 7.67 28.76
N SER A 203 5.47 7.95 29.30
CA SER A 203 5.36 8.36 30.70
C SER A 203 6.05 7.46 31.73
N ILE A 204 6.75 8.10 32.66
CA ILE A 204 7.42 7.41 33.73
C ILE A 204 7.02 8.09 35.02
N PRO A 205 6.89 7.32 36.10
CA PRO A 205 6.52 7.94 37.38
C PRO A 205 7.56 8.97 37.74
N ASP A 206 7.13 10.21 37.97
CA ASP A 206 8.05 11.34 38.13
C ASP A 206 9.17 11.11 39.17
N GLU A 207 8.82 10.60 40.34
CA GLU A 207 9.85 10.34 41.34
C GLU A 207 11.06 9.62 40.73
N ARG A 208 10.81 8.51 40.02
CA ARG A 208 11.87 7.70 39.41
C ARG A 208 12.71 8.55 38.44
N LEU A 209 12.02 9.29 37.56
CA LEU A 209 12.68 10.01 36.48
C LEU A 209 13.57 11.12 37.03
N TYR A 210 13.05 11.85 38.01
CA TYR A 210 13.87 12.81 38.73
C TYR A 210 15.16 12.17 39.25
N ARG A 211 15.03 11.09 40.01
CA ARG A 211 16.18 10.38 40.54
C ARG A 211 17.15 10.05 39.42
N MSE A 212 16.63 9.55 38.30
CA MSE A 212 17.46 9.15 37.16
C MSE A 212 18.27 10.31 36.58
O MSE A 212 19.43 10.15 36.18
CB MSE A 212 16.58 8.60 36.05
CG MSE A 212 15.65 7.49 36.43
SE MSE A 212 16.32 5.87 35.66
CE MSE A 212 17.98 5.77 36.70
N PHE A 213 17.63 11.47 36.51
CA PHE A 213 18.27 12.66 35.99
C PHE A 213 19.38 13.08 36.93
N VAL A 214 19.05 13.16 38.21
CA VAL A 214 20.04 13.53 39.23
C VAL A 214 21.27 12.62 39.20
N ASN A 215 21.06 11.32 39.10
CA ASN A 215 22.16 10.37 39.06
C ASN A 215 22.84 10.26 37.70
N LYS A 216 22.57 11.21 36.81
CA LYS A 216 23.18 11.20 35.48
C LYS A 216 23.00 9.86 34.73
N LYS A 217 21.77 9.37 34.70
CA LYS A 217 21.50 8.07 34.06
C LYS A 217 20.62 8.23 32.83
N VAL A 218 20.01 9.40 32.68
CA VAL A 218 19.23 9.71 31.48
C VAL A 218 20.14 10.33 30.44
N THR A 219 20.37 9.63 29.35
CA THR A 219 21.27 10.13 28.33
C THR A 219 20.62 10.04 26.93
N MSE A 220 20.81 11.07 26.12
CA MSE A 220 20.19 11.12 24.79
C MSE A 220 21.19 10.92 23.68
O MSE A 220 22.04 11.76 23.46
CB MSE A 220 19.51 12.44 24.59
CG MSE A 220 18.77 12.86 25.80
SE MSE A 220 17.05 13.60 25.40
CE MSE A 220 16.99 14.70 27.03
N LEU A 221 21.08 9.78 23.00
CA LEU A 221 21.98 9.46 21.90
C LEU A 221 21.75 10.43 20.76
N ARG A 222 22.83 11.02 20.27
CA ARG A 222 22.70 11.90 19.13
C ARG A 222 23.02 11.07 17.88
N PRO A 223 22.37 11.38 16.74
CA PRO A 223 22.59 10.58 15.54
C PRO A 223 24.06 10.37 15.20
N LYS A 224 24.33 9.30 14.45
CA LYS A 224 25.69 8.98 14.05
C LYS A 224 26.16 9.99 13.01
N GLU A 225 25.35 10.16 11.96
CA GLU A 225 25.72 10.96 10.80
C GLU A 225 25.36 12.43 10.89
N ASP A 226 26.35 13.29 11.19
CA ASP A 226 26.16 14.73 11.11
C ASP A 226 25.23 15.23 12.22
N GLU A 227 25.65 15.09 13.48
CA GLU A 227 24.86 15.57 14.62
C GLU A 227 24.11 16.88 14.34
N ASN A 228 24.78 17.82 13.69
CA ASN A 228 24.27 19.17 13.61
C ASN A 228 23.26 19.40 12.51
N SER A 229 23.05 18.39 11.67
CA SER A 229 22.14 18.58 10.53
C SER A 229 20.68 18.46 10.95
N TRP A 230 20.44 18.07 12.19
CA TRP A 230 19.10 17.70 12.60
C TRP A 230 18.41 18.74 13.44
N PHE A 231 17.12 18.88 13.20
CA PHE A 231 16.24 19.56 14.12
C PHE A 231 15.88 18.60 15.26
N ASN A 232 16.16 19.00 16.49
CA ASN A 232 15.98 18.12 17.65
C ASN A 232 14.67 18.30 18.44
N LEU A 233 13.75 17.39 18.21
CA LEU A 233 12.40 17.45 18.72
C LEU A 233 12.19 16.44 19.85
N PHE A 234 11.64 16.87 20.98
CA PHE A 234 11.51 15.99 22.13
C PHE A 234 10.08 15.99 22.70
N VAL A 235 9.41 14.83 22.65
CA VAL A 235 8.08 14.70 23.25
C VAL A 235 8.09 13.99 24.61
N ILE A 236 7.59 14.66 25.65
CA ILE A 236 7.53 14.04 26.97
C ILE A 236 6.22 14.22 27.68
N HIS A 237 5.95 13.35 28.65
CA HIS A 237 4.66 13.28 29.30
C HIS A 237 4.98 13.17 30.77
N GLN A 238 5.07 14.31 31.46
CA GLN A 238 5.55 14.38 32.83
C GLN A 238 4.98 15.60 33.54
N ASN A 239 5.21 15.70 34.84
CA ASN A 239 4.78 16.88 35.59
C ASN A 239 5.73 18.02 35.36
N ARG A 240 5.18 19.19 35.03
CA ARG A 240 6.00 20.37 34.76
C ARG A 240 6.01 21.35 35.94
N SER A 241 4.88 21.42 36.66
CA SER A 241 4.70 22.33 37.79
C SER A 241 5.32 21.73 39.05
N LYS A 242 5.10 22.34 40.22
CA LYS A 242 5.60 21.77 41.48
C LYS A 242 4.52 20.97 42.22
N HIS A 243 4.87 19.74 42.62
CA HIS A 243 3.95 18.88 43.38
C HIS A 243 4.55 18.38 44.69
N GLY A 244 5.61 17.59 44.59
CA GLY A 244 6.37 17.18 45.75
C GLY A 244 7.72 17.87 45.72
N SER A 245 8.71 17.28 46.38
CA SER A 245 10.09 17.76 46.25
C SER A 245 10.62 17.32 44.88
N THR A 246 10.37 16.05 44.56
CA THR A 246 10.81 15.45 43.30
C THR A 246 9.65 15.05 42.39
N ASN A 247 8.42 15.49 42.70
CA ASN A 247 7.26 15.10 41.92
C ASN A 247 7.09 15.81 40.58
N PHE A 248 8.14 16.48 40.12
CA PHE A 248 8.12 17.10 38.80
C PHE A 248 9.47 17.00 38.13
N ILE A 249 9.55 17.52 36.92
CA ILE A 249 10.81 17.53 36.23
C ILE A 249 11.17 18.94 35.79
N PRO A 250 12.27 19.46 36.33
CA PRO A 250 12.66 20.83 36.03
C PRO A 250 13.08 20.94 34.57
N GLU A 251 12.59 21.95 33.87
CA GLU A 251 12.97 22.16 32.48
C GLU A 251 14.49 22.09 32.30
N GLN A 252 15.26 22.64 33.23
CA GLN A 252 16.73 22.59 33.18
C GLN A 252 17.34 21.22 32.99
N PHE A 253 16.63 20.16 33.42
CA PHE A 253 17.18 18.81 33.39
C PHE A 253 17.38 18.29 31.96
N LEU A 254 16.56 18.78 31.05
CA LEU A 254 16.61 18.35 29.66
C LEU A 254 17.84 18.88 28.89
N ASP A 255 18.54 17.98 28.20
CA ASP A 255 19.67 18.35 27.33
C ASP A 255 19.42 19.65 26.56
N ASP A 256 20.35 20.59 26.64
CA ASP A 256 20.16 21.87 25.97
C ASP A 256 20.28 21.82 24.46
N PHE A 257 20.74 20.69 23.91
CA PHE A 257 20.81 20.57 22.46
C PHE A 257 19.45 20.43 21.81
N ILE A 258 18.42 20.19 22.61
CA ILE A 258 17.08 19.96 22.09
C ILE A 258 16.54 21.28 21.56
N ASP A 259 15.84 21.22 20.44
CA ASP A 259 15.33 22.46 19.86
C ASP A 259 13.92 22.79 20.34
N LEU A 260 12.97 21.92 20.07
CA LEU A 260 11.59 22.07 20.55
C LEU A 260 11.22 20.94 21.47
N VAL A 261 10.60 21.25 22.60
CA VAL A 261 10.03 20.23 23.52
C VAL A 261 8.49 20.25 23.52
N ILE A 262 7.84 19.19 23.04
CA ILE A 262 6.38 19.07 23.23
C ILE A 262 6.11 18.45 24.59
N TRP A 263 5.59 19.25 25.51
CA TRP A 263 5.32 18.80 26.89
C TRP A 263 3.85 18.44 27.03
N GLY A 264 3.58 17.17 27.32
CA GLY A 264 2.27 16.63 27.08
C GLY A 264 1.45 16.17 28.26
N HIS A 265 1.99 16.19 29.45
CA HIS A 265 1.21 15.59 30.50
C HIS A 265 0.25 16.61 31.05
N GLU A 266 0.68 17.87 31.03
CA GLU A 266 -0.09 18.95 31.60
C GLU A 266 -1.24 19.29 30.70
N HIS A 267 -2.43 19.41 31.30
CA HIS A 267 -3.66 19.61 30.54
C HIS A 267 -3.93 21.06 30.16
N GLU A 268 -3.37 22.01 30.92
CA GLU A 268 -3.57 23.43 30.59
C GLU A 268 -2.92 23.89 29.28
N CYS A 269 -3.71 24.50 28.39
CA CYS A 269 -3.16 24.93 27.10
C CYS A 269 -2.14 26.05 27.16
N LYS A 270 -0.93 25.74 26.72
CA LYS A 270 0.16 26.70 26.64
C LYS A 270 0.92 26.39 25.33
N ILE A 271 0.14 26.25 24.28
CA ILE A 271 0.63 25.64 23.06
C ILE A 271 1.59 26.51 22.29
N ALA A 272 1.55 27.80 22.56
CA ALA A 272 2.44 28.73 21.86
C ALA A 272 3.82 28.61 22.46
N PRO A 273 4.79 28.18 21.64
CA PRO A 273 6.16 27.89 22.07
C PRO A 273 6.74 29.03 22.86
N THR A 274 7.37 28.77 23.98
CA THR A 274 8.05 29.84 24.71
C THR A 274 9.46 29.43 25.11
N LYS A 275 10.40 30.35 25.00
CA LYS A 275 11.80 30.01 25.20
C LYS A 275 12.07 29.77 26.69
N ASN A 276 12.89 28.78 26.99
CA ASN A 276 13.38 28.54 28.35
C ASN A 276 14.67 29.31 28.52
N GLU A 277 14.72 30.18 29.52
CA GLU A 277 15.83 31.12 29.64
C GLU A 277 17.20 30.50 29.92
N GLN A 278 17.24 29.39 30.66
CA GLN A 278 18.52 28.75 30.88
C GLN A 278 18.94 27.82 29.72
N GLN A 279 18.02 27.05 29.18
CA GLN A 279 18.41 26.07 28.19
C GLN A 279 18.30 26.61 26.76
N LEU A 280 17.37 27.53 26.55
CA LEU A 280 17.15 28.22 25.26
C LEU A 280 16.29 27.49 24.23
N PHE A 281 15.90 26.25 24.51
CA PHE A 281 14.95 25.57 23.63
C PHE A 281 13.55 26.14 23.85
N TYR A 282 12.63 25.92 22.90
CA TYR A 282 11.24 26.28 23.14
C TYR A 282 10.47 25.10 23.76
N ILE A 283 9.54 25.44 24.65
CA ILE A 283 8.65 24.44 25.18
C ILE A 283 7.24 24.75 24.75
N SER A 284 6.62 23.81 24.06
CA SER A 284 5.20 23.93 23.76
C SER A 284 4.41 22.90 24.58
N GLN A 285 3.38 23.38 25.26
CA GLN A 285 2.55 22.52 26.10
C GLN A 285 1.14 22.61 25.57
N PRO A 286 0.82 21.79 24.56
CA PRO A 286 -0.54 21.84 24.02
C PRO A 286 -1.49 21.45 25.13
N GLY A 287 -2.72 21.91 25.07
CA GLY A 287 -3.63 21.53 26.13
C GLY A 287 -3.96 20.04 26.09
N SER A 288 -4.98 19.64 26.82
CA SER A 288 -5.68 18.42 26.49
C SER A 288 -6.83 18.86 25.60
N SER A 289 -7.58 17.93 25.01
CA SER A 289 -8.76 18.27 24.22
C SER A 289 -10.10 17.95 24.90
N VAL A 290 -10.03 17.73 26.21
CA VAL A 290 -11.20 17.58 27.07
C VAL A 290 -10.82 18.05 28.45
N VAL A 291 -11.80 18.57 29.19
CA VAL A 291 -11.57 18.92 30.57
C VAL A 291 -11.84 17.70 31.47
N THR A 292 -10.82 17.22 32.16
CA THR A 292 -10.97 16.03 33.01
C THR A 292 -10.89 16.38 34.50
N SER A 293 -10.92 17.66 34.81
CA SER A 293 -10.75 18.14 36.17
C SER A 293 -11.02 19.64 36.15
N LEU A 294 -11.86 20.11 37.06
CA LEU A 294 -12.26 21.51 37.02
C LEU A 294 -11.26 22.39 37.76
N SER A 295 -10.21 22.77 37.04
CA SER A 295 -9.09 23.54 37.60
C SER A 295 -8.91 24.82 36.80
N PRO A 296 -8.22 25.79 37.40
CA PRO A 296 -8.02 27.05 36.67
C PRO A 296 -7.43 26.76 35.29
N GLY A 297 -6.36 25.96 35.26
CA GLY A 297 -5.66 25.64 34.04
C GLY A 297 -6.54 25.06 32.95
N GLU A 298 -7.43 24.18 33.36
CA GLU A 298 -8.23 23.45 32.39
C GLU A 298 -9.28 24.40 31.78
N ALA A 299 -9.42 25.58 32.35
CA ALA A 299 -10.41 26.52 31.84
C ALA A 299 -9.89 27.29 30.63
N VAL A 300 -8.57 27.41 30.51
CA VAL A 300 -7.93 28.03 29.34
C VAL A 300 -8.33 27.35 28.05
N LYS A 301 -8.75 28.13 27.07
CA LYS A 301 -9.29 27.60 25.82
C LYS A 301 -8.38 26.59 25.11
N LYS A 302 -8.91 25.39 24.88
CA LYS A 302 -8.14 24.29 24.28
C LYS A 302 -7.71 24.56 22.83
N HIS A 303 -6.46 24.20 22.51
CA HIS A 303 -5.93 24.25 21.14
C HIS A 303 -5.12 23.03 20.73
N VAL A 304 -5.10 22.80 19.44
CA VAL A 304 -4.15 21.97 18.77
C VAL A 304 -3.08 22.86 18.06
N GLY A 305 -1.97 22.27 17.65
CA GLY A 305 -0.92 23.02 17.00
C GLY A 305 -0.62 22.62 15.56
N LEU A 306 -0.25 23.60 14.75
CA LEU A 306 0.24 23.34 13.41
C LEU A 306 1.69 23.77 13.37
N LEU A 307 2.58 22.79 13.27
CA LEU A 307 3.98 23.01 13.46
C LEU A 307 4.69 22.80 12.14
N ARG A 308 5.56 23.75 11.77
CA ARG A 308 6.34 23.68 10.54
C ARG A 308 7.80 23.65 10.88
N ILE A 309 8.52 22.73 10.26
CA ILE A 309 9.97 22.68 10.47
C ILE A 309 10.61 22.64 9.11
N LYS A 310 11.50 23.61 8.89
CA LYS A 310 12.30 23.68 7.68
C LYS A 310 13.75 23.84 8.10
N GLY A 311 14.62 23.03 7.50
CA GLY A 311 15.99 23.00 7.94
C GLY A 311 16.12 22.69 9.42
N ARG A 312 16.40 23.73 10.22
CA ARG A 312 16.61 23.59 11.65
C ARG A 312 15.87 24.72 12.37
N LYS A 313 14.87 25.25 11.68
CA LYS A 313 14.05 26.32 12.21
C LYS A 313 12.57 25.97 12.11
N MSE A 314 11.77 26.46 13.05
CA MSE A 314 10.38 26.06 13.10
C MSE A 314 9.44 27.19 13.42
O MSE A 314 9.85 28.25 13.91
CB MSE A 314 10.19 24.90 14.10
CG MSE A 314 10.54 25.20 15.58
SE MSE A 314 9.05 26.04 16.52
CE MSE A 314 9.92 26.31 18.24
N ASN A 315 8.17 26.95 13.16
CA ASN A 315 7.13 27.87 13.55
C ASN A 315 5.86 27.14 13.99
N MSE A 316 5.14 27.71 14.94
CA MSE A 316 3.96 27.06 15.50
C MSE A 316 2.71 27.90 15.44
O MSE A 316 2.50 28.80 16.27
CB MSE A 316 4.25 26.69 16.97
CG MSE A 316 3.05 26.10 17.72
SE MSE A 316 2.97 24.18 17.63
CE MSE A 316 4.24 23.75 19.08
N HIS A 317 1.84 27.60 14.49
CA HIS A 317 0.49 28.19 14.55
C HIS A 317 -0.42 27.40 15.47
N LYS A 318 -1.23 28.12 16.24
CA LYS A 318 -2.20 27.47 17.10
C LYS A 318 -3.56 27.47 16.42
N ILE A 319 -4.31 26.38 16.58
CA ILE A 319 -5.66 26.26 16.04
C ILE A 319 -6.64 25.96 17.17
N PRO A 320 -7.72 26.73 17.26
CA PRO A 320 -8.62 26.51 18.36
C PRO A 320 -9.59 25.37 18.05
N LEU A 321 -9.89 24.56 19.07
CA LEU A 321 -10.81 23.46 18.92
C LEU A 321 -12.21 23.94 19.27
N HIS A 322 -13.12 23.80 18.31
CA HIS A 322 -14.43 24.40 18.45
C HIS A 322 -15.42 23.45 19.08
N THR A 323 -15.16 22.14 18.97
CA THR A 323 -16.07 21.14 19.53
C THR A 323 -15.86 20.89 21.02
N VAL A 324 -14.95 21.59 21.66
CA VAL A 324 -14.72 21.34 23.07
C VAL A 324 -15.79 21.95 23.99
N ARG A 325 -16.39 21.13 24.83
CA ARG A 325 -17.39 21.62 25.76
C ARG A 325 -16.80 22.82 26.50
N GLN A 326 -17.55 23.90 26.56
CA GLN A 326 -17.11 25.08 27.28
C GLN A 326 -16.88 24.79 28.76
N PHE A 327 -15.98 25.52 29.38
CA PHE A 327 -15.76 25.43 30.82
C PHE A 327 -15.46 26.82 31.35
N PHE A 328 -16.44 27.43 32.01
CA PHE A 328 -16.25 28.74 32.61
C PHE A 328 -16.04 28.57 34.09
N MSE A 329 -15.15 29.39 34.65
CA MSE A 329 -14.82 29.31 36.07
C MSE A 329 -14.42 30.66 36.65
O MSE A 329 -13.70 31.42 36.01
CB MSE A 329 -13.69 28.32 36.27
CG MSE A 329 -12.79 28.70 37.43
SE MSE A 329 -11.86 27.15 38.09
CE MSE A 329 -10.92 27.96 39.60
N GLU A 330 -14.90 30.94 37.86
CA GLU A 330 -14.64 32.21 38.53
C GLU A 330 -14.32 31.94 39.99
N ASP A 331 -13.51 32.81 40.58
CA ASP A 331 -13.27 32.74 42.01
C ASP A 331 -14.06 33.83 42.74
N ILE A 332 -14.41 33.53 43.99
CA ILE A 332 -15.09 34.48 44.85
C ILE A 332 -14.53 34.42 46.26
N VAL A 333 -13.79 35.46 46.65
CA VAL A 333 -13.27 35.56 48.00
C VAL A 333 -14.21 36.43 48.84
N LEU A 334 -14.78 35.84 49.89
CA LEU A 334 -15.76 36.52 50.72
C LEU A 334 -15.09 37.60 51.57
N ALA A 335 -13.95 37.26 52.14
CA ALA A 335 -13.21 38.19 52.99
C ALA A 335 -12.86 39.49 52.28
N ASN A 336 -12.97 39.50 50.96
CA ASN A 336 -12.60 40.68 50.16
C ASN A 336 -13.66 41.77 50.13
N HIS A 337 -14.91 41.39 50.42
CA HIS A 337 -16.00 42.36 50.40
C HIS A 337 -16.84 42.32 51.68
N PRO A 338 -16.45 43.11 52.68
CA PRO A 338 -17.21 43.22 53.94
C PRO A 338 -18.51 44.00 53.79
N ASP A 339 -18.59 44.88 52.79
CA ASP A 339 -19.77 45.71 52.59
C ASP A 339 -20.96 44.87 52.12
N ILE A 340 -20.66 43.89 51.28
CA ILE A 340 -21.70 43.04 50.71
C ILE A 340 -21.98 41.83 51.60
N PHE A 341 -20.95 41.33 52.26
CA PHE A 341 -21.09 40.16 53.13
C PHE A 341 -20.59 40.43 54.55
N ASN A 342 -21.45 40.15 55.54
CA ASN A 342 -21.13 40.38 56.94
C ASN A 342 -20.85 39.06 57.66
N PRO A 343 -19.67 38.95 58.30
CA PRO A 343 -19.24 37.72 59.01
C PRO A 343 -20.27 37.22 60.03
N ASP A 344 -20.65 38.05 60.99
CA ASP A 344 -21.74 37.68 61.89
C ASP A 344 -23.08 38.27 61.40
N ASN A 345 -23.93 37.39 60.89
CA ASN A 345 -25.20 37.79 60.33
C ASN A 345 -25.92 36.53 59.89
N PRO A 346 -26.97 36.15 60.61
CA PRO A 346 -27.70 34.90 60.34
C PRO A 346 -28.35 34.87 58.96
N LYS A 347 -28.48 36.02 58.32
CA LYS A 347 -29.05 36.07 56.97
C LYS A 347 -27.97 36.33 55.92
N VAL A 348 -26.70 36.18 56.32
CA VAL A 348 -25.58 36.36 55.40
C VAL A 348 -25.35 35.12 54.55
N THR A 349 -25.59 33.95 55.11
CA THR A 349 -25.47 32.71 54.36
C THR A 349 -26.52 32.68 53.26
N GLN A 350 -27.57 33.48 53.41
CA GLN A 350 -28.61 33.59 52.41
C GLN A 350 -28.29 34.69 51.40
N ALA A 351 -27.57 35.72 51.85
CA ALA A 351 -27.18 36.83 50.99
C ALA A 351 -26.10 36.40 50.00
N ILE A 352 -25.12 35.67 50.51
CA ILE A 352 -24.09 35.07 49.67
C ILE A 352 -24.74 34.18 48.61
N GLN A 353 -25.41 33.15 49.09
CA GLN A 353 -26.14 32.21 48.26
C GLN A 353 -26.91 32.88 47.10
N SER A 354 -27.37 34.11 47.33
CA SER A 354 -28.17 34.82 46.34
C SER A 354 -27.28 35.46 45.27
N PHE A 355 -26.04 35.74 45.64
CA PHE A 355 -25.07 36.31 44.70
C PHE A 355 -24.48 35.24 43.79
N CYS A 356 -24.24 34.07 44.37
CA CYS A 356 -23.75 32.93 43.60
C CYS A 356 -24.70 32.61 42.45
N LEU A 357 -25.98 32.58 42.75
CA LEU A 357 -26.99 32.37 41.72
C LEU A 357 -26.89 33.40 40.60
N GLU A 358 -26.42 34.60 40.92
CA GLU A 358 -26.29 35.67 39.93
C GLU A 358 -25.01 35.51 39.11
N LYS A 359 -23.91 35.21 39.81
CA LYS A 359 -22.64 34.96 39.13
C LYS A 359 -22.84 33.80 38.15
N ILE A 360 -23.34 32.68 38.66
CA ILE A 360 -23.63 31.52 37.82
C ILE A 360 -24.60 31.84 36.68
N GLU A 361 -25.60 32.67 36.99
CA GLU A 361 -26.60 33.05 36.01
C GLU A 361 -25.96 33.81 34.85
N GLU A 362 -24.96 34.63 35.16
CA GLU A 362 -24.31 35.41 34.12
C GLU A 362 -23.32 34.57 33.33
N MSE A 363 -22.57 33.71 34.03
CA MSE A 363 -21.62 32.84 33.35
C MSE A 363 -22.37 32.03 32.31
O MSE A 363 -21.94 31.89 31.16
CB MSE A 363 -20.95 31.89 34.31
CG MSE A 363 -20.17 32.55 35.43
SE MSE A 363 -19.18 31.24 36.52
CE MSE A 363 -19.05 32.26 38.16
N LEU A 364 -23.50 31.46 32.72
CA LEU A 364 -24.31 30.65 31.83
C LEU A 364 -24.76 31.45 30.61
N GLU A 365 -24.99 32.74 30.82
CA GLU A 365 -25.45 33.62 29.75
C GLU A 365 -24.33 33.99 28.78
N ASN A 366 -23.16 34.35 29.31
CA ASN A 366 -21.98 34.59 28.48
C ASN A 366 -21.67 33.37 27.63
N ALA A 367 -22.01 32.20 28.16
CA ALA A 367 -21.83 30.95 27.45
C ALA A 367 -22.75 30.90 26.24
N GLU A 368 -24.04 31.13 26.48
CA GLU A 368 -25.03 31.12 25.42
C GLU A 368 -24.67 32.13 24.35
N ARG A 369 -23.93 33.16 24.78
CA ARG A 369 -23.46 34.21 23.88
C ARG A 369 -22.42 33.70 22.90
N GLU A 370 -21.33 33.15 23.42
CA GLU A 370 -20.27 32.60 22.57
C GLU A 370 -20.80 31.51 21.64
N ARG A 371 -21.65 30.64 22.17
CA ARG A 371 -22.19 29.54 21.38
C ARG A 371 -23.02 30.04 20.21
N LEU A 372 -23.09 31.36 20.05
CA LEU A 372 -23.87 31.96 18.99
C LEU A 372 -23.17 31.73 17.64
N GLY A 373 -21.87 32.04 17.59
CA GLY A 373 -21.08 31.85 16.38
C GLY A 373 -20.56 30.44 16.24
N ASN A 374 -20.65 29.69 17.32
CA ASN A 374 -20.15 28.33 17.37
C ASN A 374 -21.24 27.26 17.38
N SER A 375 -21.52 26.68 16.21
CA SER A 375 -22.54 25.65 16.09
C SER A 375 -22.00 24.28 16.47
N HIS A 376 -20.69 24.19 16.68
CA HIS A 376 -20.03 22.92 16.89
C HIS A 376 -19.95 22.57 18.37
N GLN A 377 -19.98 23.60 19.21
CA GLN A 377 -19.87 23.43 20.66
C GLN A 377 -21.08 22.71 21.27
N PRO A 378 -20.83 21.70 22.10
CA PRO A 378 -21.93 21.11 22.85
C PRO A 378 -22.66 22.15 23.72
N GLU A 379 -23.95 21.91 23.93
CA GLU A 379 -24.87 22.89 24.49
C GLU A 379 -24.71 23.20 25.99
N LYS A 380 -24.43 22.19 26.80
CA LYS A 380 -24.40 22.37 28.26
C LYS A 380 -22.99 22.59 28.83
N PRO A 381 -22.67 23.85 29.17
CA PRO A 381 -21.38 24.28 29.70
C PRO A 381 -21.02 23.56 30.99
N LEU A 382 -19.73 23.44 31.24
CA LEU A 382 -19.26 23.09 32.56
C LEU A 382 -19.16 24.41 33.28
N VAL A 383 -19.50 24.45 34.55
CA VAL A 383 -19.39 25.69 35.30
C VAL A 383 -18.90 25.41 36.70
N ARG A 384 -17.95 26.21 37.17
CA ARG A 384 -17.51 26.08 38.56
C ARG A 384 -17.33 27.42 39.26
N LEU A 385 -17.64 27.45 40.53
CA LEU A 385 -17.46 28.64 41.34
C LEU A 385 -16.70 28.22 42.57
N ARG A 386 -15.56 28.85 42.79
CA ARG A 386 -14.70 28.53 43.93
C ARG A 386 -14.92 29.57 45.02
N VAL A 387 -15.24 29.11 46.22
CA VAL A 387 -15.59 30.03 47.29
C VAL A 387 -14.63 29.94 48.48
N ASP A 388 -13.85 30.99 48.67
CA ASP A 388 -12.96 31.09 49.81
C ASP A 388 -13.67 31.80 50.96
N TYR A 389 -14.04 31.03 51.99
CA TYR A 389 -14.79 31.59 53.10
C TYR A 389 -13.94 32.03 54.30
N SER A 390 -12.69 32.36 54.03
CA SER A 390 -11.80 32.85 55.08
C SER A 390 -12.40 34.05 55.80
N GLY A 391 -12.36 34.00 57.13
CA GLY A 391 -12.91 35.06 57.95
C GLY A 391 -13.84 34.51 59.00
N GLY A 392 -15.13 34.46 58.69
CA GLY A 392 -16.12 33.95 59.61
C GLY A 392 -17.37 33.52 58.86
N PHE A 393 -17.17 32.80 57.76
CA PHE A 393 -18.29 32.32 56.95
C PHE A 393 -18.43 30.81 57.05
N GLU A 394 -19.45 30.27 56.40
CA GLU A 394 -19.75 28.85 56.45
C GLU A 394 -20.43 28.37 55.17
N PRO A 395 -20.17 27.12 54.78
CA PRO A 395 -20.73 26.49 53.56
C PRO A 395 -22.25 26.39 53.53
N PHE A 396 -22.77 25.78 52.47
CA PHE A 396 -24.19 25.52 52.33
C PHE A 396 -24.43 24.37 51.36
N SER A 397 -25.63 23.81 51.35
CA SER A 397 -25.94 22.64 50.54
C SER A 397 -25.99 22.97 49.05
N VAL A 398 -25.31 22.14 48.25
CA VAL A 398 -25.27 22.30 46.81
C VAL A 398 -26.54 21.75 46.15
N LEU A 399 -27.37 21.08 46.96
CA LEU A 399 -28.59 20.45 46.46
C LEU A 399 -29.50 21.43 45.72
N ARG A 400 -29.88 22.52 46.39
CA ARG A 400 -30.74 23.52 45.77
C ARG A 400 -30.12 24.02 44.47
N PHE A 401 -28.79 24.13 44.47
CA PHE A 401 -28.04 24.56 43.29
C PHE A 401 -28.08 23.48 42.21
N SER A 402 -27.62 22.29 42.58
CA SER A 402 -27.70 21.13 41.68
C SER A 402 -29.02 21.08 40.92
N GLN A 403 -30.13 21.33 41.63
CA GLN A 403 -31.45 21.19 41.05
C GLN A 403 -31.80 22.33 40.09
N LYS A 404 -31.58 23.56 40.53
CA LYS A 404 -32.01 24.72 39.77
C LYS A 404 -31.33 24.84 38.41
N PHE A 405 -30.21 24.16 38.25
CA PHE A 405 -29.42 24.24 37.02
C PHE A 405 -29.34 22.92 36.24
N VAL A 406 -29.96 21.87 36.80
CA VAL A 406 -29.85 20.52 36.26
C VAL A 406 -29.78 20.43 34.73
N ASP A 407 -30.56 21.24 34.03
CA ASP A 407 -30.62 21.10 32.57
C ASP A 407 -29.89 22.20 31.80
N ARG A 408 -29.24 23.10 32.53
CA ARG A 408 -28.49 24.18 31.89
C ARG A 408 -26.98 24.08 32.11
N VAL A 409 -26.57 23.06 32.85
CA VAL A 409 -25.17 22.82 33.18
C VAL A 409 -24.84 21.33 32.99
N ALA A 410 -23.59 20.99 32.67
CA ALA A 410 -23.25 19.59 32.48
C ALA A 410 -22.62 18.96 33.71
N ASN A 411 -22.44 19.75 34.74
CA ASN A 411 -21.95 19.23 36.02
C ASN A 411 -22.80 19.73 37.18
N PRO A 412 -24.09 19.38 37.20
CA PRO A 412 -25.02 19.92 38.18
C PRO A 412 -24.50 19.71 39.60
N LYS A 413 -23.95 18.52 39.84
CA LYS A 413 -23.47 18.12 41.17
C LYS A 413 -22.23 18.92 41.60
N ASP A 414 -21.22 18.95 40.73
CA ASP A 414 -20.02 19.71 40.97
C ASP A 414 -20.11 21.10 40.36
N ILE A 415 -20.74 22.02 41.05
CA ILE A 415 -20.94 23.35 40.50
C ILE A 415 -20.32 24.38 41.42
N ILE A 416 -19.81 23.92 42.55
CA ILE A 416 -19.37 24.82 43.60
C ILE A 416 -18.34 24.15 44.50
N HIS A 417 -17.46 24.96 45.09
CA HIS A 417 -16.35 24.45 45.90
C HIS A 417 -15.94 25.45 47.00
N PHE A 418 -15.61 24.94 48.19
CA PHE A 418 -15.22 25.81 49.31
C PHE A 418 -13.84 25.47 49.88
N PHE A 419 -13.20 26.43 50.53
CA PHE A 419 -11.89 26.20 51.17
C PHE A 419 -11.41 27.34 52.07
N ARG A 420 -10.39 27.06 52.88
CA ARG A 420 -9.79 28.05 53.77
C ARG A 420 -8.48 28.63 53.21
N LEU B 27 -15.96 -36.88 26.27
CA LEU B 27 -16.64 -37.53 27.39
C LEU B 27 -15.96 -37.15 28.70
N ASP B 28 -14.93 -37.93 29.04
CA ASP B 28 -14.00 -37.60 30.12
C ASP B 28 -12.92 -36.66 29.59
N ASP B 29 -12.60 -36.81 28.31
CA ASP B 29 -11.62 -35.96 27.66
C ASP B 29 -12.06 -34.50 27.59
N GLU B 30 -13.36 -34.24 27.71
CA GLU B 30 -13.85 -32.87 27.76
C GLU B 30 -13.54 -32.17 29.08
N ASN B 31 -12.92 -32.88 30.02
CA ASN B 31 -12.45 -32.27 31.25
C ASN B 31 -10.93 -32.29 31.28
N THR B 32 -10.33 -32.66 30.16
CA THR B 32 -8.88 -32.78 30.16
C THR B 32 -8.22 -31.84 29.16
N PHE B 33 -7.27 -31.03 29.64
CA PHE B 33 -6.46 -30.18 28.78
C PHE B 33 -5.39 -31.02 28.07
N LYS B 34 -5.37 -30.98 26.74
CA LYS B 34 -4.25 -31.53 26.02
C LYS B 34 -3.35 -30.38 25.54
N ILE B 35 -2.09 -30.37 25.98
CA ILE B 35 -1.19 -29.26 25.72
C ILE B 35 0.16 -29.65 25.10
N LEU B 36 0.47 -29.13 23.91
CA LEU B 36 1.80 -29.37 23.37
C LEU B 36 2.79 -28.39 23.96
N VAL B 37 3.90 -28.91 24.49
CA VAL B 37 4.84 -28.10 25.26
C VAL B 37 6.18 -28.09 24.56
N ALA B 38 6.72 -26.89 24.32
CA ALA B 38 7.98 -26.74 23.58
C ALA B 38 8.70 -25.48 24.01
N THR B 39 9.98 -25.41 23.71
CA THR B 39 10.73 -24.23 24.13
C THR B 39 12.04 -24.09 23.37
N ASP B 40 12.48 -22.85 23.18
CA ASP B 40 13.75 -22.60 22.49
C ASP B 40 13.77 -23.24 21.12
N ILE B 41 12.76 -22.88 20.33
CA ILE B 41 12.65 -23.36 18.98
C ILE B 41 13.70 -22.68 18.10
N HIS B 42 14.09 -21.47 18.51
CA HIS B 42 15.15 -20.67 17.86
C HIS B 42 15.01 -20.44 16.34
N LEU B 43 13.79 -20.14 15.90
CA LEU B 43 13.48 -19.85 14.52
C LEU B 43 14.46 -18.88 13.81
N GLY B 44 14.94 -19.31 12.63
CA GLY B 44 15.85 -18.51 11.85
C GLY B 44 17.31 -18.64 12.26
N PHE B 45 17.61 -19.55 13.17
CA PHE B 45 18.99 -19.78 13.58
C PHE B 45 19.80 -20.29 12.40
N MSE B 46 20.90 -19.60 12.10
CA MSE B 46 21.74 -19.87 10.92
C MSE B 46 20.89 -19.97 9.66
O MSE B 46 20.96 -20.95 8.91
CB MSE B 46 22.54 -21.13 11.10
CG MSE B 46 23.50 -21.00 12.21
SE MSE B 46 24.59 -22.59 12.31
CE MSE B 46 25.79 -22.04 13.78
N GLU B 47 20.07 -18.94 9.49
CA GLU B 47 19.10 -18.89 8.39
C GLU B 47 19.83 -18.95 7.05
N LYS B 48 20.97 -18.25 7.01
CA LYS B 48 21.71 -18.03 5.77
C LYS B 48 22.66 -19.18 5.41
N ASP B 49 23.08 -19.96 6.41
CA ASP B 49 23.97 -21.10 6.14
C ASP B 49 23.36 -22.01 5.09
N ALA B 50 24.20 -22.57 4.23
CA ALA B 50 23.71 -23.32 3.08
C ALA B 50 23.08 -24.65 3.52
N VAL B 51 23.74 -25.31 4.47
CA VAL B 51 23.32 -26.62 4.93
C VAL B 51 22.18 -26.58 5.96
N ARG B 52 22.41 -25.81 7.03
CA ARG B 52 21.55 -25.81 8.21
C ARG B 52 20.40 -24.78 8.19
N GLY B 53 20.33 -23.98 7.13
CA GLY B 53 19.50 -22.80 7.14
C GLY B 53 18.01 -23.08 7.18
N ASN B 54 17.60 -24.30 6.86
CA ASN B 54 16.17 -24.59 6.88
C ASN B 54 15.78 -25.48 8.07
N ASP B 55 16.78 -25.81 8.89
CA ASP B 55 16.58 -26.67 10.06
C ASP B 55 15.38 -26.26 10.88
N THR B 56 15.47 -25.07 11.48
CA THR B 56 14.48 -24.64 12.46
C THR B 56 13.07 -24.60 11.88
N PHE B 57 12.97 -24.20 10.62
CA PHE B 57 11.66 -24.10 9.98
C PHE B 57 11.04 -25.47 9.76
N VAL B 58 11.87 -26.48 9.56
CA VAL B 58 11.34 -27.82 9.38
C VAL B 58 10.89 -28.39 10.72
N THR B 59 11.75 -28.26 11.73
CA THR B 59 11.41 -28.71 13.08
C THR B 59 10.14 -27.99 13.59
N LEU B 60 10.06 -26.69 13.38
CA LEU B 60 8.81 -26.00 13.70
C LEU B 60 7.62 -26.65 12.99
N ASP B 61 7.83 -27.07 11.75
CA ASP B 61 6.76 -27.76 11.00
C ASP B 61 6.36 -29.04 11.72
N GLU B 62 7.35 -29.75 12.26
CA GLU B 62 7.07 -31.01 12.94
C GLU B 62 6.25 -30.71 14.19
N ILE B 63 6.80 -29.84 15.02
CA ILE B 63 6.14 -29.41 16.24
C ILE B 63 4.67 -29.02 16.00
N LEU B 64 4.42 -28.10 15.08
CA LEU B 64 3.03 -27.74 14.78
C LEU B 64 2.22 -28.92 14.27
N ARG B 65 2.84 -29.76 13.44
CA ARG B 65 2.14 -30.94 12.93
C ARG B 65 1.74 -31.91 14.06
N LEU B 66 2.65 -32.13 14.99
CA LEU B 66 2.32 -32.90 16.19
C LEU B 66 1.14 -32.28 16.92
N ALA B 67 1.24 -30.98 17.20
CA ALA B 67 0.15 -30.27 17.83
C ALA B 67 -1.17 -30.65 17.16
N GLN B 68 -1.18 -30.63 15.83
CA GLN B 68 -2.42 -30.84 15.11
C GLN B 68 -2.89 -32.28 15.20
N GLU B 69 -1.98 -33.22 14.97
CA GLU B 69 -2.33 -34.65 15.01
C GLU B 69 -2.94 -35.03 16.35
N ASN B 70 -2.28 -34.66 17.43
CA ASN B 70 -2.81 -34.89 18.77
C ASN B 70 -4.00 -34.00 19.16
N GLU B 71 -4.62 -33.33 18.19
CA GLU B 71 -5.74 -32.42 18.44
C GLU B 71 -5.65 -31.70 19.79
N VAL B 72 -4.47 -31.15 20.04
CA VAL B 72 -4.13 -30.45 21.26
C VAL B 72 -5.06 -29.26 21.51
N ASP B 73 -5.25 -28.90 22.77
CA ASP B 73 -6.08 -27.74 23.10
C ASP B 73 -5.37 -26.41 22.81
N PHE B 74 -4.08 -26.36 23.13
CA PHE B 74 -3.27 -25.21 22.81
C PHE B 74 -1.78 -25.55 22.97
N ILE B 75 -0.92 -24.76 22.32
CA ILE B 75 0.53 -24.97 22.39
C ILE B 75 1.08 -24.02 23.44
N LEU B 76 2.10 -24.48 24.19
CA LEU B 76 2.68 -23.68 25.28
C LEU B 76 4.20 -23.70 25.19
N LEU B 77 4.78 -22.52 24.96
CA LEU B 77 6.19 -22.39 24.63
C LEU B 77 6.90 -21.69 25.78
N GLY B 78 8.16 -22.06 26.03
CA GLY B 78 8.88 -21.50 27.16
C GLY B 78 9.94 -20.46 26.84
N GLY B 79 9.87 -19.84 25.65
CA GLY B 79 10.85 -18.82 25.29
C GLY B 79 11.66 -19.09 24.02
N ASP B 80 12.39 -18.05 23.59
CA ASP B 80 13.28 -18.10 22.42
C ASP B 80 12.67 -18.71 21.17
N LEU B 81 11.41 -18.38 20.90
CA LEU B 81 10.77 -18.83 19.70
C LEU B 81 11.57 -18.39 18.49
N PHE B 82 12.05 -17.13 18.51
CA PHE B 82 12.87 -16.59 17.44
C PHE B 82 14.31 -16.49 17.91
N HIS B 83 15.23 -16.83 17.00
CA HIS B 83 16.64 -16.72 17.35
C HIS B 83 17.11 -15.29 17.52
N GLU B 84 16.51 -14.37 16.75
CA GLU B 84 16.88 -12.96 16.78
C GLU B 84 15.71 -12.11 17.24
N ASN B 85 15.95 -11.11 18.08
CA ASN B 85 14.84 -10.24 18.51
C ASN B 85 14.25 -9.34 17.41
N LYS B 86 14.94 -9.26 16.27
CA LYS B 86 14.37 -8.61 15.09
C LYS B 86 14.45 -9.61 13.95
N PRO B 87 13.51 -10.54 13.92
CA PRO B 87 13.47 -11.59 12.90
C PRO B 87 13.48 -11.06 11.47
N SER B 88 14.29 -11.70 10.62
CA SER B 88 14.27 -11.44 9.19
C SER B 88 12.88 -11.61 8.58
N ARG B 89 12.55 -10.83 7.55
CA ARG B 89 11.28 -11.01 6.86
C ARG B 89 11.04 -12.48 6.56
N LYS B 90 12.10 -13.18 6.16
CA LYS B 90 11.94 -14.57 5.76
C LYS B 90 11.51 -15.41 6.95
N THR B 91 12.27 -15.32 8.05
CA THR B 91 11.91 -16.00 9.27
C THR B 91 10.43 -15.76 9.62
N LEU B 92 10.13 -14.49 9.86
CA LEU B 92 8.79 -14.10 10.26
C LEU B 92 7.67 -14.51 9.31
N HIS B 93 7.97 -14.64 8.01
CA HIS B 93 6.92 -15.01 7.06
C HIS B 93 6.74 -16.52 7.04
N THR B 94 7.85 -17.23 7.05
CA THR B 94 7.79 -18.69 7.12
C THR B 94 6.96 -19.09 8.34
N CYS B 95 7.32 -18.51 9.48
CA CYS B 95 6.62 -18.76 10.71
C CYS B 95 5.09 -18.52 10.59
N LEU B 96 4.72 -17.32 10.20
CA LEU B 96 3.29 -17.03 9.98
C LEU B 96 2.63 -18.00 9.01
N GLU B 97 3.39 -18.47 8.03
CA GLU B 97 2.80 -19.39 7.06
C GLU B 97 2.48 -20.69 7.77
N LEU B 98 3.46 -21.19 8.52
CA LEU B 98 3.31 -22.40 9.30
C LEU B 98 2.15 -22.30 10.31
N LEU B 99 2.18 -21.27 11.15
CA LEU B 99 1.07 -21.08 12.08
C LEU B 99 -0.24 -21.08 11.30
N ARG B 100 -0.30 -20.33 10.19
CA ARG B 100 -1.53 -20.26 9.40
C ARG B 100 -1.97 -21.67 9.01
N LYS B 101 -1.01 -22.51 8.65
CA LYS B 101 -1.30 -23.85 8.15
C LYS B 101 -1.88 -24.79 9.19
N TYR B 102 -1.22 -24.87 10.34
CA TYR B 102 -1.52 -25.87 11.35
C TYR B 102 -2.42 -25.41 12.49
N CYS B 103 -2.52 -24.10 12.70
CA CYS B 103 -3.28 -23.59 13.84
C CYS B 103 -4.70 -23.21 13.52
N MSE B 104 -5.06 -23.23 12.24
CA MSE B 104 -6.44 -22.95 11.85
C MSE B 104 -7.14 -24.22 11.39
O MSE B 104 -6.49 -25.15 10.92
CB MSE B 104 -6.50 -21.94 10.72
CG MSE B 104 -5.45 -20.88 10.81
SE MSE B 104 -6.03 -19.24 9.93
CE MSE B 104 -7.42 -18.74 11.22
N GLY B 105 -8.46 -24.25 11.51
CA GLY B 105 -9.20 -25.44 11.18
C GLY B 105 -10.65 -25.42 11.64
N ASP B 106 -11.31 -26.56 11.44
CA ASP B 106 -12.75 -26.65 11.66
C ASP B 106 -13.08 -26.61 13.14
N ARG B 107 -12.33 -27.38 13.93
CA ARG B 107 -12.69 -27.56 15.32
C ARG B 107 -12.52 -26.28 16.12
N PRO B 108 -13.51 -25.97 16.95
CA PRO B 108 -13.54 -24.76 17.76
C PRO B 108 -12.63 -24.94 18.95
N VAL B 109 -12.16 -23.83 19.50
CA VAL B 109 -11.40 -23.91 20.72
C VAL B 109 -12.34 -24.40 21.82
N GLN B 110 -11.88 -25.36 22.62
CA GLN B 110 -12.77 -26.00 23.57
C GLN B 110 -12.62 -25.51 25.01
N PHE B 111 -11.70 -24.57 25.25
CA PHE B 111 -11.54 -24.01 26.58
C PHE B 111 -11.75 -22.51 26.54
N GLU B 112 -11.82 -21.87 27.70
CA GLU B 112 -12.04 -20.45 27.73
C GLU B 112 -11.09 -19.73 28.69
N ILE B 113 -10.81 -18.47 28.39
CA ILE B 113 -9.98 -17.64 29.24
C ILE B 113 -10.85 -16.85 30.18
N LEU B 114 -10.68 -17.04 31.48
CA LEU B 114 -11.52 -16.35 32.45
C LEU B 114 -10.90 -15.02 32.82
N SER B 115 -9.64 -14.85 32.42
CA SER B 115 -8.92 -13.59 32.61
C SER B 115 -9.45 -12.59 31.59
N ASP B 116 -8.77 -11.47 31.36
CA ASP B 116 -9.37 -10.41 30.54
C ASP B 116 -9.29 -10.56 29.00
N GLN B 117 -8.10 -10.47 28.42
CA GLN B 117 -7.97 -10.38 26.97
C GLN B 117 -7.24 -11.57 26.33
N SER B 118 -7.66 -11.91 25.10
CA SER B 118 -7.07 -12.95 24.27
C SER B 118 -7.25 -12.71 22.76
N VAL B 119 -6.23 -13.07 21.99
CA VAL B 119 -6.29 -12.95 20.52
C VAL B 119 -6.67 -14.30 19.90
N LEU B 136 -12.31 -18.34 8.52
CA LEU B 136 -11.02 -18.59 9.15
C LEU B 136 -11.15 -18.78 10.68
N ASN B 137 -10.96 -20.00 11.16
CA ASN B 137 -11.05 -20.28 12.59
C ASN B 137 -9.69 -20.64 13.20
N ILE B 138 -9.44 -20.15 14.42
CA ILE B 138 -8.26 -20.60 15.15
C ILE B 138 -8.63 -21.82 15.99
N SER B 139 -7.95 -22.92 15.76
CA SER B 139 -8.27 -24.14 16.50
C SER B 139 -7.16 -24.53 17.49
N ILE B 140 -5.97 -24.00 17.31
CA ILE B 140 -4.88 -24.21 18.24
C ILE B 140 -4.18 -22.90 18.67
N PRO B 141 -4.62 -22.29 19.77
CA PRO B 141 -3.91 -21.14 20.30
C PRO B 141 -2.47 -21.46 20.72
N VAL B 142 -1.62 -20.44 20.70
CA VAL B 142 -0.26 -20.61 21.19
C VAL B 142 -0.02 -19.65 22.33
N PHE B 143 0.28 -20.18 23.51
CA PHE B 143 0.67 -19.34 24.63
C PHE B 143 2.17 -19.31 24.78
N SER B 144 2.79 -18.14 24.79
CA SER B 144 4.25 -18.10 24.93
C SER B 144 4.76 -17.00 25.81
N ILE B 145 5.99 -17.20 26.29
CA ILE B 145 6.70 -16.14 26.97
C ILE B 145 7.88 -15.74 26.11
N HIS B 146 8.51 -14.60 26.40
CA HIS B 146 9.72 -14.22 25.67
C HIS B 146 10.96 -14.80 26.36
N GLY B 147 11.96 -15.18 25.58
CA GLY B 147 13.26 -15.55 26.13
C GLY B 147 14.18 -14.33 26.19
N ASN B 148 15.49 -14.59 26.30
CA ASN B 148 16.59 -13.61 26.24
C ASN B 148 16.90 -13.27 24.74
N HIS B 149 16.63 -14.19 23.80
CA HIS B 149 16.76 -13.90 22.37
C HIS B 149 15.58 -13.13 21.77
N ASP B 150 14.39 -13.69 21.83
CA ASP B 150 13.20 -12.98 21.34
C ASP B 150 12.70 -11.96 22.38
N ASP B 151 13.61 -11.25 23.03
CA ASP B 151 13.20 -10.28 24.06
C ASP B 151 12.70 -8.96 23.49
N PRO B 152 12.16 -8.08 24.36
CA PRO B 152 11.59 -6.80 23.87
C PRO B 152 12.67 -5.90 23.33
N THR B 153 12.31 -5.11 22.31
CA THR B 153 13.29 -4.24 21.62
C THR B 153 12.56 -3.19 20.78
N GLY B 154 13.31 -2.22 20.24
CA GLY B 154 12.71 -1.26 19.34
C GLY B 154 12.12 0.02 19.94
N ALA B 155 11.66 0.92 19.08
CA ALA B 155 11.09 2.16 19.58
C ALA B 155 9.88 1.89 20.48
N ASP B 156 9.10 0.86 20.16
CA ASP B 156 7.91 0.53 20.98
C ASP B 156 8.18 -0.52 22.07
N ALA B 157 9.39 -1.05 22.09
CA ALA B 157 9.77 -2.00 23.12
C ALA B 157 8.86 -3.25 23.07
N LEU B 158 8.52 -3.66 21.85
CA LEU B 158 7.75 -4.87 21.62
C LEU B 158 8.64 -6.11 21.45
N CYS B 159 8.02 -7.27 21.20
CA CYS B 159 8.75 -8.54 21.09
C CYS B 159 8.32 -9.14 19.82
N ALA B 160 9.15 -10.00 19.24
CA ALA B 160 8.67 -10.73 18.06
C ALA B 160 7.27 -11.36 18.30
N LEU B 161 7.06 -12.03 19.43
CA LEU B 161 5.75 -12.62 19.72
C LEU B 161 4.63 -11.63 19.47
N ASP B 162 4.84 -10.38 19.86
CA ASP B 162 3.81 -9.36 19.72
C ASP B 162 3.36 -9.18 18.27
N ILE B 163 4.25 -9.50 17.33
CA ILE B 163 3.90 -9.42 15.91
C ILE B 163 2.99 -10.59 15.67
N LEU B 164 3.47 -11.78 16.03
CA LEU B 164 2.65 -12.99 15.98
C LEU B 164 1.29 -12.78 16.65
N SER B 165 1.31 -12.32 17.90
CA SER B 165 0.08 -11.95 18.59
C SER B 165 -0.85 -11.07 17.74
N CYS B 166 -0.27 -10.11 17.03
CA CYS B 166 -1.01 -9.19 16.18
C CYS B 166 -1.71 -9.94 15.03
N ALA B 167 -0.99 -10.85 14.39
CA ALA B 167 -1.52 -11.64 13.30
C ALA B 167 -2.63 -12.56 13.79
N GLY B 168 -2.72 -12.79 15.09
CA GLY B 168 -3.79 -13.58 15.65
C GLY B 168 -3.40 -14.96 16.19
N PHE B 169 -2.14 -15.33 16.05
CA PHE B 169 -1.73 -16.68 16.36
C PHE B 169 -1.15 -16.90 17.75
N VAL B 170 -0.72 -15.85 18.43
CA VAL B 170 -0.05 -16.07 19.70
C VAL B 170 -0.56 -15.20 20.85
N ASN B 171 -0.50 -15.76 22.05
CA ASN B 171 -0.87 -15.04 23.25
C ASN B 171 0.36 -14.87 24.08
N HIS B 172 0.94 -13.68 24.01
CA HIS B 172 2.12 -13.41 24.76
C HIS B 172 1.70 -13.18 26.20
N PHE B 173 2.26 -13.95 27.10
CA PHE B 173 1.94 -13.75 28.52
C PHE B 173 3.23 -13.82 29.32
N GLY B 174 3.21 -13.34 30.54
CA GLY B 174 4.33 -13.53 31.42
C GLY B 174 5.26 -12.36 31.54
N ARG B 175 5.15 -11.41 30.61
CA ARG B 175 6.02 -10.24 30.60
C ARG B 175 5.84 -9.25 31.76
N SER B 176 6.88 -9.11 32.55
CA SER B 176 6.82 -8.24 33.71
C SER B 176 7.14 -6.79 33.35
N MSE B 177 6.55 -5.87 34.09
CA MSE B 177 6.80 -4.47 33.87
C MSE B 177 7.68 -3.90 34.96
O MSE B 177 8.74 -3.34 34.67
CB MSE B 177 5.51 -3.69 33.86
CG MSE B 177 4.90 -3.61 32.53
SE MSE B 177 3.00 -3.44 32.79
CE MSE B 177 2.57 -5.26 33.39
N SER B 178 7.25 -4.06 36.19
CA SER B 178 7.85 -3.30 37.27
C SER B 178 9.37 -3.47 37.44
N VAL B 179 9.92 -2.41 38.03
CA VAL B 179 11.33 -2.18 38.16
C VAL B 179 11.75 -2.61 39.55
N GLU B 180 10.94 -2.18 40.52
CA GLU B 180 11.23 -2.41 41.93
C GLU B 180 10.81 -3.80 42.38
N LYS B 181 9.58 -4.21 42.05
CA LYS B 181 9.04 -5.49 42.49
C LYS B 181 8.38 -6.22 41.31
N ILE B 182 8.45 -7.54 41.31
CA ILE B 182 7.74 -8.33 40.30
C ILE B 182 6.49 -8.99 40.87
N ASP B 183 5.32 -8.58 40.37
CA ASP B 183 4.09 -9.24 40.72
C ASP B 183 3.66 -10.06 39.54
N ILE B 184 3.66 -11.37 39.69
CA ILE B 184 3.17 -12.25 38.63
C ILE B 184 1.69 -12.61 38.75
N SER B 185 0.91 -12.29 37.72
CA SER B 185 -0.50 -12.66 37.70
C SER B 185 -0.77 -13.80 36.71
N PRO B 186 -1.73 -14.64 37.03
CA PRO B 186 -1.97 -15.83 36.24
C PRO B 186 -2.98 -15.56 35.16
N VAL B 187 -2.72 -16.03 33.95
CA VAL B 187 -3.80 -16.26 33.01
C VAL B 187 -4.68 -17.40 33.55
N LEU B 188 -5.99 -17.20 33.59
CA LEU B 188 -6.91 -18.24 34.09
C LEU B 188 -7.59 -18.95 32.94
N LEU B 189 -7.23 -20.20 32.76
CA LEU B 189 -7.90 -21.02 31.77
C LEU B 189 -8.89 -21.95 32.48
N GLN B 190 -9.92 -22.36 31.75
CA GLN B 190 -10.87 -23.34 32.25
C GLN B 190 -11.40 -24.21 31.11
N LYS B 191 -11.37 -25.52 31.29
CA LYS B 191 -11.94 -26.45 30.34
C LYS B 191 -12.80 -27.41 31.12
N GLY B 192 -14.07 -27.50 30.70
CA GLY B 192 -15.05 -28.21 31.49
C GLY B 192 -14.90 -27.81 32.95
N SER B 193 -14.67 -28.82 33.79
CA SER B 193 -14.57 -28.61 35.22
C SER B 193 -13.14 -28.29 35.68
N THR B 194 -12.15 -28.42 34.79
CA THR B 194 -10.78 -28.29 35.29
C THR B 194 -10.17 -26.93 34.98
N LYS B 195 -9.38 -26.42 35.93
CA LYS B 195 -8.99 -25.02 35.86
C LYS B 195 -7.50 -24.80 36.03
N ILE B 196 -6.89 -24.22 35.01
CA ILE B 196 -5.46 -23.93 35.04
C ILE B 196 -5.21 -22.47 35.38
N ALA B 197 -4.30 -22.23 36.32
CA ALA B 197 -3.83 -20.88 36.60
C ALA B 197 -2.42 -20.83 36.05
N LEU B 198 -2.29 -20.27 34.86
CA LEU B 198 -1.06 -20.27 34.11
C LEU B 198 -0.21 -19.04 34.41
N TYR B 199 0.92 -19.25 35.07
CA TYR B 199 1.81 -18.15 35.43
C TYR B 199 3.01 -18.11 34.52
N GLY B 200 3.41 -16.90 34.11
CA GLY B 200 4.57 -16.76 33.25
C GLY B 200 5.57 -15.74 33.75
N LEU B 201 6.83 -15.94 33.38
CA LEU B 201 7.84 -14.90 33.56
C LEU B 201 8.71 -14.77 32.35
N GLY B 202 8.50 -13.72 31.56
CA GLY B 202 9.33 -13.48 30.39
C GLY B 202 10.75 -13.29 30.88
N SER B 203 11.72 -13.75 30.10
CA SER B 203 13.14 -13.72 30.52
C SER B 203 13.59 -12.41 31.18
N ILE B 204 14.32 -12.57 32.28
CA ILE B 204 14.91 -11.45 32.98
C ILE B 204 16.36 -11.78 33.22
N PRO B 205 17.24 -10.77 33.18
CA PRO B 205 18.65 -11.07 33.45
C PRO B 205 18.80 -11.68 34.84
N ASP B 206 19.42 -12.86 34.91
CA ASP B 206 19.46 -13.65 36.15
C ASP B 206 19.91 -12.90 37.40
N GLU B 207 21.02 -12.18 37.30
CA GLU B 207 21.45 -11.38 38.43
C GLU B 207 20.29 -10.59 39.07
N ARG B 208 19.52 -9.84 38.26
CA ARG B 208 18.44 -9.00 38.79
C ARG B 208 17.41 -9.84 39.49
N LEU B 209 17.01 -10.95 38.85
CA LEU B 209 15.93 -11.80 39.35
C LEU B 209 16.31 -12.44 40.68
N TYR B 210 17.52 -13.00 40.75
CA TYR B 210 18.05 -13.48 42.00
C TYR B 210 17.92 -12.44 43.12
N ARG B 211 18.49 -11.26 42.90
CA ARG B 211 18.38 -10.17 43.86
C ARG B 211 16.91 -9.99 44.31
N MSE B 212 16.01 -9.93 43.34
CA MSE B 212 14.58 -9.71 43.58
C MSE B 212 14.00 -10.77 44.51
O MSE B 212 13.19 -10.48 45.41
CB MSE B 212 13.81 -9.75 42.27
CG MSE B 212 14.28 -8.81 41.18
SE MSE B 212 13.01 -7.35 41.02
CE MSE B 212 13.34 -6.59 42.80
N PHE B 213 14.39 -12.02 44.27
CA PHE B 213 13.88 -13.12 45.07
C PHE B 213 14.39 -12.97 46.48
N VAL B 214 15.70 -12.77 46.60
CA VAL B 214 16.34 -12.58 47.91
C VAL B 214 15.67 -11.46 48.69
N ASN B 215 15.39 -10.34 48.03
CA ASN B 215 14.77 -9.21 48.72
C ASN B 215 13.27 -9.35 48.92
N LYS B 216 12.73 -10.55 48.70
CA LYS B 216 11.30 -10.79 48.84
C LYS B 216 10.44 -9.80 48.01
N LYS B 217 10.78 -9.62 46.74
CA LYS B 217 10.05 -8.68 45.90
C LYS B 217 9.28 -9.39 44.77
N VAL B 218 9.61 -10.67 44.55
CA VAL B 218 8.89 -11.50 43.59
C VAL B 218 7.73 -12.15 44.29
N THR B 219 6.50 -11.77 43.93
CA THR B 219 5.34 -12.33 44.60
C THR B 219 4.30 -12.80 43.57
N MSE B 220 3.68 -13.95 43.83
CA MSE B 220 2.74 -14.52 42.85
C MSE B 220 1.31 -14.42 43.31
O MSE B 220 0.92 -15.09 44.26
CB MSE B 220 3.06 -15.97 42.57
CG MSE B 220 4.52 -16.21 42.43
SE MSE B 220 4.89 -17.51 41.04
CE MSE B 220 6.62 -17.99 41.81
N LEU B 221 0.51 -13.62 42.64
CA LEU B 221 -0.85 -13.44 43.05
C LEU B 221 -1.64 -14.71 42.80
N ARG B 222 -2.34 -15.17 43.82
CA ARG B 222 -3.18 -16.34 43.64
C ARG B 222 -4.57 -15.83 43.24
N PRO B 223 -5.31 -16.59 42.41
CA PRO B 223 -6.66 -16.20 42.02
C PRO B 223 -7.56 -15.76 43.17
N LYS B 224 -8.51 -14.89 42.86
CA LYS B 224 -9.48 -14.42 43.85
C LYS B 224 -10.42 -15.56 44.28
N GLU B 225 -11.02 -16.24 43.30
CA GLU B 225 -12.07 -17.22 43.54
C GLU B 225 -11.55 -18.64 43.71
N ASP B 226 -11.48 -19.11 44.96
CA ASP B 226 -11.21 -20.52 45.21
C ASP B 226 -9.77 -20.87 44.87
N GLU B 227 -8.83 -20.29 45.61
CA GLU B 227 -7.40 -20.59 45.41
C GLU B 227 -7.11 -22.04 45.06
N ASN B 228 -7.78 -22.95 45.75
CA ASN B 228 -7.40 -24.34 45.69
C ASN B 228 -8.00 -25.12 44.54
N SER B 229 -8.84 -24.46 43.72
CA SER B 229 -9.50 -25.16 42.66
C SER B 229 -8.61 -25.29 41.46
N TRP B 230 -7.46 -24.61 41.50
CA TRP B 230 -6.65 -24.46 40.30
C TRP B 230 -5.41 -25.32 40.26
N PHE B 231 -5.14 -25.84 39.06
CA PHE B 231 -3.82 -26.38 38.74
C PHE B 231 -2.86 -25.22 38.48
N ASN B 232 -1.76 -25.16 39.20
CA ASN B 232 -0.85 -24.03 39.12
C ASN B 232 0.38 -24.31 38.26
N LEU B 233 0.36 -23.75 37.06
CA LEU B 233 1.36 -23.99 36.02
C LEU B 233 2.27 -22.76 35.89
N PHE B 234 3.58 -22.96 35.81
CA PHE B 234 4.51 -21.82 35.79
C PHE B 234 5.57 -22.00 34.73
N VAL B 235 5.58 -21.11 33.74
CA VAL B 235 6.60 -21.14 32.70
C VAL B 235 7.68 -20.07 32.92
N ILE B 236 8.94 -20.49 32.93
CA ILE B 236 10.04 -19.53 33.10
C ILE B 236 11.22 -19.81 32.21
N HIS B 237 12.02 -18.78 31.99
CA HIS B 237 13.08 -18.82 31.01
C HIS B 237 14.25 -18.21 31.75
N GLN B 238 15.03 -19.06 32.40
CA GLN B 238 16.11 -18.62 33.28
C GLN B 238 17.22 -19.67 33.36
N ASN B 239 18.34 -19.32 33.98
CA ASN B 239 19.41 -20.28 34.22
C ASN B 239 19.06 -21.18 35.37
N ARG B 240 19.17 -22.49 35.13
CA ARG B 240 18.88 -23.47 36.16
C ARG B 240 20.14 -24.05 36.84
N SER B 241 21.22 -24.17 36.06
CA SER B 241 22.51 -24.69 36.52
C SER B 241 23.30 -23.63 37.27
N LYS B 242 24.56 -23.91 37.63
CA LYS B 242 25.40 -22.90 38.28
C LYS B 242 26.33 -22.19 37.28
N HIS B 243 26.32 -20.86 37.31
CA HIS B 243 27.18 -20.04 36.45
C HIS B 243 28.05 -19.05 37.22
N GLY B 244 27.40 -18.10 37.89
CA GLY B 244 28.10 -17.22 38.81
C GLY B 244 27.70 -17.57 40.24
N SER B 245 27.80 -16.59 41.13
CA SER B 245 27.26 -16.74 42.48
C SER B 245 25.74 -16.60 42.40
N THR B 246 25.30 -15.58 41.68
CA THR B 246 23.87 -15.30 41.49
C THR B 246 23.42 -15.48 40.04
N ASN B 247 24.24 -16.08 39.19
CA ASN B 247 23.89 -16.20 37.77
C ASN B 247 22.87 -17.29 37.43
N PHE B 248 22.20 -17.82 38.45
CA PHE B 248 21.13 -18.78 38.22
C PHE B 248 20.00 -18.58 39.20
N ILE B 249 18.95 -19.39 39.05
CA ILE B 249 17.84 -19.30 39.98
C ILE B 249 17.56 -20.65 40.63
N PRO B 250 17.77 -20.73 41.95
CA PRO B 250 17.60 -21.99 42.66
C PRO B 250 16.14 -22.42 42.62
N GLU B 251 15.88 -23.67 42.25
CA GLU B 251 14.52 -24.17 42.26
C GLU B 251 13.80 -23.80 43.57
N GLN B 252 14.49 -23.84 44.70
CA GLN B 252 13.86 -23.51 46.01
C GLN B 252 13.21 -22.13 46.08
N PHE B 253 13.63 -21.21 45.22
CA PHE B 253 13.14 -19.84 45.28
C PHE B 253 11.68 -19.73 44.86
N LEU B 254 11.25 -20.65 44.00
CA LEU B 254 9.87 -20.65 43.47
C LEU B 254 8.83 -21.07 44.52
N ASP B 255 7.80 -20.26 44.71
CA ASP B 255 6.65 -20.60 45.56
C ASP B 255 6.25 -22.08 45.50
N ASP B 256 6.16 -22.72 46.65
CA ASP B 256 5.86 -24.16 46.66
C ASP B 256 4.42 -24.52 46.28
N PHE B 257 3.56 -23.54 46.10
CA PHE B 257 2.18 -23.84 45.73
C PHE B 257 2.05 -24.17 44.25
N ILE B 258 3.10 -23.93 43.51
CA ILE B 258 3.10 -24.24 42.08
C ILE B 258 3.05 -25.74 41.90
N ASP B 259 2.33 -26.19 40.90
CA ASP B 259 2.26 -27.62 40.64
C ASP B 259 3.29 -28.13 39.65
N LEU B 260 3.21 -27.66 38.41
CA LEU B 260 4.21 -27.96 37.38
C LEU B 260 4.97 -26.69 36.94
N VAL B 261 6.30 -26.78 36.81
CA VAL B 261 7.16 -25.71 36.27
C VAL B 261 7.73 -26.10 34.90
N ILE B 262 7.34 -25.42 33.82
CA ILE B 262 8.03 -25.58 32.54
C ILE B 262 9.25 -24.67 32.53
N TRP B 263 10.45 -25.24 32.53
CA TRP B 263 11.70 -24.47 32.61
C TRP B 263 12.34 -24.46 31.25
N GLY B 264 12.42 -23.28 30.65
CA GLY B 264 12.62 -23.17 29.22
C GLY B 264 13.91 -22.57 28.71
N HIS B 265 14.75 -22.05 29.59
CA HIS B 265 15.89 -21.37 29.04
C HIS B 265 16.97 -22.38 28.67
N GLU B 266 17.10 -23.42 29.49
CA GLU B 266 18.08 -24.48 29.29
C GLU B 266 17.78 -25.33 28.05
N HIS B 267 18.79 -25.53 27.23
CA HIS B 267 18.61 -26.21 25.95
C HIS B 267 18.60 -27.73 26.06
N GLU B 268 19.20 -28.28 27.13
CA GLU B 268 19.29 -29.74 27.29
C GLU B 268 17.94 -30.40 27.62
N CYS B 269 17.51 -31.34 26.78
CA CYS B 269 16.24 -32.04 27.04
C CYS B 269 16.14 -32.85 28.34
N LYS B 270 15.23 -32.44 29.20
CA LYS B 270 14.94 -33.11 30.47
C LYS B 270 13.41 -33.01 30.67
N ILE B 271 12.72 -33.38 29.59
CA ILE B 271 11.34 -33.01 29.44
C ILE B 271 10.45 -33.81 30.34
N ALA B 272 10.95 -34.96 30.79
CA ALA B 272 10.16 -35.82 31.66
C ALA B 272 10.13 -35.23 33.07
N PRO B 273 8.93 -34.87 33.55
CA PRO B 273 8.78 -34.13 34.80
C PRO B 273 9.48 -34.84 35.93
N THR B 274 10.21 -34.13 36.78
CA THR B 274 10.79 -34.77 37.94
C THR B 274 10.54 -33.94 39.20
N LYS B 275 10.27 -34.60 40.32
CA LYS B 275 9.87 -33.90 41.53
C LYS B 275 11.05 -33.21 42.21
N ASN B 276 10.83 -31.98 42.70
CA ASN B 276 11.85 -31.26 43.44
C ASN B 276 11.69 -31.59 44.91
N GLU B 277 12.75 -32.10 45.53
CA GLU B 277 12.59 -32.70 46.85
C GLU B 277 12.24 -31.72 47.97
N GLN B 278 12.65 -30.48 47.86
CA GLN B 278 12.26 -29.52 48.88
C GLN B 278 10.86 -28.92 48.61
N GLN B 279 10.57 -28.58 47.37
CA GLN B 279 9.34 -27.85 47.13
C GLN B 279 8.17 -28.82 46.79
N LEU B 280 8.52 -29.93 46.16
CA LEU B 280 7.54 -30.94 45.79
C LEU B 280 6.76 -30.74 44.50
N PHE B 281 6.92 -29.61 43.83
CA PHE B 281 6.38 -29.48 42.46
C PHE B 281 7.21 -30.31 41.47
N TYR B 282 6.68 -30.56 40.27
CA TYR B 282 7.50 -31.13 39.21
C TYR B 282 8.15 -30.02 38.36
N ILE B 283 9.35 -30.29 37.88
CA ILE B 283 9.97 -29.44 36.89
C ILE B 283 10.17 -30.21 35.60
N SER B 284 9.60 -29.68 34.51
CA SER B 284 9.88 -30.19 33.17
C SER B 284 10.73 -29.17 32.39
N GLN B 285 11.83 -29.63 31.83
CA GLN B 285 12.77 -28.81 31.09
C GLN B 285 12.83 -29.36 29.69
N PRO B 286 11.85 -29.00 28.86
CA PRO B 286 11.91 -29.49 27.48
C PRO B 286 13.23 -29.02 26.85
N GLY B 287 13.72 -29.77 25.87
CA GLY B 287 14.95 -29.33 25.24
C GLY B 287 14.73 -28.05 24.44
N SER B 288 15.70 -27.71 23.61
CA SER B 288 15.45 -26.80 22.50
C SER B 288 15.17 -27.73 21.33
N SER B 289 14.77 -27.21 20.18
CA SER B 289 14.51 -28.07 19.02
C SER B 289 15.57 -27.84 17.94
N VAL B 290 16.68 -27.22 18.34
CA VAL B 290 17.87 -27.09 17.50
C VAL B 290 19.08 -27.03 18.40
N VAL B 291 20.21 -27.51 17.89
CA VAL B 291 21.45 -27.42 18.66
C VAL B 291 22.13 -26.09 18.31
N THR B 292 22.29 -25.21 19.29
CA THR B 292 22.87 -23.90 19.00
C THR B 292 24.25 -23.75 19.63
N SER B 293 24.75 -24.85 20.18
CA SER B 293 26.03 -24.85 20.87
C SER B 293 26.43 -26.30 21.08
N LEU B 294 27.66 -26.66 20.74
CA LEU B 294 28.06 -28.07 20.82
C LEU B 294 28.52 -28.42 22.24
N SER B 295 27.54 -28.80 23.06
CA SER B 295 27.77 -29.08 24.47
C SER B 295 27.24 -30.47 24.81
N PRO B 296 27.68 -31.03 25.93
CA PRO B 296 27.19 -32.36 26.30
C PRO B 296 25.67 -32.37 26.31
N GLY B 297 25.10 -31.38 27.00
CA GLY B 297 23.66 -31.26 27.18
C GLY B 297 22.91 -31.23 25.87
N GLU B 298 23.45 -30.50 24.91
CA GLU B 298 22.75 -30.31 23.65
C GLU B 298 22.72 -31.60 22.82
N ALA B 299 23.54 -32.56 23.22
CA ALA B 299 23.64 -33.84 22.52
C ALA B 299 22.47 -34.80 22.86
N VAL B 300 21.87 -34.60 24.02
CA VAL B 300 20.70 -35.38 24.43
C VAL B 300 19.56 -35.22 23.43
N LYS B 301 18.95 -36.34 23.06
CA LYS B 301 17.94 -36.34 22.01
C LYS B 301 16.78 -35.37 22.30
N LYS B 302 16.54 -34.45 21.39
CA LYS B 302 15.48 -33.47 21.54
C LYS B 302 14.05 -34.06 21.58
N HIS B 303 13.22 -33.49 22.46
CA HIS B 303 11.80 -33.83 22.54
C HIS B 303 10.90 -32.61 22.74
N VAL B 304 9.67 -32.79 22.31
CA VAL B 304 8.53 -31.96 22.68
C VAL B 304 7.69 -32.74 23.73
N GLY B 305 6.80 -32.07 24.45
CA GLY B 305 5.94 -32.73 25.41
C GLY B 305 4.44 -32.73 25.11
N LEU B 306 3.76 -33.83 25.47
CA LEU B 306 2.30 -33.86 25.42
C LEU B 306 1.80 -33.93 26.86
N LEU B 307 1.17 -32.86 27.31
CA LEU B 307 0.89 -32.67 28.70
C LEU B 307 -0.63 -32.69 28.85
N ARG B 308 -1.11 -33.46 29.83
CA ARG B 308 -2.52 -33.58 30.12
C ARG B 308 -2.78 -33.08 31.51
N ILE B 309 -3.78 -32.22 31.67
CA ILE B 309 -4.17 -31.80 33.00
C ILE B 309 -5.65 -32.04 33.16
N LYS B 310 -6.00 -32.79 34.21
CA LYS B 310 -7.40 -33.03 34.57
C LYS B 310 -7.50 -32.68 36.05
N GLY B 311 -8.56 -31.96 36.39
CA GLY B 311 -8.68 -31.43 37.74
C GLY B 311 -7.44 -30.69 38.23
N ARG B 312 -6.64 -31.33 39.08
CA ARG B 312 -5.40 -30.74 39.62
C ARG B 312 -4.27 -31.74 39.54
N LYS B 313 -4.38 -32.66 38.59
CA LYS B 313 -3.39 -33.70 38.41
C LYS B 313 -3.01 -33.73 36.95
N MSE B 314 -1.77 -34.13 36.66
CA MSE B 314 -1.29 -34.06 35.29
C MSE B 314 -0.42 -35.24 34.93
O MSE B 314 -0.01 -36.03 35.78
CB MSE B 314 -0.53 -32.75 35.06
CG MSE B 314 0.74 -32.55 35.92
SE MSE B 314 2.37 -33.36 35.14
CE MSE B 314 3.66 -32.99 36.50
N ASN B 315 -0.14 -35.35 33.62
CA ASN B 315 0.75 -36.37 33.11
C ASN B 315 1.45 -35.86 31.86
N MSE B 316 2.69 -36.27 31.69
CA MSE B 316 3.51 -35.77 30.60
C MSE B 316 4.09 -36.87 29.70
O MSE B 316 5.08 -37.48 30.06
CB MSE B 316 4.66 -34.97 31.19
CG MSE B 316 5.69 -34.48 30.19
SE MSE B 316 5.36 -32.68 29.55
CE MSE B 316 6.00 -31.69 31.05
N HIS B 317 3.51 -37.09 28.54
CA HIS B 317 4.17 -37.93 27.55
C HIS B 317 5.20 -37.14 26.76
N LYS B 318 6.35 -37.75 26.52
CA LYS B 318 7.34 -37.15 25.66
C LYS B 318 7.27 -37.67 24.23
N ILE B 319 7.48 -36.78 23.27
CA ILE B 319 7.46 -37.14 21.85
C ILE B 319 8.79 -36.73 21.23
N PRO B 320 9.45 -37.66 20.53
CA PRO B 320 10.78 -37.35 20.01
C PRO B 320 10.63 -36.61 18.69
N LEU B 321 11.50 -35.64 18.45
CA LEU B 321 11.48 -34.87 17.21
C LEU B 321 12.42 -35.54 16.23
N HIS B 322 11.86 -35.92 15.08
CA HIS B 322 12.60 -36.73 14.12
C HIS B 322 13.36 -35.87 13.12
N THR B 323 12.91 -34.63 12.91
CA THR B 323 13.55 -33.75 11.94
C THR B 323 14.78 -33.03 12.49
N VAL B 324 15.14 -33.28 13.73
CA VAL B 324 16.29 -32.56 14.27
C VAL B 324 17.64 -33.11 13.79
N ARG B 325 18.44 -32.25 13.22
CA ARG B 325 19.79 -32.65 12.82
C ARG B 325 20.50 -33.40 13.98
N GLN B 326 21.01 -34.59 13.68
CA GLN B 326 21.72 -35.39 14.68
C GLN B 326 22.90 -34.61 15.22
N PHE B 327 23.30 -34.93 16.44
CA PHE B 327 24.51 -34.36 17.02
C PHE B 327 25.13 -35.41 17.90
N PHE B 328 26.20 -36.03 17.40
CA PHE B 328 26.96 -37.02 18.17
C PHE B 328 28.18 -36.36 18.78
N MSE B 329 28.52 -36.77 20.01
CA MSE B 329 29.67 -36.20 20.70
C MSE B 329 30.30 -37.19 21.66
O MSE B 329 29.59 -37.89 22.41
CB MSE B 329 29.26 -34.93 21.44
CG MSE B 329 30.06 -34.72 22.71
SE MSE B 329 30.10 -32.84 23.20
CE MSE B 329 31.13 -32.96 24.87
N GLU B 330 31.62 -37.22 21.65
CA GLU B 330 32.39 -38.12 22.51
C GLU B 330 33.54 -37.37 23.17
N ASP B 331 33.93 -37.82 24.36
CA ASP B 331 35.12 -37.28 25.00
C ASP B 331 36.27 -38.26 24.84
N ILE B 332 37.48 -37.71 24.81
CA ILE B 332 38.71 -38.50 24.79
C ILE B 332 39.78 -37.90 25.68
N VAL B 333 40.04 -38.56 26.81
CA VAL B 333 41.08 -38.15 27.73
C VAL B 333 42.35 -38.94 27.42
N LEU B 334 43.40 -38.22 27.02
CA LEU B 334 44.66 -38.84 26.63
C LEU B 334 45.39 -39.43 27.83
N ALA B 335 45.43 -38.69 28.93
CA ALA B 335 46.09 -39.12 30.16
C ALA B 335 45.56 -40.46 30.67
N ASN B 336 44.40 -40.88 30.18
CA ASN B 336 43.76 -42.12 30.64
C ASN B 336 44.34 -43.39 30.03
N HIS B 337 44.98 -43.25 28.88
CA HIS B 337 45.56 -44.41 28.20
C HIS B 337 47.03 -44.18 27.82
N PRO B 338 47.96 -44.53 28.74
CA PRO B 338 49.40 -44.44 28.48
C PRO B 338 49.91 -45.51 27.51
N ASP B 339 49.21 -46.64 27.41
CA ASP B 339 49.62 -47.75 26.55
C ASP B 339 49.48 -47.38 25.07
N ILE B 340 48.41 -46.65 24.76
CA ILE B 340 48.13 -46.26 23.38
C ILE B 340 48.83 -44.94 23.01
N PHE B 341 48.95 -44.03 23.98
CA PHE B 341 49.56 -42.73 23.75
C PHE B 341 50.71 -42.45 24.72
N ASN B 342 51.88 -42.10 24.16
CA ASN B 342 53.07 -41.82 24.97
C ASN B 342 53.37 -40.33 25.02
N PRO B 343 53.47 -39.77 26.23
CA PRO B 343 53.72 -38.33 26.45
C PRO B 343 54.92 -37.79 25.65
N ASP B 344 56.11 -38.36 25.87
CA ASP B 344 57.28 -38.01 25.06
C ASP B 344 57.44 -39.01 23.90
N ASN B 345 57.12 -38.55 22.70
CA ASN B 345 57.17 -39.39 21.50
C ASN B 345 56.80 -38.50 20.32
N PRO B 346 57.79 -38.19 19.47
CA PRO B 346 57.59 -37.28 18.33
C PRO B 346 56.56 -37.79 17.33
N LYS B 347 56.25 -39.08 17.38
CA LYS B 347 55.25 -39.65 16.48
C LYS B 347 53.93 -39.95 17.21
N VAL B 348 53.80 -39.42 18.43
CA VAL B 348 52.57 -39.60 19.22
C VAL B 348 51.47 -38.63 18.76
N THR B 349 51.86 -37.44 18.32
CA THR B 349 50.89 -36.46 17.80
C THR B 349 50.27 -36.98 16.51
N GLN B 350 50.95 -37.94 15.88
CA GLN B 350 50.46 -38.59 14.68
C GLN B 350 49.64 -39.84 15.02
N ALA B 351 49.98 -40.49 16.12
CA ALA B 351 49.27 -41.69 16.59
C ALA B 351 47.88 -41.34 17.11
N ILE B 352 47.81 -40.29 17.91
CA ILE B 352 46.55 -39.73 18.39
C ILE B 352 45.67 -39.36 17.21
N GLN B 353 46.18 -38.43 16.41
CA GLN B 353 45.52 -37.95 15.19
C GLN B 353 44.89 -39.08 14.36
N SER B 354 45.49 -40.26 14.39
CA SER B 354 45.03 -41.40 13.61
C SER B 354 43.85 -42.11 14.28
N PHE B 355 43.77 -41.98 15.60
CA PHE B 355 42.67 -42.57 16.37
C PHE B 355 41.42 -41.70 16.28
N CYS B 356 41.62 -40.39 16.31
CA CYS B 356 40.53 -39.42 16.15
C CYS B 356 39.77 -39.70 14.86
N LEU B 357 40.52 -39.89 13.77
CA LEU B 357 39.92 -40.22 12.48
C LEU B 357 39.07 -41.48 12.54
N GLU B 358 39.42 -42.40 13.45
CA GLU B 358 38.68 -43.64 13.62
C GLU B 358 37.42 -43.43 14.47
N LYS B 359 37.58 -42.72 15.59
CA LYS B 359 36.44 -42.37 16.44
C LYS B 359 35.40 -41.65 15.59
N ILE B 360 35.83 -40.54 14.96
CA ILE B 360 34.96 -39.78 14.07
C ILE B 360 34.37 -40.64 12.95
N GLU B 361 35.18 -41.56 12.43
CA GLU B 361 34.76 -42.42 11.32
C GLU B 361 33.60 -43.32 11.78
N GLU B 362 33.65 -43.76 13.03
CA GLU B 362 32.62 -44.64 13.56
C GLU B 362 31.35 -43.87 13.95
N MSE B 363 31.53 -42.70 14.57
CA MSE B 363 30.39 -41.84 14.92
C MSE B 363 29.57 -41.58 13.67
O MSE B 363 28.35 -41.75 13.67
CB MSE B 363 30.84 -40.52 15.51
CG MSE B 363 31.65 -40.63 16.79
SE MSE B 363 31.93 -38.87 17.65
CE MSE B 363 33.63 -39.27 18.55
N LEU B 364 30.27 -41.17 12.61
CA LEU B 364 29.64 -40.89 11.34
C LEU B 364 28.87 -42.09 10.82
N GLU B 365 29.39 -43.27 11.12
CA GLU B 365 28.76 -44.49 10.64
C GLU B 365 27.52 -44.87 11.46
N ASN B 366 27.63 -44.76 12.78
CA ASN B 366 26.48 -44.96 13.68
C ASN B 366 25.33 -44.01 13.32
N ALA B 367 25.71 -42.85 12.83
CA ALA B 367 24.75 -41.86 12.35
C ALA B 367 24.00 -42.40 11.13
N GLU B 368 24.75 -42.82 10.11
CA GLU B 368 24.15 -43.36 8.88
C GLU B 368 23.25 -44.54 9.22
N ARG B 369 23.56 -45.18 10.33
CA ARG B 369 22.80 -46.33 10.81
C ARG B 369 21.41 -45.90 11.29
N GLU B 370 21.37 -44.98 12.25
CA GLU B 370 20.09 -44.49 12.77
C GLU B 370 19.22 -43.87 11.66
N ARG B 371 19.85 -43.08 10.79
CA ARG B 371 19.14 -42.42 9.70
C ARG B 371 18.48 -43.42 8.75
N LEU B 372 18.63 -44.71 9.07
CA LEU B 372 18.06 -45.77 8.24
C LEU B 372 16.54 -45.80 8.38
N GLY B 373 16.05 -45.80 9.62
CA GLY B 373 14.62 -45.79 9.88
C GLY B 373 14.02 -44.39 9.84
N ASN B 374 14.91 -43.40 9.85
CA ASN B 374 14.51 -42.01 9.91
C ASN B 374 14.71 -41.27 8.59
N SER B 375 13.64 -41.12 7.82
CA SER B 375 13.74 -40.44 6.53
C SER B 375 13.63 -38.92 6.69
N HIS B 376 13.29 -38.49 7.91
CA HIS B 376 13.00 -37.08 8.16
C HIS B 376 14.25 -36.32 8.56
N GLN B 377 15.21 -37.03 9.13
CA GLN B 377 16.46 -36.42 9.62
C GLN B 377 17.33 -35.88 8.50
N PRO B 378 17.79 -34.64 8.65
CA PRO B 378 18.76 -34.11 7.69
C PRO B 378 20.03 -34.99 7.64
N GLU B 379 20.66 -35.00 6.46
CA GLU B 379 21.71 -35.96 6.12
C GLU B 379 23.04 -35.76 6.85
N LYS B 380 23.49 -34.51 6.99
CA LYS B 380 24.82 -34.26 7.53
C LYS B 380 24.87 -33.98 9.04
N PRO B 381 25.27 -35.00 9.84
CA PRO B 381 25.37 -34.93 11.30
C PRO B 381 26.26 -33.80 11.79
N LEU B 382 25.98 -33.30 12.98
CA LEU B 382 26.94 -32.46 13.68
C LEU B 382 27.80 -33.45 14.41
N VAL B 383 29.09 -33.17 14.51
CA VAL B 383 29.98 -34.08 15.23
C VAL B 383 31.01 -33.30 16.01
N ARG B 384 31.25 -33.71 17.25
CA ARG B 384 32.33 -33.10 18.00
C ARG B 384 33.13 -34.12 18.80
N LEU B 385 34.42 -33.84 18.91
CA LEU B 385 35.33 -34.65 19.70
C LEU B 385 36.06 -33.70 20.64
N ARG B 386 35.89 -33.94 21.94
CA ARG B 386 36.55 -33.15 22.98
C ARG B 386 37.83 -33.87 23.43
N VAL B 387 38.96 -33.17 23.34
CA VAL B 387 40.25 -33.77 23.66
C VAL B 387 40.96 -33.13 24.85
N ASP B 388 41.04 -33.87 25.94
CA ASP B 388 41.75 -33.42 27.13
C ASP B 388 43.19 -33.90 27.06
N TYR B 389 44.10 -32.98 26.81
CA TYR B 389 45.51 -33.35 26.64
C TYR B 389 46.35 -33.20 27.92
N SER B 390 45.70 -33.30 29.07
CA SER B 390 46.40 -33.25 30.35
C SER B 390 47.52 -34.29 30.43
N GLY B 391 48.70 -33.83 30.86
CA GLY B 391 49.87 -34.69 30.96
C GLY B 391 51.07 -34.09 30.27
N GLY B 392 51.26 -34.46 29.00
CA GLY B 392 52.36 -33.93 28.21
C GLY B 392 52.07 -34.04 26.74
N PHE B 393 50.87 -33.65 26.34
CA PHE B 393 50.46 -33.71 24.94
C PHE B 393 50.33 -32.31 24.34
N GLU B 394 50.02 -32.24 23.05
CA GLU B 394 49.91 -30.97 22.34
C GLU B 394 48.91 -31.05 21.18
N PRO B 395 48.21 -29.92 20.90
CA PRO B 395 47.19 -29.83 19.84
C PRO B 395 47.72 -30.13 18.44
N PHE B 396 46.85 -29.96 17.44
CA PHE B 396 47.20 -30.10 16.04
C PHE B 396 46.18 -29.37 15.18
N SER B 397 46.53 -29.15 13.91
CA SER B 397 45.66 -28.36 13.02
C SER B 397 44.40 -29.12 12.62
N VAL B 398 43.26 -28.43 12.73
CA VAL B 398 41.95 -28.98 12.38
C VAL B 398 41.73 -28.95 10.86
N LEU B 399 42.63 -28.28 10.15
CA LEU B 399 42.53 -28.13 8.69
C LEU B 399 42.40 -29.46 7.95
N ARG B 400 43.35 -30.37 8.17
CA ARG B 400 43.32 -31.68 7.53
C ARG B 400 42.01 -32.40 7.85
N PHE B 401 41.53 -32.21 9.08
CA PHE B 401 40.25 -32.76 9.52
C PHE B 401 39.07 -32.07 8.81
N SER B 402 39.01 -30.75 8.95
CA SER B 402 37.99 -29.96 8.26
C SER B 402 37.78 -30.45 6.83
N GLN B 403 38.89 -30.71 6.14
CA GLN B 403 38.85 -31.07 4.72
C GLN B 403 38.33 -32.49 4.48
N LYS B 404 38.88 -33.46 5.20
CA LYS B 404 38.58 -34.87 4.94
C LYS B 404 37.11 -35.22 5.18
N PHE B 405 36.42 -34.36 5.92
CA PHE B 405 35.02 -34.60 6.29
C PHE B 405 34.07 -33.57 5.69
N VAL B 406 34.59 -32.58 5.00
CA VAL B 406 33.79 -31.46 4.48
C VAL B 406 32.36 -31.79 4.05
N ASP B 407 32.16 -32.94 3.38
CA ASP B 407 30.83 -33.26 2.85
C ASP B 407 30.08 -34.35 3.62
N ARG B 408 30.64 -34.81 4.73
CA ARG B 408 29.99 -35.84 5.54
C ARG B 408 29.59 -35.32 6.93
N VAL B 409 29.91 -34.05 7.19
CA VAL B 409 29.66 -33.41 8.46
C VAL B 409 29.11 -31.99 8.21
N ALA B 410 28.28 -31.48 9.12
CA ALA B 410 27.70 -30.15 8.91
C ALA B 410 28.46 -29.07 9.65
N ASN B 411 29.48 -29.47 10.41
CA ASN B 411 30.36 -28.50 11.10
C ASN B 411 31.83 -28.84 10.85
N PRO B 412 32.24 -28.81 9.57
CA PRO B 412 33.61 -29.23 9.22
C PRO B 412 34.64 -28.49 10.05
N LYS B 413 34.43 -27.19 10.21
CA LYS B 413 35.37 -26.33 10.93
C LYS B 413 35.44 -26.68 12.42
N ASP B 414 34.28 -26.71 13.07
CA ASP B 414 34.20 -27.06 14.48
C ASP B 414 33.96 -28.56 14.63
N ILE B 415 35.02 -29.36 14.56
CA ILE B 415 34.85 -30.80 14.64
C ILE B 415 35.66 -31.36 15.80
N ILE B 416 36.38 -30.47 16.47
CA ILE B 416 37.32 -30.89 17.49
C ILE B 416 37.63 -29.77 18.48
N HIS B 417 37.99 -30.15 19.70
CA HIS B 417 38.21 -29.18 20.78
C HIS B 417 39.24 -29.69 21.79
N PHE B 418 40.08 -28.79 22.31
CA PHE B 418 41.13 -29.16 23.27
C PHE B 418 41.08 -28.36 24.59
N PHE B 419 41.62 -28.91 25.66
CA PHE B 419 41.64 -28.21 26.96
C PHE B 419 42.51 -28.90 28.02
N ARG B 420 42.78 -28.18 29.11
CA ARG B 420 43.56 -28.70 30.24
C ARG B 420 42.67 -29.09 31.42
N ASP C 28 19.20 -13.24 1.64
CA ASP C 28 19.82 -12.55 0.50
C ASP C 28 18.86 -12.46 -0.69
N ASP C 29 18.01 -13.47 -0.84
CA ASP C 29 17.02 -13.49 -1.88
C ASP C 29 16.01 -12.35 -1.75
N GLU C 30 15.90 -11.77 -0.56
CA GLU C 30 14.99 -10.64 -0.37
C GLU C 30 15.55 -9.34 -0.95
N ASN C 31 16.77 -9.41 -1.49
CA ASN C 31 17.32 -8.30 -2.22
C ASN C 31 17.47 -8.64 -3.71
N THR C 32 16.85 -9.75 -4.11
CA THR C 32 16.98 -10.20 -5.50
C THR C 32 15.65 -10.31 -6.24
N PHE C 33 15.56 -9.63 -7.39
CA PHE C 33 14.40 -9.73 -8.26
C PHE C 33 14.49 -11.03 -9.03
N LYS C 34 13.48 -11.89 -8.88
CA LYS C 34 13.31 -13.00 -9.80
C LYS C 34 12.24 -12.65 -10.87
N ILE C 35 12.65 -12.63 -12.13
CA ILE C 35 11.78 -12.22 -13.20
C ILE C 35 11.65 -13.23 -14.34
N LEU C 36 10.43 -13.67 -14.65
CA LEU C 36 10.21 -14.48 -15.85
C LEU C 36 10.08 -13.61 -17.11
N VAL C 37 10.89 -13.94 -18.13
CA VAL C 37 11.02 -13.07 -19.29
C VAL C 37 10.56 -13.81 -20.51
N ALA C 38 9.63 -13.22 -21.26
CA ALA C 38 9.04 -13.86 -22.43
C ALA C 38 8.59 -12.82 -23.45
N THR C 39 8.33 -13.25 -24.66
CA THR C 39 7.93 -12.30 -25.67
C THR C 39 7.32 -13.02 -26.85
N ASP C 40 6.44 -12.33 -27.56
CA ASP C 40 5.81 -12.85 -28.77
C ASP C 40 5.24 -14.20 -28.52
N ILE C 41 4.32 -14.24 -27.57
CA ILE C 41 3.60 -15.44 -27.18
C ILE C 41 2.54 -15.74 -28.23
N HIS C 42 2.08 -14.68 -28.90
CA HIS C 42 1.15 -14.79 -30.04
C HIS C 42 -0.16 -15.55 -29.78
N LEU C 43 -0.81 -15.21 -28.67
CA LEU C 43 -2.00 -15.88 -28.25
C LEU C 43 -3.07 -15.89 -29.35
N GLY C 44 -3.63 -17.06 -29.63
CA GLY C 44 -4.72 -17.18 -30.56
C GLY C 44 -4.26 -17.38 -31.99
N PHE C 45 -2.97 -17.53 -32.17
CA PHE C 45 -2.45 -17.75 -33.51
C PHE C 45 -2.95 -19.07 -34.04
N MSE C 46 -3.55 -19.00 -35.23
CA MSE C 46 -4.24 -20.14 -35.85
C MSE C 46 -5.21 -20.84 -34.91
O MSE C 46 -5.18 -22.07 -34.73
CB MSE C 46 -3.24 -21.13 -36.40
CG MSE C 46 -2.45 -20.58 -37.54
SE MSE C 46 -1.30 -21.97 -38.27
CE MSE C 46 -0.51 -20.85 -39.69
N GLU C 47 -6.08 -20.03 -34.31
CA GLU C 47 -6.97 -20.45 -33.27
C GLU C 47 -7.89 -21.51 -33.80
N LYS C 48 -8.31 -21.31 -35.04
CA LYS C 48 -9.34 -22.11 -35.67
C LYS C 48 -8.81 -23.38 -36.31
N ASP C 49 -7.53 -23.44 -36.65
CA ASP C 49 -6.95 -24.64 -37.24
C ASP C 49 -7.19 -25.84 -36.33
N ALA C 50 -7.48 -26.98 -36.94
CA ALA C 50 -7.84 -28.17 -36.17
C ALA C 50 -6.67 -28.70 -35.35
N VAL C 51 -5.50 -28.78 -35.95
CA VAL C 51 -4.31 -29.31 -35.31
C VAL C 51 -3.63 -28.34 -34.35
N ARG C 52 -3.32 -27.15 -34.84
CA ARG C 52 -2.47 -26.18 -34.15
C ARG C 52 -3.20 -25.17 -33.26
N GLY C 53 -4.52 -25.23 -33.28
CA GLY C 53 -5.31 -24.18 -32.67
C GLY C 53 -5.20 -24.03 -31.17
N ASN C 54 -4.71 -25.05 -30.47
CA ASN C 54 -4.58 -24.91 -29.03
C ASN C 54 -3.12 -24.69 -28.61
N ASP C 55 -2.21 -24.68 -29.59
CA ASP C 55 -0.79 -24.49 -29.34
C ASP C 55 -0.49 -23.38 -28.36
N THR C 56 -0.82 -22.15 -28.74
CA THR C 56 -0.40 -20.98 -27.99
C THR C 56 -0.96 -20.95 -26.58
N PHE C 57 -2.17 -21.48 -26.41
CA PHE C 57 -2.78 -21.52 -25.09
C PHE C 57 -2.11 -22.53 -24.17
N VAL C 58 -1.57 -23.61 -24.73
CA VAL C 58 -0.84 -24.57 -23.93
C VAL C 58 0.52 -24.03 -23.51
N THR C 59 1.24 -23.44 -24.47
CA THR C 59 2.54 -22.83 -24.22
C THR C 59 2.40 -21.70 -23.21
N LEU C 60 1.32 -20.92 -23.32
CA LEU C 60 1.08 -19.89 -22.31
C LEU C 60 0.91 -20.53 -20.93
N ASP C 61 0.23 -21.67 -20.88
CA ASP C 61 0.09 -22.42 -19.63
C ASP C 61 1.47 -22.80 -19.06
N GLU C 62 2.37 -23.26 -19.93
CA GLU C 62 3.70 -23.64 -19.48
C GLU C 62 4.40 -22.41 -18.90
N ILE C 63 4.42 -21.33 -19.67
CA ILE C 63 5.10 -20.11 -19.28
C ILE C 63 4.60 -19.64 -17.92
N LEU C 64 3.29 -19.55 -17.75
CA LEU C 64 2.75 -19.12 -16.47
C LEU C 64 3.07 -20.13 -15.37
N ARG C 65 3.00 -21.42 -15.68
CA ARG C 65 3.34 -22.44 -14.69
C ARG C 65 4.82 -22.32 -14.21
N LEU C 66 5.73 -22.10 -15.16
CA LEU C 66 7.11 -21.84 -14.80
C LEU C 66 7.19 -20.62 -13.88
N ALA C 67 6.48 -19.55 -14.25
CA ALA C 67 6.45 -18.34 -13.44
C ALA C 67 6.16 -18.69 -12.00
N GLN C 68 5.17 -19.54 -11.80
CA GLN C 68 4.69 -19.88 -10.47
C GLN C 68 5.64 -20.82 -9.74
N GLU C 69 6.07 -21.90 -10.40
CA GLU C 69 7.07 -22.80 -9.82
C GLU C 69 8.31 -22.06 -9.30
N ASN C 70 8.91 -21.23 -10.16
CA ASN C 70 10.04 -20.41 -9.74
C ASN C 70 9.71 -19.27 -8.81
N GLU C 71 8.51 -19.25 -8.23
CA GLU C 71 8.06 -18.17 -7.34
C GLU C 71 8.64 -16.80 -7.72
N VAL C 72 8.49 -16.50 -9.00
CA VAL C 72 8.99 -15.29 -9.62
C VAL C 72 8.37 -14.02 -8.98
N ASP C 73 9.07 -12.91 -9.04
CA ASP C 73 8.55 -11.67 -8.51
C ASP C 73 7.51 -11.03 -9.42
N PHE C 74 7.77 -11.11 -10.74
CA PHE C 74 6.82 -10.66 -11.74
C PHE C 74 7.21 -11.15 -13.15
N ILE C 75 6.24 -11.21 -14.05
CA ILE C 75 6.52 -11.62 -15.42
C ILE C 75 6.76 -10.39 -16.29
N LEU C 76 7.67 -10.49 -17.26
CA LEU C 76 8.03 -9.34 -18.09
C LEU C 76 8.04 -9.74 -19.57
N LEU C 77 7.09 -9.18 -20.33
CA LEU C 77 6.85 -9.57 -21.72
C LEU C 77 7.28 -8.49 -22.71
N GLY C 78 7.78 -8.90 -23.88
CA GLY C 78 8.35 -7.96 -24.80
C GLY C 78 7.52 -7.62 -26.01
N GLY C 79 6.21 -7.88 -25.94
CA GLY C 79 5.30 -7.61 -27.05
C GLY C 79 4.60 -8.81 -27.67
N ASP C 80 3.64 -8.50 -28.54
CA ASP C 80 2.85 -9.49 -29.29
C ASP C 80 2.24 -10.62 -28.44
N LEU C 81 1.72 -10.27 -27.28
CA LEU C 81 1.05 -11.23 -26.40
C LEU C 81 -0.08 -11.87 -27.14
N PHE C 82 -0.85 -11.05 -27.86
CA PHE C 82 -1.99 -11.52 -28.65
C PHE C 82 -1.64 -11.46 -30.13
N HIS C 83 -1.97 -12.51 -30.85
CA HIS C 83 -1.71 -12.54 -32.28
C HIS C 83 -2.50 -11.50 -33.05
N GLU C 84 -3.70 -11.18 -32.57
CA GLU C 84 -4.58 -10.22 -33.24
C GLU C 84 -4.85 -9.04 -32.34
N ASN C 85 -4.86 -7.81 -32.87
CA ASN C 85 -5.14 -6.65 -32.02
C ASN C 85 -6.59 -6.54 -31.50
N LYS C 86 -7.47 -7.36 -32.07
CA LYS C 86 -8.82 -7.52 -31.53
C LYS C 86 -9.02 -8.99 -31.30
N PRO C 87 -8.49 -9.52 -30.18
CA PRO C 87 -8.60 -10.93 -29.81
C PRO C 87 -10.05 -11.46 -29.81
N SER C 88 -10.23 -12.64 -30.37
CA SER C 88 -11.48 -13.37 -30.20
C SER C 88 -11.91 -13.56 -28.72
N ARG C 89 -13.20 -13.56 -28.44
CA ARG C 89 -13.68 -13.88 -27.09
C ARG C 89 -12.97 -15.12 -26.53
N LYS C 90 -12.81 -16.13 -27.35
CA LYS C 90 -12.20 -17.37 -26.89
C LYS C 90 -10.76 -17.09 -26.42
N THR C 91 -9.95 -16.50 -27.31
CA THR C 91 -8.60 -16.13 -26.96
C THR C 91 -8.58 -15.38 -25.64
N LEU C 92 -9.28 -14.26 -25.61
CA LEU C 92 -9.29 -13.39 -24.44
C LEU C 92 -9.77 -14.04 -23.15
N HIS C 93 -10.66 -15.01 -23.24
CA HIS C 93 -11.17 -15.66 -22.05
C HIS C 93 -10.20 -16.72 -21.58
N THR C 94 -9.65 -17.50 -22.50
CA THR C 94 -8.68 -18.51 -22.16
C THR C 94 -7.54 -17.83 -21.41
N CYS C 95 -7.10 -16.71 -21.96
CA CYS C 95 -5.99 -15.98 -21.40
C CYS C 95 -6.29 -15.56 -19.96
N LEU C 96 -7.41 -14.87 -19.77
CA LEU C 96 -7.83 -14.46 -18.44
C LEU C 96 -7.97 -15.63 -17.48
N GLU C 97 -8.39 -16.78 -17.99
CA GLU C 97 -8.54 -17.95 -17.12
C GLU C 97 -7.18 -18.35 -16.60
N LEU C 98 -6.23 -18.50 -17.53
CA LEU C 98 -4.84 -18.83 -17.21
C LEU C 98 -4.22 -17.82 -16.25
N LEU C 99 -4.30 -16.54 -16.58
CA LEU C 99 -3.79 -15.54 -15.64
C LEU C 99 -4.41 -15.72 -14.27
N ARG C 100 -5.74 -15.82 -14.22
CA ARG C 100 -6.45 -16.06 -12.96
C ARG C 100 -5.86 -17.26 -12.20
N LYS C 101 -5.58 -18.34 -12.92
CA LYS C 101 -5.06 -19.56 -12.33
C LYS C 101 -3.66 -19.46 -11.70
N TYR C 102 -2.71 -18.92 -12.46
CA TYR C 102 -1.30 -18.94 -12.04
C TYR C 102 -0.79 -17.65 -11.41
N CYS C 103 -1.47 -16.53 -11.64
CA CYS C 103 -0.99 -15.25 -11.10
C CYS C 103 -1.59 -14.83 -9.76
N MSE C 104 -2.57 -15.58 -9.26
CA MSE C 104 -3.12 -15.33 -7.93
C MSE C 104 -2.68 -16.39 -6.94
O MSE C 104 -2.41 -17.52 -7.33
CB MSE C 104 -4.62 -15.33 -7.98
CG MSE C 104 -5.20 -14.71 -9.22
SE MSE C 104 -6.96 -13.98 -8.87
CE MSE C 104 -6.39 -12.41 -7.86
N GLY C 105 -2.63 -16.03 -5.67
CA GLY C 105 -2.20 -16.95 -4.64
C GLY C 105 -1.94 -16.32 -3.29
N ASP C 106 -1.40 -17.12 -2.39
CA ASP C 106 -1.23 -16.71 -1.00
C ASP C 106 -0.14 -15.65 -0.86
N ARG C 107 1.00 -15.88 -1.49
CA ARG C 107 2.15 -15.01 -1.25
C ARG C 107 1.92 -13.62 -1.79
N PRO C 108 2.26 -12.62 -0.97
CA PRO C 108 2.10 -11.20 -1.30
C PRO C 108 3.19 -10.77 -2.26
N VAL C 109 2.91 -9.74 -3.03
CA VAL C 109 3.93 -9.18 -3.89
C VAL C 109 5.04 -8.61 -3.01
N GLN C 110 6.28 -8.94 -3.33
CA GLN C 110 7.39 -8.59 -2.45
C GLN C 110 8.18 -7.35 -2.85
N PHE C 111 7.78 -6.68 -3.92
CA PHE C 111 8.47 -5.46 -4.34
C PHE C 111 7.47 -4.32 -4.41
N GLU C 112 7.96 -3.10 -4.60
CA GLU C 112 7.02 -2.01 -4.74
C GLU C 112 7.33 -1.06 -5.91
N ILE C 113 6.29 -0.41 -6.42
CA ILE C 113 6.43 0.54 -7.49
C ILE C 113 6.58 1.92 -6.87
N LEU C 114 7.71 2.58 -7.13
CA LEU C 114 7.92 3.92 -6.60
C LEU C 114 7.36 4.97 -7.54
N SER C 115 7.09 4.56 -8.77
CA SER C 115 6.41 5.41 -9.74
C SER C 115 4.93 5.60 -9.33
N ASP C 116 4.07 6.05 -10.23
CA ASP C 116 2.69 6.36 -9.84
C ASP C 116 1.73 5.17 -9.74
N GLN C 117 1.20 4.76 -10.89
CA GLN C 117 -0.02 3.95 -10.95
C GLN C 117 0.19 2.51 -11.44
N SER C 118 -0.80 1.68 -11.13
CA SER C 118 -0.85 0.26 -11.53
C SER C 118 -0.08 -0.69 -10.58
N ASN C 135 -11.45 -12.50 -1.88
CA ASN C 135 -10.69 -13.63 -1.36
C ASN C 135 -9.46 -13.85 -2.25
N LEU C 136 -9.02 -12.77 -2.88
CA LEU C 136 -8.25 -12.84 -4.13
C LEU C 136 -7.00 -11.95 -4.13
N ASN C 137 -5.83 -12.57 -4.07
CA ASN C 137 -4.56 -11.84 -4.10
C ASN C 137 -3.78 -12.02 -5.40
N ILE C 138 -3.12 -10.95 -5.87
CA ILE C 138 -2.23 -11.07 -7.02
C ILE C 138 -0.82 -11.31 -6.54
N SER C 139 -0.25 -12.44 -6.91
CA SER C 139 1.08 -12.77 -6.42
C SER C 139 2.15 -12.66 -7.50
N ILE C 140 1.72 -12.64 -8.75
CA ILE C 140 2.64 -12.49 -9.88
C ILE C 140 2.15 -11.45 -10.88
N PRO C 141 2.56 -10.19 -10.71
CA PRO C 141 2.24 -9.15 -11.70
C PRO C 141 2.85 -9.45 -13.06
N VAL C 142 2.22 -8.95 -14.11
CA VAL C 142 2.78 -9.05 -15.45
C VAL C 142 3.02 -7.67 -16.03
N PHE C 143 4.27 -7.37 -16.38
CA PHE C 143 4.57 -6.09 -17.00
C PHE C 143 4.75 -6.33 -18.49
N SER C 144 4.03 -5.59 -19.32
CA SER C 144 4.19 -5.82 -20.75
C SER C 144 4.17 -4.56 -21.60
N ILE C 145 4.77 -4.67 -22.78
CA ILE C 145 4.64 -3.63 -23.77
C ILE C 145 3.79 -4.16 -24.92
N HIS C 146 3.32 -3.28 -25.81
CA HIS C 146 2.56 -3.76 -26.96
C HIS C 146 3.54 -3.98 -28.13
N GLY C 147 3.25 -5.00 -28.96
CA GLY C 147 4.00 -5.25 -30.18
C GLY C 147 3.30 -4.58 -31.34
N ASN C 148 3.60 -5.01 -32.56
CA ASN C 148 2.99 -4.55 -33.83
C ASN C 148 1.65 -5.32 -34.04
N HIS C 149 1.53 -6.56 -33.53
CA HIS C 149 0.25 -7.28 -33.56
C HIS C 149 -0.78 -6.84 -32.49
N ASP C 150 -0.43 -6.93 -31.22
CA ASP C 150 -1.33 -6.47 -30.17
C ASP C 150 -1.23 -4.95 -30.00
N ASP C 151 -1.08 -4.22 -31.10
CA ASP C 151 -0.99 -2.74 -31.00
C ASP C 151 -2.32 -2.03 -30.75
N PRO C 152 -2.27 -0.70 -30.48
CA PRO C 152 -3.50 0.05 -30.16
C PRO C 152 -4.46 0.15 -31.33
N THR C 153 -5.76 0.15 -31.04
CA THR C 153 -6.78 0.08 -32.09
C THR C 153 -8.15 0.44 -31.53
N GLY C 154 -9.17 0.56 -32.39
CA GLY C 154 -10.54 0.87 -31.97
C GLY C 154 -10.94 2.32 -31.71
N ALA C 155 -12.18 2.52 -31.31
CA ALA C 155 -12.64 3.88 -31.06
C ALA C 155 -11.86 4.57 -29.96
N ASP C 156 -11.46 3.80 -28.94
CA ASP C 156 -10.68 4.35 -27.82
C ASP C 156 -9.17 4.23 -27.96
N ALA C 157 -8.73 3.55 -29.02
CA ALA C 157 -7.31 3.47 -29.32
C ALA C 157 -6.56 2.76 -28.19
N LEU C 158 -7.21 1.78 -27.58
CA LEU C 158 -6.62 0.92 -26.57
C LEU C 158 -5.90 -0.30 -27.19
N CYS C 159 -5.40 -1.19 -26.34
CA CYS C 159 -4.66 -2.39 -26.76
C CYS C 159 -5.29 -3.55 -26.07
N ALA C 160 -5.17 -4.74 -26.64
CA ALA C 160 -5.58 -5.90 -25.87
C ALA C 160 -5.02 -5.87 -24.42
N LEU C 161 -3.73 -5.58 -24.23
CA LEU C 161 -3.19 -5.52 -22.86
C LEU C 161 -4.09 -4.70 -21.94
N ASP C 162 -4.59 -3.58 -22.44
CA ASP C 162 -5.42 -2.70 -21.64
C ASP C 162 -6.67 -3.40 -21.09
N ILE C 163 -7.18 -4.39 -21.81
CA ILE C 163 -8.27 -5.18 -21.32
C ILE C 163 -7.75 -5.98 -20.15
N LEU C 164 -6.68 -6.75 -20.39
CA LEU C 164 -5.98 -7.49 -19.33
C LEU C 164 -5.70 -6.61 -18.11
N SER C 165 -5.05 -5.47 -18.34
CA SER C 165 -4.81 -4.48 -17.30
C SER C 165 -6.09 -4.18 -16.49
N CYS C 166 -7.21 -4.04 -17.19
CA CYS C 166 -8.50 -3.75 -16.56
C CYS C 166 -8.95 -4.90 -15.63
N ALA C 167 -8.76 -6.14 -16.06
CA ALA C 167 -9.10 -7.29 -15.26
C ALA C 167 -8.19 -7.43 -14.03
N GLY C 168 -7.09 -6.68 -14.03
CA GLY C 168 -6.18 -6.63 -12.89
C GLY C 168 -4.87 -7.38 -13.02
N PHE C 169 -4.68 -8.08 -14.14
CA PHE C 169 -3.53 -8.94 -14.28
C PHE C 169 -2.27 -8.32 -14.93
N VAL C 170 -2.44 -7.23 -15.66
CA VAL C 170 -1.31 -6.72 -16.43
C VAL C 170 -1.01 -5.26 -16.19
N ASN C 171 0.27 -4.94 -16.27
CA ASN C 171 0.71 -3.55 -16.22
C ASN C 171 1.28 -3.15 -17.57
N HIS C 172 0.46 -2.48 -18.37
CA HIS C 172 0.91 -2.01 -19.66
C HIS C 172 1.83 -0.80 -19.44
N PHE C 173 3.08 -0.92 -19.85
CA PHE C 173 4.00 0.20 -19.77
C PHE C 173 4.69 0.38 -21.11
N GLY C 174 5.31 1.53 -21.32
CA GLY C 174 6.17 1.69 -22.48
C GLY C 174 5.56 2.38 -23.66
N ARG C 175 4.23 2.50 -23.66
CA ARG C 175 3.50 3.14 -24.74
C ARG C 175 3.71 4.65 -24.87
N SER C 176 4.22 5.06 -26.04
CA SER C 176 4.58 6.44 -26.26
C SER C 176 3.39 7.18 -26.82
N MSE C 177 3.33 8.47 -26.52
CA MSE C 177 2.27 9.32 -27.06
C MSE C 177 2.77 10.22 -28.18
O MSE C 177 2.24 10.21 -29.29
CB MSE C 177 1.68 10.18 -25.95
CG MSE C 177 0.53 9.51 -25.24
SE MSE C 177 0.44 10.11 -23.41
CE MSE C 177 2.15 9.40 -22.77
N SER C 178 3.79 11.00 -27.86
CA SER C 178 4.16 12.10 -28.74
C SER C 178 4.48 11.73 -30.18
N VAL C 179 4.29 12.76 -30.99
CA VAL C 179 4.31 12.67 -32.42
C VAL C 179 5.66 13.16 -32.88
N GLU C 180 6.06 14.28 -32.29
CA GLU C 180 7.29 14.96 -32.67
C GLU C 180 8.52 14.33 -32.00
N LYS C 181 8.45 14.12 -30.69
CA LYS C 181 9.58 13.58 -29.95
C LYS C 181 9.13 12.45 -29.03
N ILE C 182 9.98 11.45 -28.81
CA ILE C 182 9.69 10.39 -27.84
C ILE C 182 10.47 10.58 -26.56
N ASP C 183 9.77 10.84 -25.49
CA ASP C 183 10.39 10.85 -24.17
C ASP C 183 10.02 9.58 -23.41
N ILE C 184 10.99 8.71 -23.16
CA ILE C 184 10.73 7.49 -22.41
C ILE C 184 10.99 7.62 -20.91
N SER C 185 9.97 7.36 -20.11
CA SER C 185 10.10 7.41 -18.64
C SER C 185 10.07 6.03 -18.03
N PRO C 186 10.88 5.84 -16.98
CA PRO C 186 11.03 4.51 -16.38
C PRO C 186 10.00 4.25 -15.31
N VAL C 187 9.42 3.05 -15.34
CA VAL C 187 8.71 2.55 -14.19
C VAL C 187 9.77 2.24 -13.12
N LEU C 188 9.61 2.75 -11.90
CA LEU C 188 10.62 2.53 -10.86
C LEU C 188 10.21 1.41 -9.90
N LEU C 189 10.90 0.28 -10.01
CA LEU C 189 10.68 -0.80 -9.08
C LEU C 189 11.79 -0.82 -8.03
N GLN C 190 11.45 -1.36 -6.86
CA GLN C 190 12.41 -1.51 -5.77
C GLN C 190 12.06 -2.75 -4.96
N LYS C 191 13.06 -3.59 -4.75
CA LYS C 191 12.90 -4.76 -3.88
C LYS C 191 14.05 -4.75 -2.91
N GLY C 192 13.72 -4.79 -1.62
CA GLY C 192 14.72 -4.55 -0.60
C GLY C 192 15.59 -3.37 -0.99
N SER C 193 16.88 -3.63 -1.11
CA SER C 193 17.84 -2.57 -1.39
C SER C 193 18.11 -2.40 -2.87
N THR C 194 17.55 -3.27 -3.71
CA THR C 194 17.90 -3.18 -5.13
C THR C 194 16.79 -2.56 -6.00
N LYS C 195 17.22 -1.72 -6.94
CA LYS C 195 16.30 -0.81 -7.59
C LYS C 195 16.38 -0.91 -9.11
N ILE C 196 15.26 -1.31 -9.73
CA ILE C 196 15.17 -1.38 -11.19
C ILE C 196 14.49 -0.14 -11.80
N ALA C 197 15.12 0.43 -12.81
CA ALA C 197 14.48 1.48 -13.57
C ALA C 197 14.11 0.84 -14.90
N LEU C 198 12.84 0.44 -15.01
CA LEU C 198 12.31 -0.31 -16.14
C LEU C 198 11.76 0.58 -17.25
N TYR C 199 12.44 0.57 -18.39
CA TYR C 199 12.08 1.41 -19.53
C TYR C 199 11.41 0.57 -20.61
N GLY C 200 10.33 1.09 -21.18
CA GLY C 200 9.64 0.39 -22.24
C GLY C 200 9.44 1.24 -23.47
N LEU C 201 9.29 0.58 -24.61
CA LEU C 201 8.84 1.27 -25.82
C LEU C 201 7.91 0.35 -26.56
N GLY C 202 6.62 0.68 -26.51
CA GLY C 202 5.61 -0.08 -27.26
C GLY C 202 5.90 0.05 -28.73
N SER C 203 5.65 -1.01 -29.50
CA SER C 203 6.08 -1.04 -30.91
C SER C 203 5.77 0.22 -31.71
N ILE C 204 6.74 0.66 -32.49
CA ILE C 204 6.58 1.79 -33.39
C ILE C 204 7.07 1.35 -34.74
N PRO C 205 6.44 1.85 -35.80
CA PRO C 205 6.92 1.50 -37.14
C PRO C 205 8.37 1.90 -37.30
N ASP C 206 9.23 0.96 -37.63
CA ASP C 206 10.68 1.17 -37.63
C ASP C 206 11.14 2.41 -38.39
N GLU C 207 10.66 2.61 -39.61
CA GLU C 207 11.03 3.81 -40.34
C GLU C 207 10.95 5.09 -39.46
N ARG C 208 9.82 5.30 -38.79
CA ARG C 208 9.63 6.48 -37.94
C ARG C 208 10.64 6.53 -36.83
N LEU C 209 10.84 5.40 -36.15
CA LEU C 209 11.70 5.37 -34.97
C LEU C 209 13.15 5.66 -35.36
N TYR C 210 13.62 5.06 -36.45
CA TYR C 210 14.93 5.37 -37.00
C TYR C 210 15.11 6.88 -37.22
N ARG C 211 14.17 7.46 -37.95
CA ARG C 211 14.19 8.91 -38.19
C ARG C 211 14.30 9.68 -36.87
N MSE C 212 13.49 9.30 -35.89
CA MSE C 212 13.48 9.94 -34.57
C MSE C 212 14.84 9.89 -33.87
O MSE C 212 15.26 10.87 -33.24
CB MSE C 212 12.46 9.23 -33.68
CG MSE C 212 11.06 9.12 -34.23
SE MSE C 212 9.89 10.39 -33.34
CE MSE C 212 10.82 11.99 -33.96
N PHE C 213 15.49 8.73 -33.94
CA PHE C 213 16.80 8.55 -33.33
C PHE C 213 17.80 9.46 -34.02
N VAL C 214 17.79 9.41 -35.35
CA VAL C 214 18.72 10.22 -36.14
C VAL C 214 18.57 11.70 -35.81
N ASN C 215 17.32 12.16 -35.72
CA ASN C 215 17.06 13.55 -35.42
C ASN C 215 17.19 13.92 -33.94
N LYS C 216 17.78 13.03 -33.15
CA LYS C 216 17.98 13.27 -31.72
C LYS C 216 16.67 13.65 -31.02
N LYS C 217 15.61 12.91 -31.26
CA LYS C 217 14.31 13.20 -30.64
C LYS C 217 13.86 12.12 -29.65
N VAL C 218 14.56 10.99 -29.65
CA VAL C 218 14.32 9.95 -28.67
C VAL C 218 15.23 10.17 -27.48
N THR C 219 14.64 10.50 -26.34
CA THR C 219 15.43 10.79 -25.15
C THR C 219 14.90 10.04 -23.91
N MSE C 220 15.80 9.50 -23.10
CA MSE C 220 15.39 8.66 -21.98
C MSE C 220 15.61 9.35 -20.65
O MSE C 220 16.74 9.50 -20.20
CB MSE C 220 16.17 7.35 -21.97
CG MSE C 220 16.28 6.74 -23.31
SE MSE C 220 16.01 4.84 -23.31
CE MSE C 220 17.05 4.53 -24.97
N LEU C 221 14.53 9.77 -20.01
CA LEU C 221 14.64 10.42 -18.72
C LEU C 221 15.23 9.50 -17.66
N ARG C 222 16.28 9.96 -17.00
CA ARG C 222 16.86 9.18 -15.91
C ARG C 222 16.18 9.62 -14.61
N PRO C 223 16.03 8.70 -13.64
CA PRO C 223 15.33 9.03 -12.40
C PRO C 223 15.86 10.29 -11.73
N LYS C 224 15.02 10.93 -10.93
CA LYS C 224 15.41 12.15 -10.23
C LYS C 224 16.42 11.83 -9.13
N GLU C 225 16.10 10.84 -8.30
CA GLU C 225 16.85 10.52 -7.11
C GLU C 225 17.93 9.48 -7.33
N ASP C 226 19.18 9.91 -7.43
CA ASP C 226 20.31 8.98 -7.43
C ASP C 226 20.40 8.18 -8.71
N GLU C 227 20.65 8.85 -9.83
CA GLU C 227 20.74 8.19 -11.14
C GLU C 227 21.44 6.84 -11.07
N ASN C 228 22.51 6.77 -10.28
CA ASN C 228 23.41 5.64 -10.34
C ASN C 228 23.00 4.46 -9.50
N SER C 229 21.97 4.62 -8.69
CA SER C 229 21.55 3.54 -7.80
C SER C 229 20.81 2.46 -8.55
N TRP C 230 20.42 2.74 -9.80
CA TRP C 230 19.45 1.90 -10.48
C TRP C 230 20.08 0.94 -11.47
N PHE C 231 19.54 -0.27 -11.51
CA PHE C 231 19.71 -1.15 -12.66
C PHE C 231 18.80 -0.71 -13.81
N ASN C 232 19.38 -0.44 -14.97
CA ASN C 232 18.62 0.11 -16.10
C ASN C 232 18.17 -0.93 -17.13
N LEU C 233 16.89 -1.26 -17.11
CA LEU C 233 16.35 -2.32 -17.92
C LEU C 233 15.48 -1.74 -19.04
N PHE C 234 15.66 -2.20 -20.27
CA PHE C 234 14.93 -1.61 -21.42
C PHE C 234 14.26 -2.64 -22.30
N VAL C 235 12.93 -2.62 -22.38
CA VAL C 235 12.20 -3.56 -23.25
C VAL C 235 11.74 -2.91 -24.56
N ILE C 236 12.14 -3.46 -25.69
CA ILE C 236 11.69 -2.92 -26.97
C ILE C 236 11.25 -3.98 -27.95
N HIS C 237 10.44 -3.56 -28.92
CA HIS C 237 9.78 -4.46 -29.86
C HIS C 237 9.99 -3.83 -31.20
N GLN C 238 11.09 -4.19 -31.88
CA GLN C 238 11.51 -3.56 -33.14
C GLN C 238 12.35 -4.51 -33.99
N ASN C 239 12.64 -4.10 -35.21
CA ASN C 239 13.51 -4.89 -36.06
C ASN C 239 14.96 -4.75 -35.65
N ARG C 240 15.64 -5.88 -35.45
CA ARG C 240 17.05 -5.88 -35.07
C ARG C 240 18.00 -6.14 -36.26
N SER C 241 17.54 -6.95 -37.21
CA SER C 241 18.33 -7.36 -38.36
C SER C 241 18.22 -6.30 -39.44
N LYS C 242 18.78 -6.55 -40.62
CA LYS C 242 18.66 -5.60 -41.73
C LYS C 242 17.49 -5.94 -42.67
N HIS C 243 16.65 -4.94 -42.96
CA HIS C 243 15.53 -5.11 -43.88
C HIS C 243 15.54 -4.09 -45.01
N GLY C 244 15.38 -2.82 -44.65
CA GLY C 244 15.53 -1.74 -45.60
C GLY C 244 16.81 -0.98 -45.30
N SER C 245 16.86 0.28 -45.71
CA SER C 245 17.94 1.16 -45.30
C SER C 245 17.71 1.56 -43.85
N THR C 246 16.47 1.96 -43.56
CA THR C 246 16.06 2.36 -42.21
C THR C 246 15.04 1.42 -41.56
N ASN C 247 14.83 0.24 -42.14
CA ASN C 247 13.82 -0.67 -41.63
C ASN C 247 14.22 -1.43 -40.37
N PHE C 248 15.30 -1.00 -39.72
CA PHE C 248 15.69 -1.61 -38.46
C PHE C 248 16.22 -0.56 -37.53
N ILE C 249 16.58 -0.99 -36.33
CA ILE C 249 17.19 -0.10 -35.36
C ILE C 249 18.53 -0.64 -34.90
N PRO C 250 19.59 0.11 -35.20
CA PRO C 250 20.94 -0.33 -34.85
C PRO C 250 21.12 -0.34 -33.34
N GLU C 251 21.67 -1.42 -32.79
CA GLU C 251 21.92 -1.48 -31.37
C GLU C 251 22.61 -0.20 -30.87
N GLN C 252 23.55 0.33 -31.63
CA GLN C 252 24.26 1.56 -31.25
C GLN C 252 23.36 2.74 -30.87
N PHE C 253 22.16 2.81 -31.44
CA PHE C 253 21.28 3.97 -31.22
C PHE C 253 20.79 4.09 -29.78
N LEU C 254 20.68 2.95 -29.09
CA LEU C 254 20.24 2.94 -27.71
C LEU C 254 21.26 3.55 -26.71
N ASP C 255 20.78 4.46 -25.85
CA ASP C 255 21.58 5.03 -24.76
C ASP C 255 22.49 4.01 -24.08
N ASP C 256 23.78 4.32 -23.98
CA ASP C 256 24.72 3.35 -23.41
C ASP C 256 24.58 3.15 -21.89
N PHE C 257 23.78 3.98 -21.24
CA PHE C 257 23.62 3.84 -19.80
C PHE C 257 22.75 2.66 -19.45
N ILE C 258 22.08 2.09 -20.45
CA ILE C 258 21.18 0.98 -20.23
C ILE C 258 21.99 -0.25 -19.88
N ASP C 259 21.50 -1.04 -18.94
CA ASP C 259 22.23 -2.23 -18.54
C ASP C 259 21.84 -3.48 -19.35
N LEU C 260 20.59 -3.90 -19.26
CA LEU C 260 20.08 -5.03 -20.04
C LEU C 260 18.99 -4.58 -20.98
N VAL C 261 19.03 -5.04 -22.23
CA VAL C 261 17.95 -4.76 -23.21
C VAL C 261 17.17 -6.03 -23.57
N ILE C 262 15.89 -6.11 -23.22
CA ILE C 262 15.06 -7.22 -23.71
C ILE C 262 14.53 -6.85 -25.08
N TRP C 263 14.96 -7.57 -26.12
CA TRP C 263 14.59 -7.24 -27.49
C TRP C 263 13.59 -8.26 -27.99
N GLY C 264 12.39 -7.79 -28.30
CA GLY C 264 11.24 -8.65 -28.31
C GLY C 264 10.53 -8.85 -29.62
N HIS C 265 10.92 -8.13 -30.64
CA HIS C 265 10.11 -8.27 -31.84
C HIS C 265 10.54 -9.48 -32.65
N GLU C 266 11.83 -9.77 -32.59
CA GLU C 266 12.40 -10.86 -33.34
C GLU C 266 12.03 -12.20 -32.73
N HIS C 267 11.61 -13.10 -33.59
CA HIS C 267 11.09 -14.40 -33.15
C HIS C 267 12.17 -15.44 -32.83
N GLU C 268 13.35 -15.32 -33.42
CA GLU C 268 14.42 -16.30 -33.16
C GLU C 268 15.02 -16.25 -31.75
N CYS C 269 15.10 -17.39 -31.08
CA CYS C 269 15.59 -17.44 -29.72
C CYS C 269 17.08 -17.16 -29.61
N LYS C 270 17.39 -16.07 -28.92
CA LYS C 270 18.74 -15.66 -28.62
C LYS C 270 18.73 -15.12 -27.17
N ILE C 271 18.11 -15.92 -26.30
CA ILE C 271 17.71 -15.45 -25.00
C ILE C 271 18.89 -15.26 -24.08
N ALA C 272 19.99 -15.93 -24.37
CA ALA C 272 21.17 -15.78 -23.53
C ALA C 272 21.84 -14.42 -23.78
N PRO C 273 21.91 -13.59 -22.74
CA PRO C 273 22.36 -12.20 -22.88
C PRO C 273 23.71 -12.18 -23.55
N THR C 274 23.92 -11.27 -24.49
CA THR C 274 25.26 -11.10 -25.05
C THR C 274 25.65 -9.63 -25.10
N LYS C 275 26.92 -9.35 -24.82
CA LYS C 275 27.36 -7.97 -24.71
C LYS C 275 27.43 -7.33 -26.10
N ASN C 276 27.00 -6.09 -26.21
CA ASN C 276 27.19 -5.31 -27.43
C ASN C 276 28.52 -4.58 -27.35
N GLU C 277 29.40 -4.80 -28.32
CA GLU C 277 30.77 -4.31 -28.20
C GLU C 277 30.95 -2.80 -28.15
N GLN C 278 30.11 -2.04 -28.85
CA GLN C 278 30.21 -0.59 -28.76
C GLN C 278 29.53 0.00 -27.52
N GLN C 279 28.36 -0.49 -27.17
CA GLN C 279 27.63 0.15 -26.08
C GLN C 279 27.91 -0.51 -24.71
N LEU C 280 28.20 -1.80 -24.74
CA LEU C 280 28.58 -2.57 -23.55
C LEU C 280 27.41 -3.10 -22.72
N PHE C 281 26.17 -2.71 -23.05
CA PHE C 281 25.02 -3.36 -22.40
C PHE C 281 24.83 -4.79 -22.91
N TYR C 282 24.08 -5.62 -22.18
CA TYR C 282 23.71 -6.91 -22.75
C TYR C 282 22.39 -6.79 -23.54
N ILE C 283 22.28 -7.55 -24.62
CA ILE C 283 21.01 -7.71 -25.28
C ILE C 283 20.49 -9.15 -25.19
N SER C 284 19.32 -9.34 -24.59
CA SER C 284 18.65 -10.64 -24.60
C SER C 284 17.47 -10.57 -25.56
N GLN C 285 17.41 -11.53 -26.47
CA GLN C 285 16.35 -11.63 -27.47
C GLN C 285 15.64 -12.95 -27.26
N PRO C 286 14.68 -12.98 -26.33
CA PRO C 286 13.97 -14.25 -26.10
C PRO C 286 13.28 -14.62 -27.38
N GLY C 287 13.07 -15.91 -27.59
CA GLY C 287 12.35 -16.27 -28.81
C GLY C 287 10.91 -15.76 -28.82
N SER C 288 10.10 -16.27 -29.74
CA SER C 288 8.67 -16.28 -29.54
C SER C 288 8.38 -17.64 -28.94
N SER C 289 7.14 -17.91 -28.54
CA SER C 289 6.79 -19.22 -28.00
C SER C 289 5.90 -20.02 -28.94
N VAL C 290 5.86 -19.58 -30.20
CA VAL C 290 5.21 -20.30 -31.30
C VAL C 290 5.94 -19.96 -32.55
N VAL C 291 5.95 -20.88 -33.51
CA VAL C 291 6.51 -20.61 -34.82
C VAL C 291 5.41 -20.04 -35.73
N THR C 292 5.57 -18.79 -36.16
CA THR C 292 4.55 -18.15 -36.99
C THR C 292 5.00 -17.97 -38.43
N SER C 293 6.13 -18.59 -38.76
CA SER C 293 6.77 -18.42 -40.05
C SER C 293 7.88 -19.45 -40.15
N LEU C 294 7.97 -20.18 -41.24
CA LEU C 294 8.95 -21.24 -41.33
C LEU C 294 10.28 -20.71 -41.85
N SER C 295 11.07 -20.18 -40.92
CA SER C 295 12.34 -19.53 -41.23
C SER C 295 13.46 -20.19 -40.46
N PRO C 296 14.71 -19.97 -40.89
CA PRO C 296 15.82 -20.61 -40.19
C PRO C 296 15.78 -20.25 -38.71
N GLY C 297 15.56 -18.97 -38.44
CA GLY C 297 15.55 -18.44 -37.09
C GLY C 297 14.52 -19.08 -36.20
N GLU C 298 13.35 -19.32 -36.77
CA GLU C 298 12.24 -19.80 -35.99
C GLU C 298 12.46 -21.27 -35.63
N ALA C 299 13.45 -21.89 -36.27
CA ALA C 299 13.75 -23.31 -36.02
C ALA C 299 14.56 -23.54 -34.74
N VAL C 300 15.31 -22.51 -34.33
CA VAL C 300 16.02 -22.52 -33.05
C VAL C 300 15.10 -22.78 -31.86
N LYS C 301 15.50 -23.69 -30.99
CA LYS C 301 14.66 -24.15 -29.89
C LYS C 301 14.20 -23.00 -29.00
N LYS C 302 12.88 -22.85 -28.86
CA LYS C 302 12.28 -21.79 -28.06
C LYS C 302 12.58 -21.86 -26.55
N HIS C 303 12.80 -20.70 -25.96
CA HIS C 303 13.06 -20.59 -24.53
C HIS C 303 12.35 -19.38 -23.93
N VAL C 304 12.08 -19.49 -22.66
CA VAL C 304 11.78 -18.38 -21.77
C VAL C 304 13.04 -18.08 -20.91
N GLY C 305 13.07 -16.95 -20.22
CA GLY C 305 14.17 -16.63 -19.36
C GLY C 305 13.83 -16.43 -17.90
N LEU C 306 14.77 -16.83 -17.03
CA LEU C 306 14.69 -16.55 -15.59
C LEU C 306 15.80 -15.57 -15.28
N LEU C 307 15.42 -14.34 -14.96
CA LEU C 307 16.34 -13.25 -14.84
C LEU C 307 16.40 -12.84 -13.37
N ARG C 308 17.62 -12.69 -12.85
CA ARG C 308 17.83 -12.25 -11.47
C ARG C 308 18.56 -10.94 -11.49
N ILE C 309 18.08 -9.98 -10.73
CA ILE C 309 18.83 -8.73 -10.57
C ILE C 309 18.99 -8.47 -9.10
N LYS C 310 20.25 -8.26 -8.70
CA LYS C 310 20.61 -7.88 -7.34
C LYS C 310 21.51 -6.66 -7.44
N GLY C 311 21.21 -5.65 -6.65
CA GLY C 311 21.92 -4.39 -6.80
C GLY C 311 21.86 -3.83 -8.21
N ARG C 312 22.96 -3.97 -8.96
CA ARG C 312 23.10 -3.42 -10.30
C ARG C 312 23.77 -4.47 -11.18
N LYS C 313 23.63 -5.72 -10.77
CA LYS C 313 24.18 -6.82 -11.51
C LYS C 313 23.12 -7.89 -11.72
N MSE C 314 23.23 -8.62 -12.82
CA MSE C 314 22.18 -9.54 -13.18
C MSE C 314 22.72 -10.84 -13.74
O MSE C 314 23.89 -10.95 -14.08
CB MSE C 314 21.20 -8.88 -14.16
CG MSE C 314 21.77 -8.49 -15.53
SE MSE C 314 21.82 -9.97 -16.82
CE MSE C 314 22.65 -9.06 -18.30
N ASN C 315 21.84 -11.83 -13.79
CA ASN C 315 22.12 -13.12 -14.41
C ASN C 315 20.88 -13.72 -15.07
N MSE C 316 21.07 -14.41 -16.18
CA MSE C 316 19.96 -14.91 -16.95
C MSE C 316 20.01 -16.41 -17.19
O MSE C 316 20.73 -16.87 -18.07
CB MSE C 316 19.97 -14.23 -18.31
CG MSE C 316 18.93 -14.77 -19.29
SE MSE C 316 17.18 -13.91 -19.21
CE MSE C 316 17.65 -12.23 -20.16
N HIS C 317 19.23 -17.19 -16.44
CA HIS C 317 19.09 -18.60 -16.80
C HIS C 317 18.06 -18.75 -17.90
N LYS C 318 18.32 -19.64 -18.84
CA LYS C 318 17.34 -19.97 -19.85
C LYS C 318 16.58 -21.25 -19.52
N ILE C 319 15.28 -21.27 -19.79
CA ILE C 319 14.45 -22.45 -19.55
C ILE C 319 13.77 -22.87 -20.84
N PRO C 320 13.93 -24.13 -21.23
CA PRO C 320 13.37 -24.56 -22.51
C PRO C 320 11.87 -24.85 -22.36
N LEU C 321 11.12 -24.46 -23.39
CA LEU C 321 9.69 -24.70 -23.43
C LEU C 321 9.40 -26.04 -24.08
N HIS C 322 8.76 -26.92 -23.33
CA HIS C 322 8.60 -28.31 -23.77
C HIS C 322 7.35 -28.50 -24.59
N THR C 323 6.37 -27.63 -24.40
CA THR C 323 5.10 -27.74 -25.10
C THR C 323 5.10 -27.14 -26.50
N VAL C 324 6.23 -26.62 -26.96
CA VAL C 324 6.22 -26.00 -28.29
C VAL C 324 6.33 -27.02 -29.41
N ARG C 325 5.37 -26.94 -30.33
CA ARG C 325 5.40 -27.80 -31.51
C ARG C 325 6.78 -27.79 -32.15
N GLN C 326 7.35 -28.98 -32.38
CA GLN C 326 8.66 -29.08 -32.99
C GLN C 326 8.66 -28.46 -34.36
N PHE C 327 9.81 -27.96 -34.79
CA PHE C 327 9.98 -27.43 -36.13
C PHE C 327 11.36 -27.80 -36.62
N PHE C 328 11.44 -28.81 -37.46
CA PHE C 328 12.72 -29.20 -38.07
C PHE C 328 12.83 -28.60 -39.47
N MSE C 329 14.04 -28.18 -39.83
CA MSE C 329 14.27 -27.60 -41.14
C MSE C 329 15.67 -27.88 -41.65
O MSE C 329 16.62 -27.83 -40.90
CB MSE C 329 14.04 -26.09 -41.10
CG MSE C 329 14.91 -25.34 -42.07
SE MSE C 329 14.17 -23.60 -42.44
CE MSE C 329 15.42 -22.94 -43.76
N GLU C 330 15.77 -28.17 -42.95
CA GLU C 330 17.04 -28.46 -43.59
C GLU C 330 17.12 -27.78 -44.94
N ASP C 331 18.33 -27.42 -45.35
CA ASP C 331 18.53 -26.90 -46.69
C ASP C 331 19.11 -27.98 -47.62
N ILE C 332 18.81 -27.87 -48.90
CA ILE C 332 19.37 -28.75 -49.91
C ILE C 332 19.72 -27.98 -51.18
N VAL C 333 21.02 -27.82 -51.42
CA VAL C 333 21.51 -27.16 -52.61
C VAL C 333 21.85 -28.22 -53.65
N LEU C 334 21.14 -28.20 -54.77
CA LEU C 334 21.30 -29.18 -55.82
C LEU C 334 22.64 -29.01 -56.53
N ALA C 335 22.98 -27.76 -56.85
CA ALA C 335 24.22 -27.44 -57.54
C ALA C 335 25.46 -27.97 -56.81
N ASN C 336 25.30 -28.33 -55.54
CA ASN C 336 26.41 -28.77 -54.70
C ASN C 336 26.80 -30.23 -54.93
N HIS C 337 25.88 -31.01 -55.48
CA HIS C 337 26.16 -32.43 -55.72
C HIS C 337 25.81 -32.85 -57.15
N PRO C 338 26.78 -32.74 -58.06
CA PRO C 338 26.60 -33.16 -59.46
C PRO C 338 26.59 -34.69 -59.63
N ASP C 339 27.21 -35.41 -58.69
CA ASP C 339 27.29 -36.86 -58.78
C ASP C 339 25.93 -37.51 -58.54
N ILE C 340 25.16 -36.94 -57.64
CA ILE C 340 23.85 -37.47 -57.29
C ILE C 340 22.76 -36.89 -58.20
N PHE C 341 22.92 -35.64 -58.61
CA PHE C 341 21.93 -34.99 -59.47
C PHE C 341 22.56 -34.43 -60.76
N ASN C 342 21.96 -34.79 -61.91
CA ASN C 342 22.45 -34.35 -63.20
C ASN C 342 21.53 -33.29 -63.83
N PRO C 343 22.09 -32.12 -64.17
CA PRO C 343 21.32 -31.00 -64.72
C PRO C 343 20.44 -31.38 -65.93
N ASP C 344 21.04 -31.93 -66.98
CA ASP C 344 20.26 -32.47 -68.10
C ASP C 344 20.06 -33.97 -67.92
N ASN C 345 18.82 -34.35 -67.59
CA ASN C 345 18.47 -35.74 -67.33
C ASN C 345 16.97 -35.78 -67.02
N PRO C 346 16.18 -36.33 -67.96
CA PRO C 346 14.71 -36.33 -67.83
C PRO C 346 14.23 -37.12 -66.62
N LYS C 347 15.09 -37.94 -66.04
CA LYS C 347 14.74 -38.72 -64.84
C LYS C 347 15.43 -38.17 -63.59
N VAL C 348 15.98 -36.98 -63.70
CA VAL C 348 16.61 -36.32 -62.55
C VAL C 348 15.58 -35.66 -61.63
N THR C 349 14.51 -35.13 -62.22
CA THR C 349 13.43 -34.53 -61.43
C THR C 349 12.75 -35.61 -60.58
N GLN C 350 12.95 -36.87 -60.97
CA GLN C 350 12.41 -38.00 -60.23
C GLN C 350 13.44 -38.51 -59.21
N ALA C 351 14.72 -38.34 -59.53
CA ALA C 351 15.79 -38.77 -58.64
C ALA C 351 15.88 -37.86 -57.42
N ILE C 352 15.81 -36.56 -57.66
CA ILE C 352 15.75 -35.56 -56.60
C ILE C 352 14.56 -35.86 -55.70
N GLN C 353 13.37 -35.83 -56.30
CA GLN C 353 12.11 -36.09 -55.61
C GLN C 353 12.18 -37.29 -54.69
N SER C 354 13.03 -38.26 -55.02
CA SER C 354 13.14 -39.49 -54.25
C SER C 354 14.03 -39.31 -53.03
N PHE C 355 14.94 -38.35 -53.11
CA PHE C 355 15.83 -38.06 -52.00
C PHE C 355 15.15 -37.17 -50.96
N CYS C 356 14.32 -36.23 -51.43
CA CYS C 356 13.53 -35.40 -50.54
C CYS C 356 12.67 -36.25 -49.62
N LEU C 357 12.02 -37.26 -50.19
CA LEU C 357 11.21 -38.19 -49.42
C LEU C 357 12.03 -38.86 -48.32
N GLU C 358 13.33 -39.02 -48.57
CA GLU C 358 14.22 -39.65 -47.60
C GLU C 358 14.66 -38.67 -46.53
N LYS C 359 15.04 -37.46 -46.94
CA LYS C 359 15.40 -36.42 -46.00
C LYS C 359 14.22 -36.21 -45.07
N ILE C 360 13.05 -35.94 -45.65
CA ILE C 360 11.84 -35.72 -44.86
C ILE C 360 11.50 -36.93 -43.99
N GLU C 361 11.75 -38.12 -44.52
CA GLU C 361 11.45 -39.34 -43.79
C GLU C 361 12.32 -39.44 -42.54
N GLU C 362 13.57 -38.98 -42.63
CA GLU C 362 14.48 -39.04 -41.49
C GLU C 362 14.20 -37.94 -40.48
N MSE C 363 13.91 -36.73 -40.95
CA MSE C 363 13.57 -35.64 -40.05
C MSE C 363 12.39 -36.03 -39.20
O MSE C 363 12.39 -35.81 -38.00
CB MSE C 363 13.23 -34.37 -40.82
CG MSE C 363 14.30 -33.91 -41.75
SE MSE C 363 13.97 -32.13 -42.37
CE MSE C 363 14.82 -32.22 -44.13
N LEU C 364 11.38 -36.61 -39.83
CA LEU C 364 10.18 -37.05 -39.12
C LEU C 364 10.52 -38.07 -38.07
N GLU C 365 11.54 -38.87 -38.35
CA GLU C 365 11.95 -39.94 -37.45
C GLU C 365 12.76 -39.40 -36.27
N ASN C 366 13.71 -38.51 -36.53
CA ASN C 366 14.43 -37.81 -35.45
C ASN C 366 13.47 -37.12 -34.52
N ALA C 367 12.34 -36.66 -35.07
CA ALA C 367 11.30 -36.00 -34.30
C ALA C 367 10.67 -37.00 -33.35
N GLU C 368 10.20 -38.12 -33.87
CA GLU C 368 9.60 -39.15 -33.04
C GLU C 368 10.56 -39.59 -31.96
N ARG C 369 11.85 -39.42 -32.22
CA ARG C 369 12.92 -39.79 -31.30
C ARG C 369 12.92 -38.84 -30.10
N GLU C 370 13.04 -37.54 -30.35
CA GLU C 370 13.05 -36.54 -29.27
C GLU C 370 11.78 -36.61 -28.44
N ARG C 371 10.65 -36.75 -29.12
CA ARG C 371 9.33 -36.80 -28.44
C ARG C 371 9.25 -38.00 -27.50
N LEU C 372 10.31 -38.77 -27.42
CA LEU C 372 10.33 -39.93 -26.56
C LEU C 372 10.36 -39.52 -25.08
N GLY C 373 11.28 -38.62 -24.73
CA GLY C 373 11.40 -38.13 -23.37
C GLY C 373 10.45 -36.98 -23.10
N ASN C 374 9.84 -36.46 -24.16
CA ASN C 374 8.97 -35.31 -24.05
C ASN C 374 7.51 -35.65 -24.26
N SER C 375 6.76 -35.80 -23.19
CA SER C 375 5.36 -36.14 -23.29
C SER C 375 4.47 -34.92 -23.51
N HIS C 376 5.08 -33.74 -23.40
CA HIS C 376 4.34 -32.48 -23.45
C HIS C 376 4.24 -31.93 -24.86
N GLN C 377 5.17 -32.35 -25.72
CA GLN C 377 5.21 -31.87 -27.10
C GLN C 377 4.06 -32.38 -27.94
N PRO C 378 3.42 -31.49 -28.69
CA PRO C 378 2.40 -31.93 -29.63
C PRO C 378 2.98 -32.89 -30.66
N GLU C 379 2.14 -33.80 -31.15
CA GLU C 379 2.56 -34.97 -31.93
C GLU C 379 3.04 -34.67 -33.35
N LYS C 380 2.40 -33.74 -34.05
CA LYS C 380 2.71 -33.54 -35.47
C LYS C 380 3.67 -32.39 -35.71
N PRO C 381 4.96 -32.70 -35.95
CA PRO C 381 6.04 -31.73 -36.23
C PRO C 381 5.72 -30.79 -37.39
N LEU C 382 6.30 -29.59 -37.36
CA LEU C 382 6.37 -28.76 -38.54
C LEU C 382 7.61 -29.21 -39.26
N VAL C 383 7.58 -29.28 -40.58
CA VAL C 383 8.77 -29.68 -41.32
C VAL C 383 8.90 -28.84 -42.57
N ARG C 384 10.11 -28.41 -42.87
CA ARG C 384 10.36 -27.69 -44.10
C ARG C 384 11.65 -28.12 -44.76
N LEU C 385 11.63 -28.14 -46.09
CA LEU C 385 12.82 -28.42 -46.87
C LEU C 385 12.98 -27.30 -47.89
N ARG C 386 14.12 -26.63 -47.84
CA ARG C 386 14.40 -25.52 -48.75
C ARG C 386 15.26 -26.06 -49.89
N VAL C 387 14.82 -25.84 -51.13
CA VAL C 387 15.52 -26.38 -52.29
C VAL C 387 16.03 -25.29 -53.25
N ASP C 388 17.36 -25.17 -53.30
CA ASP C 388 17.99 -24.23 -54.21
C ASP C 388 18.33 -24.96 -55.49
N TYR C 389 17.59 -24.67 -56.56
CA TYR C 389 17.78 -25.37 -57.82
C TYR C 389 18.71 -24.65 -58.80
N SER C 390 19.62 -23.83 -58.27
CA SER C 390 20.57 -23.11 -59.11
C SER C 390 21.37 -24.07 -59.98
N GLY C 391 21.47 -23.74 -61.26
CA GLY C 391 22.17 -24.56 -62.23
C GLY C 391 21.32 -24.85 -63.46
N GLY C 392 20.62 -25.98 -63.42
CA GLY C 392 19.74 -26.35 -64.51
C GLY C 392 18.66 -27.32 -64.06
N PHE C 393 18.04 -27.01 -62.93
CA PHE C 393 16.99 -27.86 -62.37
C PHE C 393 15.62 -27.19 -62.46
N GLU C 394 14.59 -27.90 -62.02
CA GLU C 394 13.23 -27.39 -62.11
C GLU C 394 12.36 -27.96 -60.98
N PRO C 395 11.39 -27.16 -60.50
CA PRO C 395 10.45 -27.55 -59.44
C PRO C 395 9.60 -28.79 -59.74
N PHE C 396 8.69 -29.10 -58.81
CA PHE C 396 7.73 -30.18 -58.98
C PHE C 396 6.54 -29.98 -58.05
N SER C 397 5.46 -30.70 -58.30
CA SER C 397 4.24 -30.50 -57.53
C SER C 397 4.35 -31.02 -56.11
N VAL C 398 3.94 -30.19 -55.16
CA VAL C 398 3.95 -30.54 -53.75
C VAL C 398 2.76 -31.44 -53.38
N LEU C 399 1.83 -31.62 -54.33
CA LEU C 399 0.61 -32.40 -54.09
C LEU C 399 0.91 -33.81 -53.60
N ARG C 400 1.73 -34.54 -54.35
CA ARG C 400 2.09 -35.91 -53.98
C ARG C 400 2.72 -35.92 -52.59
N PHE C 401 3.50 -34.88 -52.29
CA PHE C 401 4.12 -34.73 -50.98
C PHE C 401 3.08 -34.40 -49.91
N SER C 402 2.32 -33.34 -50.14
CA SER C 402 1.22 -32.97 -49.25
C SER C 402 0.44 -34.20 -48.80
N GLN C 403 0.15 -35.09 -49.74
CA GLN C 403 -0.70 -36.25 -49.48
C GLN C 403 0.01 -37.32 -48.63
N LYS C 404 1.22 -37.69 -49.04
CA LYS C 404 1.93 -38.80 -48.42
C LYS C 404 2.26 -38.55 -46.96
N PHE C 405 2.22 -37.30 -46.54
CA PHE C 405 2.57 -36.92 -45.17
C PHE C 405 1.40 -36.34 -44.38
N VAL C 406 0.26 -36.19 -45.03
CA VAL C 406 -0.89 -35.52 -44.42
C VAL C 406 -1.07 -35.73 -42.92
N ASP C 407 -0.84 -36.94 -42.42
CA ASP C 407 -1.12 -37.21 -41.02
C ASP C 407 0.11 -37.31 -40.13
N ARG C 408 1.28 -37.09 -40.70
CA ARG C 408 2.52 -37.17 -39.94
C ARG C 408 3.20 -35.81 -39.80
N VAL C 409 2.61 -34.79 -40.41
CA VAL C 409 3.16 -33.43 -40.45
C VAL C 409 2.03 -32.43 -40.18
N ALA C 410 2.34 -31.28 -39.59
CA ALA C 410 1.30 -30.30 -39.28
C ALA C 410 1.20 -29.19 -40.32
N ASN C 411 2.06 -29.26 -41.33
CA ASN C 411 1.99 -28.33 -42.44
C ASN C 411 2.10 -29.07 -43.76
N PRO C 412 1.16 -29.96 -44.03
CA PRO C 412 1.25 -30.81 -45.23
C PRO C 412 1.46 -29.96 -46.46
N LYS C 413 0.73 -28.86 -46.55
CA LYS C 413 0.75 -28.01 -47.74
C LYS C 413 2.10 -27.32 -47.91
N ASP C 414 2.56 -26.65 -46.86
CA ASP C 414 3.86 -25.97 -46.84
C ASP C 414 4.94 -26.89 -46.30
N ILE C 415 5.47 -27.77 -47.14
CA ILE C 415 6.44 -28.73 -46.67
C ILE C 415 7.72 -28.59 -47.48
N ILE C 416 7.71 -27.69 -48.45
CA ILE C 416 8.81 -27.57 -49.39
C ILE C 416 8.84 -26.18 -50.03
N HIS C 417 10.05 -25.75 -50.42
CA HIS C 417 10.25 -24.40 -50.95
C HIS C 417 11.40 -24.35 -51.96
N PHE C 418 11.25 -23.57 -53.03
CA PHE C 418 12.28 -23.47 -54.06
C PHE C 418 12.73 -22.03 -54.31
N PHE C 419 13.95 -21.85 -54.84
CA PHE C 419 14.46 -20.52 -55.17
C PHE C 419 15.76 -20.53 -55.98
N ARG C 420 16.13 -19.36 -56.53
CA ARG C 420 17.36 -19.19 -57.30
C ARG C 420 18.47 -18.51 -56.48
N ASP D 28 -44.09 5.03 -32.98
CA ASP D 28 -43.22 5.92 -33.75
C ASP D 28 -41.94 6.23 -32.99
N ASP D 29 -42.03 6.28 -31.66
CA ASP D 29 -40.87 6.50 -30.82
C ASP D 29 -39.82 5.39 -30.92
N GLU D 30 -40.22 4.21 -31.38
CA GLU D 30 -39.26 3.13 -31.59
C GLU D 30 -38.39 3.35 -32.82
N ASN D 31 -38.60 4.45 -33.53
CA ASN D 31 -37.71 4.82 -34.62
C ASN D 31 -36.99 6.13 -34.28
N THR D 32 -37.10 6.54 -33.03
CA THR D 32 -36.50 7.82 -32.64
C THR D 32 -35.46 7.66 -31.52
N PHE D 33 -34.27 8.18 -31.77
CA PHE D 33 -33.22 8.24 -30.77
C PHE D 33 -33.48 9.38 -29.79
N LYS D 34 -33.58 9.08 -28.50
CA LYS D 34 -33.59 10.12 -27.49
C LYS D 34 -32.23 10.15 -26.86
N ILE D 35 -31.58 11.30 -26.95
CA ILE D 35 -30.19 11.41 -26.50
C ILE D 35 -29.95 12.59 -25.54
N LEU D 36 -29.44 12.30 -24.35
CA LEU D 36 -29.05 13.41 -23.46
C LEU D 36 -27.66 13.91 -23.80
N VAL D 37 -27.52 15.22 -23.98
CA VAL D 37 -26.28 15.79 -24.53
C VAL D 37 -25.70 16.74 -23.52
N ALA D 38 -24.43 16.52 -23.15
CA ALA D 38 -23.75 17.34 -22.14
C ALA D 38 -22.28 17.45 -22.45
N THR D 39 -21.60 18.44 -21.89
CA THR D 39 -20.17 18.51 -22.11
C THR D 39 -19.51 19.32 -21.02
N ASP D 40 -18.21 19.07 -20.80
CA ASP D 40 -17.43 19.80 -19.78
C ASP D 40 -18.11 19.83 -18.41
N ILE D 41 -18.47 18.64 -17.95
CA ILE D 41 -19.04 18.49 -16.64
C ILE D 41 -18.01 18.80 -15.55
N HIS D 42 -16.72 18.64 -15.89
CA HIS D 42 -15.56 18.93 -15.03
C HIS D 42 -15.58 18.34 -13.59
N LEU D 43 -15.94 17.06 -13.51
CA LEU D 43 -15.97 16.36 -12.24
C LEU D 43 -14.73 16.59 -11.35
N GLY D 44 -14.99 16.93 -10.09
CA GLY D 44 -13.94 17.07 -9.11
C GLY D 44 -13.32 18.45 -9.09
N PHE D 45 -13.86 19.37 -9.88
CA PHE D 45 -13.34 20.73 -9.90
C PHE D 45 -13.52 21.38 -8.55
N MSE D 46 -12.40 21.88 -8.00
CA MSE D 46 -12.34 22.43 -6.64
C MSE D 46 -12.98 21.47 -5.66
O MSE D 46 -13.88 21.83 -4.89
CB MSE D 46 -13.01 23.79 -6.58
CG MSE D 46 -12.27 24.82 -7.35
SE MSE D 46 -13.12 26.53 -7.12
CE MSE D 46 -11.92 27.58 -8.30
N GLU D 47 -12.49 20.24 -5.70
CA GLU D 47 -13.03 19.16 -4.91
C GLU D 47 -12.88 19.46 -3.43
N LYS D 48 -11.72 20.06 -3.11
CA LYS D 48 -11.29 20.30 -1.74
C LYS D 48 -11.83 21.60 -1.12
N ASP D 49 -12.20 22.57 -1.95
CA ASP D 49 -12.79 23.81 -1.43
C ASP D 49 -14.01 23.49 -0.56
N ALA D 50 -14.14 24.24 0.53
CA ALA D 50 -15.18 23.96 1.52
C ALA D 50 -16.59 24.19 0.97
N VAL D 51 -16.76 25.30 0.23
CA VAL D 51 -18.05 25.71 -0.27
C VAL D 51 -18.44 24.98 -1.56
N ARG D 52 -17.53 25.02 -2.54
CA ARG D 52 -17.84 24.61 -3.91
C ARG D 52 -17.51 23.14 -4.24
N GLY D 53 -16.91 22.45 -3.27
CA GLY D 53 -16.35 21.13 -3.50
C GLY D 53 -17.32 20.03 -3.89
N ASN D 54 -18.61 20.21 -3.63
CA ASN D 54 -19.57 19.18 -4.01
C ASN D 54 -20.40 19.60 -5.25
N ASP D 55 -20.10 20.78 -5.78
CA ASP D 55 -20.82 21.32 -6.93
C ASP D 55 -20.97 20.30 -8.05
N THR D 56 -19.85 19.94 -8.67
CA THR D 56 -19.87 19.13 -9.87
C THR D 56 -20.58 17.79 -9.66
N PHE D 57 -20.38 17.18 -8.49
CA PHE D 57 -21.03 15.89 -8.19
C PHE D 57 -22.55 16.00 -8.07
N VAL D 58 -23.04 17.17 -7.65
CA VAL D 58 -24.49 17.35 -7.57
C VAL D 58 -25.06 17.59 -8.96
N THR D 59 -24.41 18.49 -9.71
CA THR D 59 -24.83 18.75 -11.09
C THR D 59 -24.80 17.44 -11.91
N LEU D 60 -23.74 16.64 -11.74
CA LEU D 60 -23.71 15.33 -12.42
C LEU D 60 -24.93 14.50 -12.02
N ASP D 61 -25.34 14.62 -10.75
CA ASP D 61 -26.51 13.88 -10.30
C ASP D 61 -27.73 14.37 -11.07
N GLU D 62 -27.80 15.67 -11.31
CA GLU D 62 -28.95 16.23 -12.02
C GLU D 62 -28.98 15.68 -13.44
N ILE D 63 -27.87 15.88 -14.13
CA ILE D 63 -27.69 15.41 -15.49
C ILE D 63 -28.10 13.94 -15.63
N LEU D 64 -27.51 13.06 -14.84
CA LEU D 64 -27.91 11.65 -14.92
C LEU D 64 -29.39 11.46 -14.60
N ARG D 65 -29.91 12.19 -13.62
CA ARG D 65 -31.32 12.06 -13.25
C ARG D 65 -32.23 12.45 -14.41
N LEU D 66 -31.91 13.56 -15.07
CA LEU D 66 -32.60 13.94 -16.28
C LEU D 66 -32.56 12.81 -17.31
N ALA D 67 -31.37 12.29 -17.57
CA ALA D 67 -31.19 11.17 -18.48
C ALA D 67 -32.21 10.08 -18.19
N GLN D 68 -32.37 9.76 -16.91
CA GLN D 68 -33.24 8.67 -16.53
C GLN D 68 -34.72 9.00 -16.68
N GLU D 69 -35.11 10.18 -16.18
CA GLU D 69 -36.50 10.64 -16.27
C GLU D 69 -36.97 10.64 -17.71
N ASN D 70 -36.17 11.26 -18.58
CA ASN D 70 -36.49 11.25 -20.00
C ASN D 70 -36.31 9.90 -20.71
N GLU D 71 -36.15 8.82 -19.94
CA GLU D 71 -35.89 7.50 -20.52
C GLU D 71 -35.10 7.56 -21.84
N VAL D 72 -34.01 8.30 -21.77
CA VAL D 72 -33.09 8.51 -22.88
C VAL D 72 -32.45 7.22 -23.38
N ASP D 73 -32.11 7.17 -24.67
CA ASP D 73 -31.49 5.98 -25.25
C ASP D 73 -30.03 5.85 -24.84
N PHE D 74 -29.34 6.98 -24.79
CA PHE D 74 -27.97 7.00 -24.31
C PHE D 74 -27.50 8.44 -24.06
N ILE D 75 -26.48 8.60 -23.22
CA ILE D 75 -25.94 9.93 -22.96
C ILE D 75 -24.73 10.18 -23.85
N LEU D 76 -24.53 11.43 -24.28
CA LEU D 76 -23.48 11.77 -25.24
C LEU D 76 -22.75 13.02 -24.79
N LEU D 77 -21.48 12.86 -24.41
CA LEU D 77 -20.69 13.91 -23.78
C LEU D 77 -19.62 14.41 -24.71
N GLY D 78 -19.26 15.67 -24.60
CA GLY D 78 -18.34 16.26 -25.55
C GLY D 78 -16.96 16.59 -25.02
N GLY D 79 -16.60 15.97 -23.89
CA GLY D 79 -15.28 16.15 -23.33
C GLY D 79 -15.25 16.69 -21.91
N ASP D 80 -14.04 16.73 -21.36
CA ASP D 80 -13.76 17.23 -20.00
C ASP D 80 -14.68 16.70 -18.87
N LEU D 81 -15.03 15.43 -18.96
CA LEU D 81 -15.88 14.81 -17.94
C LEU D 81 -15.24 14.99 -16.59
N PHE D 82 -13.93 14.78 -16.52
CA PHE D 82 -13.16 14.91 -15.28
C PHE D 82 -12.32 16.15 -15.37
N HIS D 83 -12.25 16.89 -14.27
CA HIS D 83 -11.45 18.12 -14.24
C HIS D 83 -9.97 17.83 -14.32
N GLU D 84 -9.56 16.71 -13.75
CA GLU D 84 -8.16 16.31 -13.75
C GLU D 84 -7.96 15.03 -14.56
N ASN D 85 -6.89 14.94 -15.35
CA ASN D 85 -6.61 13.66 -16.04
C ASN D 85 -6.18 12.47 -15.15
N LYS D 86 -5.91 12.74 -13.88
CA LYS D 86 -5.76 11.66 -12.90
C LYS D 86 -6.71 11.98 -11.75
N PRO D 87 -7.98 11.64 -11.91
CA PRO D 87 -9.02 11.90 -10.91
C PRO D 87 -8.67 11.30 -9.54
N SER D 88 -8.96 12.08 -8.50
CA SER D 88 -8.87 11.60 -7.14
C SER D 88 -9.77 10.35 -6.91
N ARG D 89 -9.38 9.45 -6.01
CA ARG D 89 -10.22 8.30 -5.65
C ARG D 89 -11.64 8.78 -5.39
N LYS D 90 -11.75 9.91 -4.68
CA LYS D 90 -13.07 10.39 -4.29
C LYS D 90 -13.89 10.73 -5.53
N THR D 91 -13.36 11.62 -6.38
CA THR D 91 -14.00 11.93 -7.65
C THR D 91 -14.45 10.67 -8.37
N LEU D 92 -13.49 9.84 -8.75
CA LEU D 92 -13.76 8.60 -9.47
C LEU D 92 -14.77 7.65 -8.81
N HIS D 93 -14.83 7.62 -7.48
CA HIS D 93 -15.78 6.72 -6.82
C HIS D 93 -17.17 7.33 -6.79
N THR D 94 -17.24 8.62 -6.51
CA THR D 94 -18.51 9.32 -6.53
C THR D 94 -19.13 9.10 -7.92
N CYS D 95 -18.31 9.33 -8.93
CA CYS D 95 -18.76 9.21 -10.30
C CYS D 95 -19.32 7.81 -10.58
N LEU D 96 -18.52 6.79 -10.33
CA LEU D 96 -18.99 5.41 -10.49
C LEU D 96 -20.29 5.10 -9.72
N GLU D 97 -20.44 5.71 -8.55
CA GLU D 97 -21.63 5.47 -7.73
C GLU D 97 -22.87 5.99 -8.46
N LEU D 98 -22.78 7.25 -8.90
CA LEU D 98 -23.82 7.92 -9.67
C LEU D 98 -24.15 7.16 -10.95
N LEU D 99 -23.15 6.87 -11.79
CA LEU D 99 -23.40 6.05 -12.96
C LEU D 99 -24.13 4.76 -12.53
N ARG D 100 -23.60 4.09 -11.53
CA ARG D 100 -24.22 2.85 -11.07
C ARG D 100 -25.70 3.08 -10.77
N LYS D 101 -25.99 4.23 -10.18
CA LYS D 101 -27.35 4.54 -9.71
C LYS D 101 -28.36 4.79 -10.81
N TYR D 102 -27.99 5.67 -11.76
CA TYR D 102 -28.90 6.12 -12.79
C TYR D 102 -28.84 5.37 -14.14
N CYS D 103 -27.73 4.70 -14.42
CA CYS D 103 -27.56 4.09 -15.74
C CYS D 103 -27.95 2.62 -15.80
N MSE D 104 -28.25 2.03 -14.64
CA MSE D 104 -28.72 0.64 -14.62
C MSE D 104 -30.21 0.61 -14.33
O MSE D 104 -30.77 1.52 -13.72
CB MSE D 104 -28.00 -0.18 -13.57
CG MSE D 104 -26.54 0.22 -13.40
SE MSE D 104 -25.53 -1.28 -12.73
CE MSE D 104 -25.58 -2.41 -14.34
N GLY D 105 -30.85 -0.47 -14.77
CA GLY D 105 -32.27 -0.58 -14.57
C GLY D 105 -32.89 -1.70 -15.37
N ASP D 106 -34.22 -1.75 -15.33
CA ASP D 106 -34.99 -2.83 -15.91
C ASP D 106 -34.96 -2.77 -17.42
N ARG D 107 -35.20 -1.58 -17.98
CA ARG D 107 -35.38 -1.46 -19.42
C ARG D 107 -34.10 -1.76 -20.19
N PRO D 108 -34.23 -2.58 -21.23
CA PRO D 108 -33.11 -3.01 -22.07
C PRO D 108 -32.71 -1.89 -23.00
N VAL D 109 -31.45 -1.89 -23.41
CA VAL D 109 -31.02 -0.93 -24.42
C VAL D 109 -31.77 -1.21 -25.70
N GLN D 110 -32.31 -0.17 -26.33
CA GLN D 110 -33.22 -0.37 -27.44
C GLN D 110 -32.57 -0.20 -28.82
N PHE D 111 -31.29 0.15 -28.84
CA PHE D 111 -30.60 0.36 -30.11
C PHE D 111 -29.42 -0.57 -30.19
N GLU D 112 -28.81 -0.69 -31.36
CA GLU D 112 -27.65 -1.55 -31.46
C GLU D 112 -26.47 -0.90 -32.17
N ILE D 113 -25.28 -1.36 -31.83
CA ILE D 113 -24.05 -0.90 -32.48
C ILE D 113 -23.77 -1.81 -33.64
N LEU D 114 -23.68 -1.27 -34.84
CA LEU D 114 -23.40 -2.08 -36.01
C LEU D 114 -21.92 -2.12 -36.24
N SER D 115 -21.23 -1.18 -35.59
CA SER D 115 -19.77 -1.16 -35.62
C SER D 115 -19.13 -2.43 -35.11
N ASP D 116 -17.97 -2.62 -35.73
CA ASP D 116 -17.35 -3.92 -35.92
C ASP D 116 -15.97 -3.86 -35.25
N GLN D 117 -15.91 -4.29 -34.00
CA GLN D 117 -17.10 -4.68 -33.24
C GLN D 117 -16.69 -4.87 -31.80
N SER D 118 -17.67 -4.85 -30.90
CA SER D 118 -17.37 -4.81 -29.46
C SER D 118 -16.76 -3.46 -29.12
N VAL D 119 -17.44 -2.37 -29.52
CA VAL D 119 -17.05 -1.03 -29.11
C VAL D 119 -16.90 -1.16 -27.60
N ASN D 120 -15.75 -0.75 -27.07
CA ASN D 120 -15.33 -1.08 -25.71
C ASN D 120 -16.37 -0.81 -24.61
N PHE D 121 -16.16 -1.41 -23.45
CA PHE D 121 -17.17 -1.55 -22.39
C PHE D 121 -17.90 -2.88 -22.60
N GLY D 122 -18.19 -3.21 -23.86
CA GLY D 122 -18.67 -4.54 -24.20
C GLY D 122 -17.52 -5.55 -24.18
N PHE D 123 -16.48 -5.24 -23.39
CA PHE D 123 -15.27 -6.06 -23.33
C PHE D 123 -15.22 -7.09 -22.17
N SER D 124 -15.63 -8.33 -22.48
CA SER D 124 -15.74 -9.39 -21.48
C SER D 124 -16.95 -9.23 -20.54
N LYS D 125 -16.79 -9.59 -19.26
CA LYS D 125 -17.87 -9.49 -18.27
C LYS D 125 -17.39 -8.85 -16.96
N PHE D 126 -17.78 -7.59 -16.72
CA PHE D 126 -17.20 -6.80 -15.62
C PHE D 126 -18.20 -6.17 -14.63
N PRO D 127 -18.36 -6.80 -13.45
CA PRO D 127 -19.21 -6.32 -12.35
C PRO D 127 -18.73 -4.98 -11.76
N ASN D 135 -28.20 -9.76 -11.98
CA ASN D 135 -29.24 -9.26 -12.88
C ASN D 135 -29.08 -7.77 -13.16
N LEU D 136 -27.85 -7.32 -12.98
CA LEU D 136 -27.42 -5.94 -13.27
C LEU D 136 -27.48 -5.62 -14.77
N ASN D 137 -28.41 -4.76 -15.17
CA ASN D 137 -28.54 -4.36 -16.56
C ASN D 137 -28.10 -2.91 -16.80
N ILE D 138 -27.43 -2.65 -17.93
CA ILE D 138 -27.18 -1.26 -18.33
C ILE D 138 -28.33 -0.76 -19.20
N SER D 139 -28.97 0.32 -18.79
CA SER D 139 -30.12 0.81 -19.54
C SER D 139 -29.82 2.15 -20.23
N ILE D 140 -28.79 2.84 -19.76
CA ILE D 140 -28.37 4.09 -20.39
C ILE D 140 -26.85 4.14 -20.62
N PRO D 141 -26.39 3.68 -21.80
CA PRO D 141 -24.97 3.80 -22.16
C PRO D 141 -24.53 5.26 -22.22
N VAL D 142 -23.24 5.50 -22.03
CA VAL D 142 -22.68 6.85 -22.13
C VAL D 142 -21.59 6.87 -23.17
N PHE D 143 -21.76 7.66 -24.23
CA PHE D 143 -20.73 7.78 -25.25
C PHE D 143 -19.97 9.07 -25.00
N SER D 144 -18.66 8.99 -24.86
CA SER D 144 -17.89 10.21 -24.66
C SER D 144 -16.59 10.29 -25.42
N ILE D 145 -16.14 11.53 -25.60
CA ILE D 145 -14.81 11.77 -26.11
C ILE D 145 -13.98 12.38 -24.99
N HIS D 146 -12.66 12.43 -25.16
CA HIS D 146 -11.82 13.03 -24.14
C HIS D 146 -11.61 14.50 -24.48
N GLY D 147 -11.60 15.33 -23.44
CA GLY D 147 -11.26 16.74 -23.61
C GLY D 147 -9.76 16.94 -23.48
N ASN D 148 -9.35 18.16 -23.20
CA ASN D 148 -7.93 18.54 -23.01
C ASN D 148 -7.59 18.31 -21.48
N HIS D 149 -8.60 18.34 -20.60
CA HIS D 149 -8.44 17.98 -19.17
C HIS D 149 -8.40 16.46 -18.92
N ASP D 150 -9.48 15.76 -19.25
CA ASP D 150 -9.49 14.32 -19.09
C ASP D 150 -8.76 13.64 -20.25
N ASP D 151 -7.64 14.22 -20.71
CA ASP D 151 -6.87 13.61 -21.83
C ASP D 151 -5.99 12.42 -21.42
N PRO D 152 -5.42 11.71 -22.41
CA PRO D 152 -4.64 10.48 -22.13
C PRO D 152 -3.36 10.80 -21.39
N THR D 153 -2.94 9.88 -20.52
CA THR D 153 -1.82 10.12 -19.62
C THR D 153 -1.36 8.79 -19.02
N GLY D 154 -0.24 8.79 -18.31
CA GLY D 154 0.23 7.58 -17.65
C GLY D 154 1.15 6.61 -18.42
N ALA D 155 1.61 5.57 -17.72
CA ALA D 155 2.45 4.59 -18.37
C ALA D 155 1.71 3.93 -19.54
N ASP D 156 0.39 3.72 -19.40
CA ASP D 156 -0.38 3.06 -20.45
C ASP D 156 -1.07 4.05 -21.40
N ALA D 157 -0.95 5.35 -21.10
CA ALA D 157 -1.46 6.39 -21.99
C ALA D 157 -2.98 6.28 -22.10
N LEU D 158 -3.63 5.91 -21.00
CA LEU D 158 -5.08 5.80 -20.95
C LEU D 158 -5.76 7.14 -20.58
N CYS D 159 -7.08 7.16 -20.48
CA CYS D 159 -7.82 8.36 -20.10
C CYS D 159 -8.71 7.99 -18.96
N ALA D 160 -9.11 8.97 -18.15
CA ALA D 160 -10.07 8.64 -17.10
C ALA D 160 -11.27 7.85 -17.67
N LEU D 161 -11.83 8.29 -18.81
CA LEU D 161 -12.97 7.57 -19.41
C LEU D 161 -12.69 6.06 -19.50
N ASP D 162 -11.46 5.71 -19.86
CA ASP D 162 -11.09 4.30 -20.00
C ASP D 162 -11.30 3.50 -18.71
N ILE D 163 -11.14 4.17 -17.56
CA ILE D 163 -11.45 3.55 -16.30
C ILE D 163 -12.94 3.28 -16.25
N LEU D 164 -13.72 4.35 -16.43
CA LEU D 164 -15.18 4.23 -16.53
C LEU D 164 -15.57 3.14 -17.53
N SER D 165 -15.00 3.22 -18.73
CA SER D 165 -15.25 2.19 -19.74
C SER D 165 -15.06 0.79 -19.19
N CYS D 166 -14.00 0.62 -18.39
CA CYS D 166 -13.66 -0.66 -17.76
C CYS D 166 -14.75 -1.13 -16.78
N ALA D 167 -15.26 -0.18 -16.00
CA ALA D 167 -16.34 -0.47 -15.05
C ALA D 167 -17.65 -0.86 -15.74
N GLY D 168 -17.76 -0.53 -17.03
CA GLY D 168 -18.91 -0.91 -17.84
C GLY D 168 -19.84 0.23 -18.22
N PHE D 169 -19.54 1.43 -17.75
CA PHE D 169 -20.50 2.52 -17.94
C PHE D 169 -20.30 3.39 -19.17
N VAL D 170 -19.10 3.42 -19.73
CA VAL D 170 -18.80 4.38 -20.78
C VAL D 170 -18.19 3.80 -22.04
N ASN D 171 -18.55 4.40 -23.16
CA ASN D 171 -17.97 4.05 -24.44
C ASN D 171 -17.12 5.18 -24.92
N HIS D 172 -15.82 5.05 -24.74
CA HIS D 172 -14.90 6.06 -25.19
C HIS D 172 -14.76 5.91 -26.69
N PHE D 173 -15.13 6.94 -27.43
CA PHE D 173 -14.95 6.95 -28.89
C PHE D 173 -14.28 8.25 -29.32
N GLY D 174 -13.74 8.26 -30.52
CA GLY D 174 -13.28 9.50 -31.08
C GLY D 174 -11.80 9.77 -30.99
N ARG D 175 -11.11 8.94 -30.18
CA ARG D 175 -9.67 9.10 -29.94
C ARG D 175 -8.80 8.73 -31.16
N SER D 176 -8.06 9.71 -31.66
CA SER D 176 -7.21 9.50 -32.82
C SER D 176 -5.84 8.97 -32.41
N MSE D 177 -5.26 8.20 -33.31
CA MSE D 177 -3.94 7.64 -33.07
C MSE D 177 -2.92 8.34 -33.90
O MSE D 177 -1.93 8.88 -33.38
CB MSE D 177 -3.93 6.16 -33.42
CG MSE D 177 -4.28 5.30 -32.26
SE MSE D 177 -5.02 3.65 -32.93
CE MSE D 177 -6.73 4.37 -33.64
N SER D 178 -3.14 8.35 -35.21
CA SER D 178 -2.08 8.75 -36.12
C SER D 178 -1.47 10.15 -35.91
N VAL D 179 -0.23 10.21 -36.37
CA VAL D 179 0.68 11.30 -36.14
C VAL D 179 0.65 12.17 -37.36
N GLU D 180 0.75 11.52 -38.51
CA GLU D 180 0.83 12.19 -39.80
C GLU D 180 -0.55 12.63 -40.31
N LYS D 181 -1.53 11.72 -40.31
CA LYS D 181 -2.86 12.02 -40.82
C LYS D 181 -3.94 11.56 -39.85
N ILE D 182 -5.04 12.30 -39.77
CA ILE D 182 -6.18 11.88 -38.95
C ILE D 182 -7.29 11.28 -39.80
N ASP D 183 -7.54 9.98 -39.63
CA ASP D 183 -8.70 9.35 -40.24
C ASP D 183 -9.75 9.10 -39.19
N ILE D 184 -10.89 9.80 -39.29
CA ILE D 184 -11.97 9.59 -38.33
C ILE D 184 -12.99 8.58 -38.83
N SER D 185 -13.23 7.53 -38.03
CA SER D 185 -14.24 6.54 -38.37
C SER D 185 -15.46 6.64 -37.46
N PRO D 186 -16.65 6.35 -38.02
CA PRO D 186 -17.88 6.55 -37.28
C PRO D 186 -18.25 5.30 -36.51
N VAL D 187 -18.66 5.46 -35.26
CA VAL D 187 -19.44 4.43 -34.59
C VAL D 187 -20.80 4.40 -35.30
N LEU D 188 -21.26 3.22 -35.68
CA LEU D 188 -22.56 3.12 -36.37
C LEU D 188 -23.64 2.63 -35.43
N LEU D 189 -24.53 3.54 -35.07
CA LEU D 189 -25.70 3.16 -34.29
C LEU D 189 -26.93 2.98 -35.20
N GLN D 190 -27.87 2.16 -34.74
CA GLN D 190 -29.12 1.95 -35.46
C GLN D 190 -30.23 1.67 -34.46
N LYS D 191 -31.34 2.40 -34.58
CA LYS D 191 -32.55 2.15 -33.78
C LYS D 191 -33.73 2.09 -34.72
N GLY D 192 -34.47 0.99 -34.64
CA GLY D 192 -35.46 0.68 -35.64
C GLY D 192 -34.90 0.95 -37.02
N SER D 193 -35.56 1.85 -37.74
CA SER D 193 -35.19 2.16 -39.11
C SER D 193 -34.18 3.31 -39.20
N THR D 194 -33.90 3.98 -38.09
CA THR D 194 -33.05 5.17 -38.21
C THR D 194 -31.59 4.94 -37.78
N LYS D 195 -30.67 5.54 -38.54
CA LYS D 195 -29.29 5.16 -38.43
C LYS D 195 -28.37 6.37 -38.22
N ILE D 196 -27.67 6.38 -37.08
CA ILE D 196 -26.70 7.43 -36.77
C ILE D 196 -25.29 6.94 -37.08
N ALA D 197 -24.50 7.80 -37.74
CA ALA D 197 -23.08 7.57 -37.93
C ALA D 197 -22.41 8.58 -37.05
N LEU D 198 -21.98 8.12 -35.88
CA LEU D 198 -21.47 9.00 -34.83
C LEU D 198 -19.97 9.17 -34.95
N TYR D 199 -19.53 10.38 -35.25
CA TYR D 199 -18.11 10.68 -35.43
C TYR D 199 -17.57 11.46 -34.25
N GLY D 200 -16.37 11.09 -33.80
CA GLY D 200 -15.78 11.78 -32.66
C GLY D 200 -14.36 12.22 -32.95
N LEU D 201 -13.90 13.22 -32.22
CA LEU D 201 -12.49 13.59 -32.21
C LEU D 201 -12.12 14.00 -30.81
N GLY D 202 -11.41 13.12 -30.10
CA GLY D 202 -10.92 13.42 -28.76
C GLY D 202 -9.96 14.59 -28.86
N SER D 203 -9.96 15.46 -27.84
CA SER D 203 -9.21 16.73 -27.94
C SER D 203 -7.78 16.65 -28.50
N ILE D 204 -7.46 17.57 -29.39
CA ILE D 204 -6.12 17.68 -29.94
C ILE D 204 -5.67 19.12 -29.80
N PRO D 205 -4.36 19.33 -29.59
CA PRO D 205 -3.91 20.73 -29.48
C PRO D 205 -4.26 21.45 -30.77
N ASP D 206 -4.97 22.57 -30.65
CA ASP D 206 -5.51 23.28 -31.82
C ASP D 206 -4.49 23.58 -32.91
N GLU D 207 -3.32 24.10 -32.53
CA GLU D 207 -2.30 24.37 -33.53
C GLU D 207 -2.12 23.19 -34.49
N ARG D 208 -1.98 21.97 -33.94
CA ARG D 208 -1.73 20.76 -34.74
C ARG D 208 -2.89 20.48 -35.64
N LEU D 209 -4.09 20.55 -35.09
CA LEU D 209 -5.29 20.19 -35.85
C LEU D 209 -5.50 21.14 -37.00
N TYR D 210 -5.35 22.45 -36.74
CA TYR D 210 -5.41 23.44 -37.81
C TYR D 210 -4.48 23.05 -38.95
N ARG D 211 -3.20 22.88 -38.63
CA ARG D 211 -2.21 22.45 -39.62
C ARG D 211 -2.69 21.24 -40.43
N MSE D 212 -3.20 20.24 -39.72
CA MSE D 212 -3.69 19.01 -40.34
C MSE D 212 -4.81 19.27 -41.34
O MSE D 212 -4.88 18.66 -42.42
CB MSE D 212 -4.24 18.08 -39.26
CG MSE D 212 -3.30 17.77 -38.13
SE MSE D 212 -2.61 15.96 -38.30
CE MSE D 212 -1.68 16.26 -40.00
N PHE D 213 -5.73 20.16 -40.96
CA PHE D 213 -6.84 20.50 -41.83
C PHE D 213 -6.28 21.16 -43.07
N VAL D 214 -5.43 22.16 -42.86
CA VAL D 214 -4.85 22.91 -43.96
C VAL D 214 -4.14 21.99 -44.95
N ASN D 215 -3.39 21.05 -44.42
CA ASN D 215 -2.65 20.14 -45.28
C ASN D 215 -3.48 18.98 -45.83
N LYS D 216 -4.80 19.08 -45.70
CA LYS D 216 -5.71 18.05 -46.21
C LYS D 216 -5.35 16.66 -45.66
N LYS D 217 -5.15 16.55 -44.35
CA LYS D 217 -4.79 15.27 -43.75
C LYS D 217 -5.88 14.73 -42.83
N VAL D 218 -6.85 15.58 -42.51
CA VAL D 218 -8.03 15.16 -41.74
C VAL D 218 -9.09 14.68 -42.70
N THR D 219 -9.38 13.39 -42.69
CA THR D 219 -10.38 12.86 -43.59
C THR D 219 -11.40 12.00 -42.83
N MSE D 220 -12.68 12.10 -43.22
CA MSE D 220 -13.73 11.38 -42.52
C MSE D 220 -14.29 10.25 -43.35
O MSE D 220 -14.95 10.48 -44.34
CB MSE D 220 -14.86 12.33 -42.17
CG MSE D 220 -14.39 13.61 -41.58
SE MSE D 220 -15.48 14.24 -40.09
CE MSE D 220 -14.96 16.13 -40.40
N LEU D 221 -14.02 9.03 -42.93
CA LEU D 221 -14.52 7.86 -43.66
C LEU D 221 -16.02 7.81 -43.56
N ARG D 222 -16.67 7.64 -44.70
CA ARG D 222 -18.13 7.50 -44.73
C ARG D 222 -18.45 6.01 -44.72
N PRO D 223 -19.57 5.60 -44.10
CA PRO D 223 -19.89 4.17 -44.02
C PRO D 223 -19.83 3.47 -45.39
N LYS D 224 -19.60 2.17 -45.34
CA LYS D 224 -19.52 1.37 -46.55
C LYS D 224 -20.91 1.26 -47.17
N GLU D 225 -21.89 0.85 -46.35
CA GLU D 225 -23.23 0.52 -46.82
C GLU D 225 -24.19 1.71 -46.81
N ASP D 226 -24.46 2.27 -47.99
CA ASP D 226 -25.53 3.25 -48.12
C ASP D 226 -25.18 4.59 -47.44
N GLU D 227 -24.14 5.25 -47.93
CA GLU D 227 -23.70 6.53 -47.37
C GLU D 227 -24.84 7.44 -46.93
N ASN D 228 -25.90 7.45 -47.73
CA ASN D 228 -26.93 8.46 -47.54
C ASN D 228 -28.01 8.07 -46.53
N SER D 229 -27.96 6.85 -46.02
CA SER D 229 -28.99 6.41 -45.09
C SER D 229 -28.78 6.96 -43.70
N TRP D 230 -27.62 7.58 -43.49
CA TRP D 230 -27.21 7.89 -42.12
C TRP D 230 -27.38 9.35 -41.76
N PHE D 231 -27.84 9.57 -40.53
CA PHE D 231 -27.67 10.85 -39.87
C PHE D 231 -26.22 10.99 -39.38
N ASN D 232 -25.55 12.05 -39.81
CA ASN D 232 -24.13 12.24 -39.53
C ASN D 232 -23.85 13.18 -38.37
N LEU D 233 -23.51 12.59 -37.24
CA LEU D 233 -23.33 13.32 -35.99
C LEU D 233 -21.83 13.45 -35.66
N PHE D 234 -21.37 14.64 -35.28
CA PHE D 234 -19.93 14.85 -35.04
C PHE D 234 -19.66 15.55 -33.71
N VAL D 235 -18.98 14.87 -32.78
CA VAL D 235 -18.63 15.51 -31.52
C VAL D 235 -17.17 15.95 -31.49
N ILE D 236 -16.91 17.22 -31.22
CA ILE D 236 -15.53 17.68 -31.10
C ILE D 236 -15.29 18.57 -29.89
N HIS D 237 -14.02 18.66 -29.51
CA HIS D 237 -13.62 19.37 -28.32
C HIS D 237 -12.45 20.23 -28.74
N GLN D 238 -12.73 21.47 -29.12
CA GLN D 238 -11.71 22.35 -29.70
C GLN D 238 -12.07 23.81 -29.47
N ASN D 239 -11.15 24.71 -29.82
CA ASN D 239 -11.43 26.14 -29.77
C ASN D 239 -12.27 26.58 -30.94
N ARG D 240 -13.36 27.28 -30.65
CA ARG D 240 -14.27 27.74 -31.68
C ARG D 240 -14.09 29.23 -31.99
N SER D 241 -13.75 30.01 -30.97
CA SER D 241 -13.52 31.46 -31.07
C SER D 241 -12.13 31.77 -31.62
N LYS D 242 -11.73 33.04 -31.67
CA LYS D 242 -10.38 33.40 -32.10
C LYS D 242 -9.41 33.58 -30.91
N HIS D 243 -8.26 32.93 -30.99
CA HIS D 243 -7.23 33.04 -29.95
C HIS D 243 -5.87 33.45 -30.50
N GLY D 244 -5.29 32.60 -31.34
CA GLY D 244 -4.09 32.94 -32.08
C GLY D 244 -4.45 33.09 -33.55
N SER D 245 -3.46 32.90 -34.42
CA SER D 245 -3.71 32.83 -35.86
C SER D 245 -4.35 31.49 -36.16
N THR D 246 -3.75 30.44 -35.61
CA THR D 246 -4.21 29.07 -35.79
C THR D 246 -4.74 28.42 -34.49
N ASN D 247 -4.94 29.20 -33.44
CA ASN D 247 -5.37 28.64 -32.16
C ASN D 247 -6.85 28.27 -32.07
N PHE D 248 -7.52 28.20 -33.22
CA PHE D 248 -8.90 27.76 -33.25
C PHE D 248 -9.18 26.96 -34.50
N ILE D 249 -10.40 26.44 -34.60
CA ILE D 249 -10.79 25.68 -35.77
C ILE D 249 -12.02 26.28 -36.41
N PRO D 250 -11.85 26.81 -37.62
CA PRO D 250 -12.96 27.45 -38.32
C PRO D 250 -14.03 26.44 -38.65
N GLU D 251 -15.28 26.76 -38.34
CA GLU D 251 -16.39 25.88 -38.66
C GLU D 251 -16.29 25.38 -40.11
N GLN D 252 -15.88 26.25 -41.04
CA GLN D 252 -15.77 25.88 -42.46
C GLN D 252 -14.92 24.64 -42.73
N PHE D 253 -13.98 24.35 -41.83
CA PHE D 253 -13.03 23.27 -42.05
C PHE D 253 -13.68 21.90 -42.01
N LEU D 254 -14.76 21.79 -41.24
CA LEU D 254 -15.49 20.52 -41.10
C LEU D 254 -16.26 20.11 -42.38
N ASP D 255 -16.08 18.86 -42.80
CA ASP D 255 -16.84 18.28 -43.91
C ASP D 255 -18.31 18.69 -43.89
N ASP D 256 -18.80 19.19 -45.02
CA ASP D 256 -20.18 19.68 -45.09
C ASP D 256 -21.23 18.56 -45.06
N PHE D 257 -20.81 17.31 -45.14
CA PHE D 257 -21.79 16.22 -45.15
C PHE D 257 -22.29 15.94 -43.77
N ILE D 258 -21.68 16.59 -42.79
CA ILE D 258 -22.06 16.38 -41.39
C ILE D 258 -23.39 17.05 -41.18
N ASP D 259 -24.25 16.43 -40.39
CA ASP D 259 -25.56 17.01 -40.14
C ASP D 259 -25.60 17.88 -38.89
N LEU D 260 -25.33 17.29 -37.73
CA LEU D 260 -25.21 18.05 -36.47
C LEU D 260 -23.79 17.94 -35.90
N VAL D 261 -23.25 19.06 -35.43
CA VAL D 261 -21.96 19.08 -34.72
C VAL D 261 -22.13 19.43 -33.22
N ILE D 262 -21.85 18.50 -32.31
CA ILE D 262 -21.75 18.86 -30.89
C ILE D 262 -20.37 19.44 -30.61
N TRP D 263 -20.30 20.73 -30.29
CA TRP D 263 -19.04 21.42 -30.05
C TRP D 263 -18.84 21.64 -28.55
N GLY D 264 -17.82 21.00 -28.00
CA GLY D 264 -17.79 20.75 -26.57
C GLY D 264 -16.68 21.40 -25.77
N HIS D 265 -15.74 22.06 -26.41
CA HIS D 265 -14.64 22.54 -25.59
C HIS D 265 -15.04 23.85 -24.90
N GLU D 266 -15.81 24.66 -25.63
CA GLU D 266 -16.25 25.98 -25.19
C GLU D 266 -17.27 25.87 -24.09
N HIS D 267 -17.03 26.61 -23.01
CA HIS D 267 -17.86 26.51 -21.80
C HIS D 267 -19.17 27.29 -21.87
N GLU D 268 -19.21 28.34 -22.70
CA GLU D 268 -20.44 29.14 -22.80
C GLU D 268 -21.63 28.42 -23.45
N CYS D 269 -22.78 28.42 -22.77
CA CYS D 269 -23.96 27.71 -23.29
C CYS D 269 -24.56 28.32 -24.55
N LYS D 270 -24.52 27.56 -25.63
CA LYS D 270 -25.11 27.91 -26.91
C LYS D 270 -25.76 26.64 -27.45
N ILE D 271 -26.50 25.98 -26.56
CA ILE D 271 -26.91 24.62 -26.79
C ILE D 271 -27.94 24.52 -27.91
N ALA D 272 -28.63 25.61 -28.19
CA ALA D 272 -29.69 25.58 -29.20
C ALA D 272 -29.04 25.58 -30.57
N PRO D 273 -29.28 24.51 -31.34
CA PRO D 273 -28.59 24.30 -32.62
C PRO D 273 -28.75 25.51 -33.52
N THR D 274 -27.67 25.96 -34.17
CA THR D 274 -27.82 27.03 -35.12
C THR D 274 -27.12 26.70 -36.43
N LYS D 275 -27.71 27.06 -37.56
CA LYS D 275 -27.16 26.65 -38.84
C LYS D 275 -25.90 27.45 -39.19
N ASN D 276 -24.90 26.78 -39.76
CA ASN D 276 -23.70 27.45 -40.27
C ASN D 276 -23.94 27.82 -41.71
N GLU D 277 -23.80 29.10 -42.03
CA GLU D 277 -24.26 29.58 -43.34
C GLU D 277 -23.49 29.02 -44.53
N GLN D 278 -22.20 28.75 -44.36
CA GLN D 278 -21.44 28.18 -45.48
C GLN D 278 -21.60 26.65 -45.58
N GLN D 279 -21.59 25.97 -44.46
CA GLN D 279 -21.61 24.51 -44.53
C GLN D 279 -23.03 23.95 -44.48
N LEU D 280 -23.92 24.65 -43.77
CA LEU D 280 -25.33 24.27 -43.63
C LEU D 280 -25.68 23.22 -42.57
N PHE D 281 -24.67 22.60 -41.95
CA PHE D 281 -24.94 21.79 -40.75
C PHE D 281 -25.30 22.65 -39.54
N TYR D 282 -25.95 22.05 -38.55
CA TYR D 282 -26.15 22.77 -37.29
C TYR D 282 -24.98 22.57 -36.33
N ILE D 283 -24.72 23.58 -35.52
CA ILE D 283 -23.76 23.47 -34.46
C ILE D 283 -24.43 23.73 -33.14
N SER D 284 -24.35 22.74 -32.26
CA SER D 284 -24.78 22.90 -30.88
C SER D 284 -23.58 22.92 -29.94
N GLN D 285 -23.54 23.94 -29.11
CA GLN D 285 -22.43 24.15 -28.18
C GLN D 285 -22.99 24.13 -26.79
N PRO D 286 -23.24 22.93 -26.23
CA PRO D 286 -23.81 22.89 -24.88
C PRO D 286 -22.84 23.59 -23.96
N GLY D 287 -23.34 24.16 -22.88
CA GLY D 287 -22.42 24.80 -21.94
C GLY D 287 -21.50 23.80 -21.24
N SER D 288 -20.78 24.26 -20.23
CA SER D 288 -20.24 23.34 -19.24
C SER D 288 -21.31 23.29 -18.17
N SER D 289 -21.19 22.41 -17.19
CA SER D 289 -22.18 22.36 -16.10
C SER D 289 -21.62 22.89 -14.77
N VAL D 290 -20.51 23.64 -14.89
CA VAL D 290 -19.88 24.37 -13.78
C VAL D 290 -19.12 25.56 -14.36
N VAL D 291 -19.04 26.62 -13.57
CA VAL D 291 -18.25 27.76 -13.99
C VAL D 291 -16.80 27.58 -13.50
N THR D 292 -15.85 27.53 -14.42
CA THR D 292 -14.45 27.29 -14.04
C THR D 292 -13.61 28.51 -14.33
N SER D 293 -14.27 29.60 -14.68
CA SER D 293 -13.57 30.82 -15.04
C SER D 293 -14.62 31.94 -15.12
N LEU D 294 -14.35 33.06 -14.48
CA LEU D 294 -15.37 34.10 -14.39
C LEU D 294 -15.30 34.98 -15.64
N SER D 295 -16.01 34.54 -16.67
CA SER D 295 -15.98 35.22 -17.96
C SER D 295 -17.42 35.53 -18.39
N PRO D 296 -17.57 36.45 -19.36
CA PRO D 296 -18.93 36.81 -19.80
C PRO D 296 -19.66 35.53 -20.18
N GLY D 297 -19.01 34.73 -21.04
CA GLY D 297 -19.57 33.51 -21.56
C GLY D 297 -20.09 32.57 -20.48
N GLU D 298 -19.30 32.42 -19.42
CA GLU D 298 -19.61 31.44 -18.40
C GLU D 298 -20.81 31.89 -17.56
N ALA D 299 -21.22 33.14 -17.76
CA ALA D 299 -22.34 33.70 -17.01
C ALA D 299 -23.69 33.29 -17.59
N VAL D 300 -23.70 32.95 -18.89
CA VAL D 300 -24.89 32.46 -19.56
C VAL D 300 -25.43 31.19 -18.90
N LYS D 301 -26.73 31.15 -18.63
CA LYS D 301 -27.34 30.07 -17.87
C LYS D 301 -27.06 28.68 -18.48
N LYS D 302 -26.52 27.79 -17.66
CA LYS D 302 -26.10 26.45 -18.12
C LYS D 302 -27.28 25.57 -18.49
N HIS D 303 -27.11 24.82 -19.59
CA HIS D 303 -28.10 23.83 -20.03
C HIS D 303 -27.48 22.51 -20.47
N VAL D 304 -28.27 21.46 -20.32
CA VAL D 304 -28.08 20.20 -21.01
C VAL D 304 -29.05 20.12 -22.21
N GLY D 305 -28.84 19.19 -23.14
CA GLY D 305 -29.74 19.05 -24.26
C GLY D 305 -30.49 17.71 -24.34
N LEU D 306 -31.71 17.76 -24.85
CA LEU D 306 -32.45 16.55 -25.17
C LEU D 306 -32.60 16.51 -26.68
N LEU D 307 -31.95 15.53 -27.29
CA LEU D 307 -31.80 15.51 -28.74
C LEU D 307 -32.54 14.32 -29.27
N ARG D 308 -33.32 14.54 -30.33
CA ARG D 308 -34.11 13.47 -30.96
C ARG D 308 -33.69 13.34 -32.40
N ILE D 309 -33.41 12.11 -32.82
CA ILE D 309 -33.10 11.91 -34.23
C ILE D 309 -34.01 10.83 -34.73
N LYS D 310 -34.74 11.16 -35.81
CA LYS D 310 -35.57 10.20 -36.54
C LYS D 310 -35.19 10.28 -37.99
N GLY D 311 -35.03 9.12 -38.63
CA GLY D 311 -34.53 9.10 -40.00
C GLY D 311 -33.22 9.83 -40.15
N ARG D 312 -33.27 11.04 -40.74
CA ARG D 312 -32.09 11.89 -40.95
C ARG D 312 -32.41 13.34 -40.58
N LYS D 313 -33.40 13.47 -39.70
CA LYS D 313 -33.81 14.79 -39.21
C LYS D 313 -33.78 14.77 -37.68
N MSE D 314 -33.54 15.92 -37.09
CA MSE D 314 -33.41 15.99 -35.64
C MSE D 314 -34.03 17.24 -35.02
O MSE D 314 -34.40 18.21 -35.70
CB MSE D 314 -31.93 15.91 -35.24
CG MSE D 314 -31.04 17.07 -35.76
SE MSE D 314 -31.12 18.63 -34.57
CE MSE D 314 -29.98 19.85 -35.58
N ASN D 315 -34.12 17.21 -33.71
CA ASN D 315 -34.61 18.34 -32.96
C ASN D 315 -33.97 18.36 -31.57
N MSE D 316 -33.73 19.56 -31.08
CA MSE D 316 -33.00 19.73 -29.84
C MSE D 316 -33.76 20.56 -28.79
O MSE D 316 -33.77 21.79 -28.84
CB MSE D 316 -31.68 20.43 -30.15
CG MSE D 316 -30.88 20.82 -28.92
SE MSE D 316 -29.63 19.45 -28.37
CE MSE D 316 -28.20 19.89 -29.62
N HIS D 317 -34.37 19.90 -27.81
CA HIS D 317 -34.87 20.65 -26.67
C HIS D 317 -33.78 20.94 -25.69
N LYS D 318 -33.77 22.16 -25.13
CA LYS D 318 -32.82 22.48 -24.08
C LYS D 318 -33.47 22.33 -22.69
N ILE D 319 -32.68 21.86 -21.73
CA ILE D 319 -33.16 21.69 -20.36
C ILE D 319 -32.23 22.45 -19.44
N PRO D 320 -32.79 23.30 -18.57
CA PRO D 320 -31.92 24.13 -17.73
C PRO D 320 -31.47 23.31 -16.50
N LEU D 321 -30.23 23.54 -16.09
CA LEU D 321 -29.70 22.85 -14.91
C LEU D 321 -29.93 23.73 -13.68
N HIS D 322 -30.68 23.17 -12.73
CA HIS D 322 -31.12 23.95 -11.58
C HIS D 322 -30.09 23.91 -10.43
N THR D 323 -29.26 22.88 -10.39
CA THR D 323 -28.27 22.73 -9.33
C THR D 323 -26.99 23.52 -9.60
N VAL D 324 -26.93 24.26 -10.69
CA VAL D 324 -25.68 25.00 -10.93
C VAL D 324 -25.54 26.29 -10.10
N ARG D 325 -24.45 26.41 -9.37
CA ARG D 325 -24.18 27.62 -8.62
C ARG D 325 -24.37 28.83 -9.54
N GLN D 326 -25.18 29.79 -9.10
CA GLN D 326 -25.42 31.02 -9.85
C GLN D 326 -24.11 31.75 -10.11
N PHE D 327 -24.06 32.50 -11.19
CA PHE D 327 -22.93 33.38 -11.44
C PHE D 327 -23.45 34.64 -12.11
N PHE D 328 -23.51 35.73 -11.35
CA PHE D 328 -23.92 37.03 -11.88
C PHE D 328 -22.68 37.86 -12.19
N MSE D 329 -22.75 38.63 -13.26
CA MSE D 329 -21.64 39.48 -13.63
C MSE D 329 -22.10 40.73 -14.38
O MSE D 329 -23.01 40.68 -15.23
CB MSE D 329 -20.62 38.70 -14.48
CG MSE D 329 -19.93 39.57 -15.52
SE MSE D 329 -18.17 38.89 -15.97
CE MSE D 329 -17.69 40.09 -17.42
N GLU D 330 -21.46 41.85 -14.04
CA GLU D 330 -21.77 43.13 -14.65
C GLU D 330 -20.51 43.89 -15.01
N ASP D 331 -20.59 44.70 -16.05
CA ASP D 331 -19.47 45.59 -16.39
C ASP D 331 -19.76 47.00 -15.93
N ILE D 332 -18.69 47.73 -15.60
CA ILE D 332 -18.78 49.14 -15.22
C ILE D 332 -17.64 49.95 -15.85
N VAL D 333 -17.98 50.74 -16.85
CA VAL D 333 -17.01 51.62 -17.49
C VAL D 333 -17.10 53.01 -16.83
N LEU D 334 -16.00 53.43 -16.22
CA LEU D 334 -15.97 54.69 -15.49
C LEU D 334 -16.01 55.88 -16.44
N ALA D 335 -15.25 55.79 -17.53
CA ALA D 335 -15.17 56.86 -18.54
C ALA D 335 -16.53 57.20 -19.15
N ASN D 336 -17.51 56.33 -18.95
CA ASN D 336 -18.85 56.51 -19.51
C ASN D 336 -19.72 57.49 -18.74
N HIS D 337 -19.40 57.70 -17.46
CA HIS D 337 -20.19 58.60 -16.61
C HIS D 337 -19.31 59.62 -15.89
N PRO D 338 -19.08 60.78 -16.53
CA PRO D 338 -18.31 61.87 -15.92
C PRO D 338 -19.08 62.60 -14.83
N ASP D 339 -20.42 62.55 -14.88
CA ASP D 339 -21.27 63.25 -13.91
C ASP D 339 -21.17 62.61 -12.53
N ILE D 340 -21.10 61.29 -12.51
CA ILE D 340 -21.05 60.53 -11.27
C ILE D 340 -19.60 60.37 -10.78
N PHE D 341 -18.66 60.24 -11.72
CA PHE D 341 -17.25 60.05 -11.37
C PHE D 341 -16.35 61.10 -12.03
N ASN D 342 -15.54 61.77 -11.20
CA ASN D 342 -14.63 62.81 -11.68
C ASN D 342 -13.17 62.34 -11.69
N PRO D 343 -12.51 62.43 -12.86
CA PRO D 343 -11.12 61.96 -13.04
C PRO D 343 -10.14 62.52 -11.99
N ASP D 344 -10.04 63.84 -11.88
CA ASP D 344 -9.26 64.45 -10.80
C ASP D 344 -10.15 64.82 -9.62
N ASN D 345 -10.04 64.05 -8.55
CA ASN D 345 -10.85 64.24 -7.36
C ASN D 345 -10.39 63.21 -6.33
N PRO D 346 -9.73 63.67 -5.27
CA PRO D 346 -9.15 62.79 -4.25
C PRO D 346 -10.20 61.95 -3.51
N LYS D 347 -11.47 62.34 -3.60
CA LYS D 347 -12.55 61.59 -2.98
C LYS D 347 -13.38 60.80 -4.01
N VAL D 348 -12.86 60.70 -5.24
CA VAL D 348 -13.52 59.95 -6.31
C VAL D 348 -13.28 58.44 -6.17
N THR D 349 -12.09 58.07 -5.69
CA THR D 349 -11.78 56.66 -5.46
C THR D 349 -12.67 56.10 -4.36
N GLN D 350 -13.22 57.01 -3.54
CA GLN D 350 -14.15 56.63 -2.48
C GLN D 350 -15.60 56.66 -2.98
N ALA D 351 -15.88 57.52 -3.95
CA ALA D 351 -17.23 57.63 -4.53
C ALA D 351 -17.54 56.42 -5.41
N ILE D 352 -16.58 56.03 -6.23
CA ILE D 352 -16.67 54.81 -7.03
C ILE D 352 -16.90 53.62 -6.11
N GLN D 353 -15.94 53.39 -5.23
CA GLN D 353 -15.96 52.31 -4.24
C GLN D 353 -17.33 52.15 -3.56
N SER D 354 -18.05 53.26 -3.42
CA SER D 354 -19.35 53.25 -2.75
C SER D 354 -20.46 52.78 -3.68
N PHE D 355 -20.26 52.97 -4.99
CA PHE D 355 -21.24 52.51 -5.97
C PHE D 355 -21.10 51.01 -6.24
N CYS D 356 -19.86 50.53 -6.25
CA CYS D 356 -19.59 49.11 -6.39
C CYS D 356 -20.31 48.31 -5.33
N LEU D 357 -20.22 48.77 -4.08
CA LEU D 357 -20.93 48.13 -2.97
C LEU D 357 -22.44 48.05 -3.22
N GLU D 358 -22.96 49.02 -3.98
CA GLU D 358 -24.38 49.05 -4.30
C GLU D 358 -24.72 48.10 -5.45
N LYS D 359 -23.92 48.14 -6.51
CA LYS D 359 -24.10 47.22 -7.63
C LYS D 359 -24.04 45.80 -7.09
N ILE D 360 -22.97 45.46 -6.39
CA ILE D 360 -22.82 44.14 -5.78
C ILE D 360 -23.97 43.82 -4.82
N GLU D 361 -24.40 44.83 -4.06
CA GLU D 361 -25.48 44.65 -3.10
C GLU D 361 -26.79 44.24 -3.80
N GLU D 362 -27.01 44.81 -4.98
CA GLU D 362 -28.23 44.49 -5.74
C GLU D 362 -28.14 43.14 -6.45
N MSE D 363 -26.97 42.85 -7.03
CA MSE D 363 -26.75 41.56 -7.69
C MSE D 363 -27.04 40.44 -6.70
O MSE D 363 -27.74 39.48 -7.02
CB MSE D 363 -25.31 41.43 -8.19
CG MSE D 363 -24.89 42.46 -9.22
SE MSE D 363 -23.15 42.04 -10.03
CE MSE D 363 -22.57 43.85 -10.44
N LEU D 364 -26.48 40.59 -5.51
CA LEU D 364 -26.67 39.59 -4.45
C LEU D 364 -28.14 39.42 -4.11
N GLU D 365 -28.88 40.51 -4.23
CA GLU D 365 -30.29 40.51 -3.89
C GLU D 365 -31.14 39.85 -5.00
N ASN D 366 -30.88 40.21 -6.26
CA ASN D 366 -31.50 39.54 -7.40
C ASN D 366 -31.27 38.02 -7.37
N ALA D 367 -30.12 37.65 -6.83
CA ALA D 367 -29.77 36.25 -6.63
C ALA D 367 -30.74 35.61 -5.63
N GLU D 368 -30.83 36.21 -4.43
CA GLU D 368 -31.71 35.69 -3.39
C GLU D 368 -33.15 35.60 -3.90
N ARG D 369 -33.44 36.41 -4.91
CA ARG D 369 -34.76 36.47 -5.53
C ARG D 369 -35.02 35.22 -6.35
N GLU D 370 -34.12 34.93 -7.30
CA GLU D 370 -34.27 33.75 -8.15
C GLU D 370 -34.28 32.45 -7.34
N ARG D 371 -33.39 32.38 -6.35
CA ARG D 371 -33.29 31.20 -5.50
C ARG D 371 -34.57 30.95 -4.72
N LEU D 372 -35.58 31.79 -4.94
CA LEU D 372 -36.86 31.64 -4.24
C LEU D 372 -37.62 30.42 -4.76
N GLY D 373 -37.74 30.31 -6.08
CA GLY D 373 -38.41 29.17 -6.70
C GLY D 373 -37.48 27.98 -6.87
N ASN D 374 -36.19 28.23 -6.68
CA ASN D 374 -35.18 27.20 -6.88
C ASN D 374 -34.56 26.70 -5.58
N SER D 375 -35.04 25.55 -5.09
CA SER D 375 -34.53 25.00 -3.84
C SER D 375 -33.25 24.17 -4.07
N HIS D 376 -32.92 23.95 -5.34
CA HIS D 376 -31.81 23.06 -5.70
C HIS D 376 -30.51 23.83 -5.80
N GLN D 377 -30.61 25.11 -6.09
CA GLN D 377 -29.43 25.97 -6.26
C GLN D 377 -28.63 26.16 -4.97
N PRO D 378 -27.30 25.99 -5.05
CA PRO D 378 -26.46 26.29 -3.89
C PRO D 378 -26.62 27.77 -3.48
N GLU D 379 -26.45 28.02 -2.17
CA GLU D 379 -26.78 29.30 -1.56
C GLU D 379 -25.88 30.47 -1.95
N LYS D 380 -24.57 30.25 -2.02
CA LYS D 380 -23.66 31.38 -2.19
C LYS D 380 -23.24 31.61 -3.64
N PRO D 381 -23.85 32.63 -4.29
CA PRO D 381 -23.58 33.04 -5.69
C PRO D 381 -22.12 33.36 -5.95
N LEU D 382 -21.71 33.16 -7.19
CA LEU D 382 -20.44 33.70 -7.63
C LEU D 382 -20.80 35.09 -8.08
N VAL D 383 -19.92 36.05 -7.86
CA VAL D 383 -20.19 37.41 -8.30
C VAL D 383 -18.92 38.06 -8.82
N ARG D 384 -19.03 38.75 -9.95
CA ARG D 384 -17.90 39.53 -10.44
C ARG D 384 -18.31 40.88 -10.97
N LEU D 385 -17.44 41.85 -10.75
CA LEU D 385 -17.62 43.18 -11.29
C LEU D 385 -16.36 43.56 -12.04
N ARG D 386 -16.52 43.85 -13.33
CA ARG D 386 -15.40 44.24 -14.18
C ARG D 386 -15.35 45.77 -14.26
N VAL D 387 -14.18 46.34 -13.93
CA VAL D 387 -14.04 47.81 -13.88
C VAL D 387 -13.01 48.35 -14.87
N ASP D 388 -13.51 49.04 -15.90
CA ASP D 388 -12.64 49.69 -16.89
C ASP D 388 -12.37 51.11 -16.43
N TYR D 389 -11.15 51.36 -15.96
CA TYR D 389 -10.80 52.67 -15.44
C TYR D 389 -10.14 53.61 -16.46
N SER D 390 -10.42 53.38 -17.75
CA SER D 390 -9.89 54.23 -18.81
C SER D 390 -10.23 55.69 -18.57
N GLY D 391 -9.22 56.56 -18.71
CA GLY D 391 -9.39 57.99 -18.48
C GLY D 391 -8.35 58.53 -17.53
N GLY D 392 -8.71 58.57 -16.25
CA GLY D 392 -7.80 59.04 -15.21
C GLY D 392 -8.18 58.52 -13.85
N PHE D 393 -8.48 57.22 -13.79
CA PHE D 393 -8.86 56.59 -12.54
C PHE D 393 -7.77 55.64 -12.04
N GLU D 394 -8.00 55.04 -10.88
CA GLU D 394 -7.03 54.15 -10.26
C GLU D 394 -7.70 53.08 -9.40
N PRO D 395 -7.11 51.87 -9.33
CA PRO D 395 -7.63 50.74 -8.55
C PRO D 395 -7.76 51.00 -7.05
N PHE D 396 -8.15 49.96 -6.32
CA PHE D 396 -8.24 49.99 -4.86
C PHE D 396 -8.20 48.57 -4.31
N SER D 397 -7.96 48.45 -3.00
CA SER D 397 -7.80 47.14 -2.38
C SER D 397 -9.11 46.36 -2.28
N VAL D 398 -9.06 45.10 -2.70
CA VAL D 398 -10.22 44.21 -2.68
C VAL D 398 -10.45 43.66 -1.27
N LEU D 399 -9.50 43.92 -0.38
CA LEU D 399 -9.56 43.41 1.01
C LEU D 399 -10.85 43.78 1.73
N ARG D 400 -11.15 45.07 1.78
CA ARG D 400 -12.38 45.55 2.43
C ARG D 400 -13.60 44.88 1.80
N PHE D 401 -13.55 44.66 0.49
CA PHE D 401 -14.61 43.98 -0.24
C PHE D 401 -14.67 42.50 0.12
N SER D 402 -13.54 41.82 -0.06
CA SER D 402 -13.42 40.42 0.33
C SER D 402 -14.09 40.16 1.68
N GLN D 403 -13.86 41.06 2.62
CA GLN D 403 -14.32 40.86 3.99
C GLN D 403 -15.83 41.06 4.15
N LYS D 404 -16.33 42.18 3.62
CA LYS D 404 -17.73 42.57 3.82
C LYS D 404 -18.72 41.59 3.23
N PHE D 405 -18.24 40.74 2.32
CA PHE D 405 -19.10 39.79 1.62
C PHE D 405 -18.75 38.34 1.93
N VAL D 406 -17.70 38.13 2.72
CA VAL D 406 -17.17 36.79 2.98
C VAL D 406 -18.22 35.65 3.04
N ASP D 407 -19.36 35.90 3.66
CA ASP D 407 -20.34 34.82 3.83
C ASP D 407 -21.58 34.90 2.94
N ARG D 408 -21.58 35.87 2.03
CA ARG D 408 -22.71 36.02 1.10
C ARG D 408 -22.31 35.75 -0.36
N VAL D 409 -21.03 35.48 -0.57
CA VAL D 409 -20.44 35.25 -1.89
C VAL D 409 -19.52 34.01 -1.83
N ALA D 410 -19.40 33.28 -2.93
CA ALA D 410 -18.55 32.08 -2.91
C ALA D 410 -17.15 32.35 -3.46
N ASN D 411 -16.92 33.57 -3.93
CA ASN D 411 -15.60 33.98 -4.39
C ASN D 411 -15.21 35.32 -3.78
N PRO D 412 -15.13 35.36 -2.43
CA PRO D 412 -14.85 36.62 -1.74
C PRO D 412 -13.62 37.32 -2.32
N LYS D 413 -12.57 36.53 -2.58
CA LYS D 413 -11.30 37.06 -3.03
C LYS D 413 -11.38 37.63 -4.45
N ASP D 414 -11.93 36.83 -5.37
CA ASP D 414 -12.13 37.26 -6.75
C ASP D 414 -13.53 37.82 -6.92
N ILE D 415 -13.72 39.07 -6.55
CA ILE D 415 -15.04 39.68 -6.64
C ILE D 415 -15.00 40.90 -7.55
N ILE D 416 -13.81 41.25 -8.02
CA ILE D 416 -13.60 42.48 -8.75
C ILE D 416 -12.38 42.41 -9.66
N HIS D 417 -12.39 43.19 -10.73
CA HIS D 417 -11.34 43.13 -11.74
C HIS D 417 -11.19 44.49 -12.45
N PHE D 418 -9.94 44.87 -12.76
CA PHE D 418 -9.67 46.16 -13.43
C PHE D 418 -8.86 46.00 -14.73
N PHE D 419 -8.97 46.99 -15.62
CA PHE D 419 -8.21 46.96 -16.88
C PHE D 419 -8.28 48.27 -17.68
N ARG D 420 -7.40 48.39 -18.67
CA ARG D 420 -7.36 49.57 -19.55
C ARG D 420 -8.01 49.29 -20.90
MN MN E . -3.74 13.52 30.35
MN MN F . -1.09 12.30 32.04
S1 DTT G . -7.47 -4.79 14.90
C1 DTT G . -9.10 -5.58 15.05
C2 DTT G . -9.56 -5.87 16.49
O2 DTT G . -8.54 -6.54 17.21
C3 DTT G . -10.87 -6.68 16.55
O3 DTT G . -11.60 -6.50 15.35
C4 DTT G . -10.64 -8.17 16.83
S4 DTT G . -11.08 -8.79 18.48
S1 DTT H . 1.26 30.30 26.21
C1 DTT H . 0.28 29.52 24.88
C2 DTT H . -0.94 30.25 24.24
O2 DTT H . -0.61 31.41 23.50
C3 DTT H . -2.10 30.54 25.22
O3 DTT H . -2.49 31.90 25.20
C4 DTT H . -3.29 29.66 24.87
S4 DTT H . -4.77 30.56 24.32
C1 GOL I . -4.54 -6.52 12.50
O1 GOL I . -5.75 -7.17 12.85
C2 GOL I . -4.05 -6.97 11.12
O2 GOL I . -4.79 -8.10 10.67
C3 GOL I . -4.17 -5.82 10.11
O3 GOL I . -3.29 -5.98 9.02
C1 GOL J . -5.41 6.23 35.29
O1 GOL J . -4.29 5.41 35.00
C2 GOL J . -5.25 6.92 36.66
O2 GOL J . -4.94 5.96 37.66
C3 GOL J . -4.12 7.95 36.63
O3 GOL J . -2.92 7.22 36.84
C1 GOL K . -19.00 9.04 15.55
O1 GOL K . -17.89 8.27 15.08
C2 GOL K . -18.52 10.31 16.24
O2 GOL K . -17.14 10.49 15.99
C3 GOL K . -19.26 11.53 15.70
O3 GOL K . -18.31 12.51 15.33
C1 GOL L . 21.01 18.46 37.32
O1 GOL L . 21.12 17.89 38.61
C2 GOL L . 21.27 17.41 36.22
O2 GOL L . 21.21 16.12 36.77
C3 GOL L . 20.22 17.57 35.10
O3 GOL L . 20.52 16.75 33.98
C1 GOL M . -16.66 27.60 13.73
O1 GOL M . -17.62 27.45 12.70
C2 GOL M . -16.50 29.06 14.15
O2 GOL M . -17.58 29.82 13.63
C3 GOL M . -16.45 29.15 15.67
O3 GOL M . -16.23 30.47 16.08
C1 GOL N . 12.87 12.25 0.23
O1 GOL N . 12.93 13.41 -0.58
C2 GOL N . 11.43 11.97 0.62
O2 GOL N . 10.59 12.90 -0.04
C3 GOL N . 11.05 10.50 0.30
O3 GOL N . 9.64 10.27 0.34
MN MN O . 17.49 -20.63 23.80
MN MN P . 17.57 -18.41 26.39
MN MN Q . 5.88 -11.40 -32.99
MN MN R . 6.25 -8.16 -33.80
C1 GOL S . -5.83 -2.35 -11.50
O1 GOL S . -5.77 -1.10 -10.84
C2 GOL S . -4.66 -2.50 -12.50
O2 GOL S . -3.86 -1.33 -12.59
C3 GOL S . -3.80 -3.70 -12.13
O3 GOL S . -2.63 -3.65 -12.90
C1 GOL T . 21.20 7.97 -32.34
O1 GOL T . 21.03 8.55 -31.05
C2 GOL T . 22.22 8.75 -33.15
O2 GOL T . 22.78 7.92 -34.15
C3 GOL T . 21.53 9.93 -33.85
O3 GOL T . 22.50 10.84 -34.32
C1 GOL U . 11.47 -27.66 -31.51
O1 GOL U . 12.54 -28.56 -31.30
C2 GOL U . 11.99 -26.36 -32.14
O2 GOL U . 12.41 -26.66 -33.45
C3 GOL U . 10.95 -25.23 -32.09
O3 GOL U . 11.37 -24.10 -32.87
C1 GOL V . -7.47 1.69 -16.33
O1 GOL V . -6.19 1.48 -15.80
C2 GOL V . -8.29 0.40 -16.25
O2 GOL V . -8.17 -0.27 -17.49
C3 GOL V . -7.74 -0.47 -15.12
O3 GOL V . -6.41 -0.83 -15.47
C1 GOL W . 3.42 -22.40 -41.92
O1 GOL W . 2.46 -23.21 -42.57
C2 GOL W . 2.80 -21.67 -40.73
O2 GOL W . 3.64 -21.69 -39.59
C3 GOL W . 2.40 -20.24 -41.11
O3 GOL W . 3.47 -19.54 -41.74
C1 GOL X . 11.75 -13.25 -36.88
O1 GOL X . 11.48 -14.32 -37.78
C2 GOL X . 10.95 -12.00 -37.25
O2 GOL X . 10.25 -11.48 -36.13
C3 GOL X . 11.85 -10.91 -37.81
O3 GOL X . 11.11 -9.73 -38.09
MN MN Y . -13.75 22.21 -20.18
MN MN Z . -11.98 21.98 -22.72
C1 GOL AA . -4.50 21.74 -21.09
O1 GOL AA . -3.80 20.60 -21.60
C2 GOL AA . -4.35 21.88 -19.57
O2 GOL AA . -4.56 23.23 -19.20
C3 GOL AA . -5.39 20.98 -18.87
O3 GOL AA . -5.11 20.82 -17.49
C1 GOL BA . -17.91 1.60 -42.21
O1 GOL BA . -18.33 0.43 -41.54
C2 GOL BA . -17.18 2.59 -41.28
O2 GOL BA . -16.64 2.00 -40.10
C3 GOL BA . -16.17 3.42 -42.09
O3 GOL BA . -15.20 2.63 -42.72
C1 GOL CA . -25.28 13.06 -4.07
O1 GOL CA . -26.13 14.17 -4.34
C2 GOL CA . -23.83 13.24 -4.54
O2 GOL CA . -23.14 14.27 -3.83
C3 GOL CA . -23.08 11.93 -4.36
O3 GOL CA . -23.80 10.81 -4.84
#